data_5V7Z
#
_entry.id   5V7Z
#
loop_
_entity.id
_entity.type
_entity.pdbx_description
1 polymer PRO-LEU-VAL-ASN-ILE-TYR-ASN-CYS-SER-GLY-VAL-GLN-VAL-GLY-ASP
2 polymer THR-ILE-TYR-ASN-SER-THR-GLY-ILE-GLN-ILE-GLY-ALA-TYR-ASN-TYR-MET-GLU-ILE
#
loop_
_entity_poly.entity_id
_entity_poly.type
_entity_poly.pdbx_seq_one_letter_code
_entity_poly.pdbx_strand_id
1 'polypeptide(L)' PLVNIYNCSGVQVGD A,C,E,G
2 'polypeptide(L)' TIYNSTGIQIGAYNYMEI B,D,F,H
#
# COMPACT_ATOMS: atom_id res chain seq x y z
N PRO A 1 -17.23 -4.03 -12.36
CA PRO A 1 -16.92 -5.05 -11.33
C PRO A 1 -15.89 -6.10 -11.82
N LEU A 2 -14.62 -5.69 -11.97
CA LEU A 2 -13.53 -6.57 -12.43
C LEU A 2 -12.15 -6.18 -11.87
N VAL A 3 -11.11 -6.95 -12.21
CA VAL A 3 -9.70 -6.76 -11.80
C VAL A 3 -9.07 -5.54 -12.50
N ASN A 4 -9.36 -4.34 -11.96
CA ASN A 4 -8.90 -3.02 -12.41
C ASN A 4 -9.03 -1.97 -11.30
N ILE A 5 -8.70 -0.74 -11.65
CA ILE A 5 -8.73 0.46 -10.81
C ILE A 5 -9.68 1.51 -11.40
N TYR A 6 -10.68 1.90 -10.61
CA TYR A 6 -11.71 2.88 -10.96
C TYR A 6 -11.91 3.91 -9.84
N ASN A 7 -12.24 5.15 -10.23
CA ASN A 7 -12.46 6.30 -9.35
C ASN A 7 -11.36 6.43 -8.28
N CYS A 8 -10.10 6.53 -8.74
CA CYS A 8 -8.89 6.60 -7.92
C CYS A 8 -8.26 8.01 -8.00
N SER A 9 -8.53 8.84 -6.98
CA SER A 9 -8.13 10.26 -6.92
C SER A 9 -6.73 10.43 -6.31
N GLY A 10 -5.68 10.42 -7.16
CA GLY A 10 -4.29 10.64 -6.76
C GLY A 10 -3.59 9.36 -6.27
N VAL A 11 -2.46 9.01 -6.89
CA VAL A 11 -1.72 7.74 -6.72
C VAL A 11 -0.23 8.01 -6.60
N GLN A 12 0.40 7.60 -5.49
CA GLN A 12 1.84 7.84 -5.24
C GLN A 12 2.58 6.55 -4.83
N VAL A 13 3.43 6.02 -5.72
CA VAL A 13 4.12 4.74 -5.58
C VAL A 13 5.60 4.94 -5.24
N GLY A 14 5.98 4.66 -4.00
CA GLY A 14 7.35 4.75 -3.44
C GLY A 14 7.57 6.06 -2.67
N ASP A 15 7.68 7.15 -3.42
CA ASP A 15 7.56 8.52 -2.90
C ASP A 15 6.08 8.93 -2.76
N THR B 1 -11.03 -4.64 -8.26
CA THR B 1 -9.81 -4.50 -7.43
C THR B 1 -9.80 -3.21 -6.62
N ILE B 2 -9.60 -2.03 -7.22
CA ILE B 2 -9.73 -0.74 -6.52
C ILE B 2 -10.97 0.00 -7.04
N TYR B 3 -11.91 0.28 -6.16
CA TYR B 3 -13.12 1.07 -6.45
C TYR B 3 -13.32 2.18 -5.40
N ASN B 4 -13.59 3.40 -5.85
CA ASN B 4 -13.79 4.60 -5.01
C ASN B 4 -12.66 4.76 -3.96
N SER B 5 -11.45 4.94 -4.47
CA SER B 5 -10.20 5.17 -3.72
C SER B 5 -9.85 6.66 -3.71
N THR B 6 -9.82 7.27 -2.53
CA THR B 6 -9.54 8.70 -2.37
C THR B 6 -8.14 8.88 -1.78
N GLY B 7 -7.16 9.31 -2.58
CA GLY B 7 -5.78 9.56 -2.13
C GLY B 7 -5.03 8.31 -1.67
N ILE B 8 -4.57 7.49 -2.61
CA ILE B 8 -3.81 6.28 -2.34
C ILE B 8 -2.30 6.49 -2.51
N GLN B 9 -1.54 6.05 -1.51
CA GLN B 9 -0.09 6.15 -1.54
C GLN B 9 0.60 5.12 -0.65
N ILE B 10 1.81 4.77 -1.06
CA ILE B 10 2.53 3.61 -0.55
C ILE B 10 4.03 3.86 -0.56
N GLY B 11 4.62 3.86 0.63
CA GLY B 11 5.98 4.22 0.93
C GLY B 11 6.05 5.40 1.89
N ALA B 12 6.65 6.51 1.44
CA ALA B 12 6.87 7.69 2.27
C ALA B 12 7.07 8.97 1.44
N TYR B 13 6.13 9.92 1.56
CA TYR B 13 6.18 11.26 0.96
C TYR B 13 6.25 12.34 2.04
N ASN B 14 7.44 12.93 2.22
CA ASN B 14 7.69 14.04 3.14
C ASN B 14 8.60 15.10 2.47
N TYR B 15 8.72 16.29 3.06
CA TYR B 15 9.54 17.39 2.55
C TYR B 15 10.69 17.75 3.51
N MET B 16 11.69 18.46 2.99
CA MET B 16 12.86 18.94 3.73
C MET B 16 12.95 20.47 3.70
N GLU B 17 13.55 21.03 4.75
CA GLU B 17 13.71 22.48 4.94
C GLU B 17 15.15 22.90 5.34
N ILE B 18 15.95 21.97 5.89
CA ILE B 18 17.36 22.14 6.27
C ILE B 18 18.14 20.81 6.17
N PRO C 1 18.93 10.69 2.33
CA PRO C 1 18.95 12.01 1.65
C PRO C 1 17.75 12.24 0.70
N LEU C 2 17.55 11.39 -0.31
CA LEU C 2 16.54 11.56 -1.38
C LEU C 2 15.54 10.39 -1.45
N VAL C 3 14.25 10.74 -1.51
CA VAL C 3 13.10 9.83 -1.65
C VAL C 3 13.14 9.03 -2.96
N ASN C 4 13.35 7.71 -2.85
CA ASN C 4 13.45 6.75 -3.95
C ASN C 4 13.04 5.34 -3.52
N ILE C 5 13.24 4.37 -4.40
CA ILE C 5 12.95 2.95 -4.22
C ILE C 5 14.15 2.09 -4.61
N TYR C 6 14.68 1.31 -3.66
CA TYR C 6 15.86 0.46 -3.81
C TYR C 6 15.62 -0.97 -3.29
N ASN C 7 16.26 -1.94 -3.95
CA ASN C 7 16.20 -3.39 -3.66
C ASN C 7 14.74 -3.91 -3.53
N CYS C 8 13.88 -3.48 -4.48
CA CYS C 8 12.46 -3.82 -4.53
C CYS C 8 12.20 -5.04 -5.42
N SER C 9 11.85 -6.18 -4.81
CA SER C 9 11.64 -7.46 -5.49
C SER C 9 10.15 -7.71 -5.79
N GLY C 10 9.67 -7.24 -6.95
CA GLY C 10 8.28 -7.43 -7.42
C GLY C 10 7.30 -6.39 -6.87
N VAL C 11 6.62 -5.67 -7.77
CA VAL C 11 5.75 -4.51 -7.49
C VAL C 11 4.43 -4.65 -8.25
N GLN C 12 3.31 -4.62 -7.53
CA GLN C 12 1.97 -4.77 -8.12
C GLN C 12 1.01 -3.66 -7.66
N VAL C 13 0.86 -2.62 -8.49
CA VAL C 13 0.02 -1.44 -8.23
C VAL C 13 -1.38 -1.64 -8.80
N GLY C 14 -2.37 -1.80 -7.93
CA GLY C 14 -3.76 -2.15 -8.25
C GLY C 14 -3.97 -3.66 -8.18
N ASP C 15 -3.86 -4.33 -9.33
CA ASP C 15 -3.82 -5.79 -9.46
C ASP C 15 -2.47 -6.37 -8.99
N THR D 1 10.56 6.94 0.99
CA THR D 1 11.70 6.07 0.60
C THR D 1 11.42 4.61 0.93
N ILE D 2 11.70 3.72 -0.01
CA ILE D 2 11.63 2.26 0.12
C ILE D 2 13.03 1.65 0.06
N TYR D 3 13.37 0.81 1.03
CA TYR D 3 14.66 0.12 1.08
C TYR D 3 14.47 -1.34 1.53
N ASN D 4 14.96 -2.30 0.74
CA ASN D 4 14.85 -3.75 0.98
C ASN D 4 13.38 -4.19 1.18
N SER D 5 12.57 -3.94 0.16
CA SER D 5 11.14 -4.26 0.02
C SER D 5 10.93 -5.56 -0.77
N THR D 6 10.69 -6.66 -0.05
CA THR D 6 10.52 -7.99 -0.66
C THR D 6 9.04 -8.25 -0.96
N GLY D 7 8.60 -8.16 -2.22
CA GLY D 7 7.23 -8.45 -2.65
C GLY D 7 6.20 -7.42 -2.15
N ILE D 8 6.09 -6.28 -2.85
CA ILE D 8 5.18 -5.19 -2.52
C ILE D 8 3.98 -5.11 -3.46
N GLN D 9 2.79 -5.00 -2.89
CA GLN D 9 1.56 -4.96 -3.68
C GLN D 9 0.38 -4.31 -2.93
N ILE D 10 -0.51 -3.70 -3.71
CA ILE D 10 -1.51 -2.75 -3.19
C ILE D 10 -2.79 -2.74 -4.03
N GLY D 11 -3.88 -3.20 -3.43
CA GLY D 11 -5.18 -3.45 -4.00
C GLY D 11 -5.57 -4.92 -3.76
N ALA D 12 -5.60 -5.72 -4.83
CA ALA D 12 -6.03 -7.12 -4.76
C ALA D 12 -5.61 -7.97 -5.99
N TYR D 13 -4.85 -9.04 -5.75
CA TYR D 13 -4.44 -10.04 -6.74
C TYR D 13 -4.93 -11.45 -6.35
N ASN D 14 -6.08 -11.86 -6.90
CA ASN D 14 -6.62 -13.21 -6.80
C ASN D 14 -6.97 -13.77 -8.19
N TYR D 15 -7.40 -15.03 -8.29
CA TYR D 15 -7.70 -15.71 -9.55
C TYR D 15 -9.04 -16.48 -9.53
N MET D 16 -9.66 -16.58 -10.71
CA MET D 16 -10.96 -17.21 -10.94
C MET D 16 -10.81 -18.53 -11.70
N GLU D 17 -11.66 -19.51 -11.38
CA GLU D 17 -11.63 -20.87 -11.94
C GLU D 17 -12.95 -21.34 -12.60
N ILE D 18 -14.07 -20.66 -12.28
CA ILE D 18 -15.45 -20.80 -12.79
C ILE D 18 -15.88 -22.28 -13.00
N PRO E 1 -15.69 -9.90 -6.80
CA PRO E 1 -15.98 -11.36 -6.73
C PRO E 1 -15.35 -12.05 -5.51
N LEU E 2 -14.02 -11.98 -5.36
CA LEU E 2 -13.25 -12.69 -4.31
C LEU E 2 -12.86 -11.72 -3.18
N VAL E 3 -11.88 -10.84 -3.45
CA VAL E 3 -11.33 -9.84 -2.52
C VAL E 3 -11.01 -8.55 -3.29
N ASN E 4 -11.32 -7.39 -2.70
CA ASN E 4 -11.07 -6.04 -3.25
C ASN E 4 -11.07 -4.98 -2.16
N ILE E 5 -10.94 -3.73 -2.59
CA ILE E 5 -11.02 -2.53 -1.76
C ILE E 5 -12.03 -1.53 -2.37
N TYR E 6 -13.12 -1.31 -1.64
CA TYR E 6 -14.23 -0.43 -2.00
C TYR E 6 -14.46 0.65 -0.94
N ASN E 7 -14.83 1.86 -1.39
CA ASN E 7 -15.17 3.02 -0.58
C ASN E 7 -14.12 3.28 0.51
N CYS E 8 -12.90 3.59 0.07
CA CYS E 8 -11.70 3.71 0.90
C CYS E 8 -11.14 5.14 0.85
N SER E 9 -11.51 5.94 1.84
CA SER E 9 -11.20 7.37 1.96
C SER E 9 -9.86 7.59 2.68
N GLY E 10 -8.77 7.80 1.94
CA GLY E 10 -7.42 8.06 2.44
C GLY E 10 -6.66 6.76 2.75
N VAL E 11 -5.57 6.47 2.02
CA VAL E 11 -4.78 5.24 2.13
C VAL E 11 -3.28 5.55 2.22
N GLN E 12 -2.66 5.36 3.40
CA GLN E 12 -1.25 5.72 3.64
C GLN E 12 -0.41 4.54 4.18
N VAL E 13 0.38 3.92 3.30
CA VAL E 13 1.11 2.67 3.62
C VAL E 13 2.60 2.93 3.90
N GLY E 14 2.99 3.01 5.18
CA GLY E 14 4.38 3.13 5.65
C GLY E 14 4.58 4.37 6.50
N ASP E 15 4.63 5.53 5.85
CA ASP E 15 4.32 6.84 6.44
C ASP E 15 2.81 7.01 6.69
N THR F 1 -10.50 -8.27 2.39
CA THR F 1 -11.53 -7.43 1.73
C THR F 1 -11.75 -6.17 2.55
N ILE F 2 -11.67 -5.00 1.91
CA ILE F 2 -11.95 -3.71 2.55
C ILE F 2 -13.25 -3.13 1.98
N TYR F 3 -14.20 -2.83 2.86
CA TYR F 3 -15.45 -2.13 2.56
C TYR F 3 -15.66 -0.98 3.56
N ASN F 4 -16.24 0.14 3.09
CA ASN F 4 -16.55 1.36 3.86
C ASN F 4 -15.41 1.80 4.83
N SER F 5 -14.19 1.91 4.29
CA SER F 5 -12.98 2.30 5.02
C SER F 5 -12.81 3.83 5.11
N THR F 6 -12.67 4.33 6.33
CA THR F 6 -12.58 5.75 6.69
C THR F 6 -11.24 6.08 7.33
N GLY F 7 -10.27 6.49 6.50
CA GLY F 7 -8.92 6.90 6.91
C GLY F 7 -8.00 5.74 7.28
N ILE F 8 -7.69 4.88 6.32
CA ILE F 8 -6.77 3.75 6.53
C ILE F 8 -5.32 4.16 6.32
N GLN F 9 -4.46 3.66 7.21
CA GLN F 9 -3.03 3.86 7.17
C GLN F 9 -2.34 2.85 8.09
N ILE F 10 -1.03 2.70 7.91
CA ILE F 10 -0.26 1.65 8.57
C ILE F 10 1.23 2.03 8.63
N GLY F 11 1.87 1.85 9.78
CA GLY F 11 3.23 2.31 10.08
C GLY F 11 3.20 3.51 11.03
N ALA F 12 3.69 4.68 10.60
CA ALA F 12 3.57 5.92 11.39
C ALA F 12 3.72 7.20 10.54
N TYR F 13 2.76 8.12 10.67
CA TYR F 13 2.76 9.47 10.11
C TYR F 13 2.78 10.53 11.22
N ASN F 14 3.85 11.35 11.25
CA ASN F 14 3.99 12.50 12.13
C ASN F 14 4.74 13.65 11.40
N TYR F 15 4.85 14.82 12.04
CA TYR F 15 5.59 15.99 11.52
C TYR F 15 6.65 16.47 12.51
N MET F 16 7.68 17.16 11.98
CA MET F 16 8.79 17.72 12.75
C MET F 16 8.78 19.26 12.69
N GLU F 17 9.29 19.89 13.75
CA GLU F 17 9.31 21.36 13.92
C GLU F 17 10.68 21.93 14.38
N ILE F 18 11.62 21.06 14.78
CA ILE F 18 13.00 21.36 15.21
C ILE F 18 14.06 20.64 14.35
N PRO G 1 13.48 11.31 4.00
CA PRO G 1 14.32 12.04 5.00
C PRO G 1 14.31 11.38 6.39
N LEU G 2 13.12 11.26 7.02
CA LEU G 2 12.91 10.70 8.35
C LEU G 2 11.99 9.47 8.24
N VAL G 3 10.70 9.71 7.97
CA VAL G 3 9.69 8.70 7.68
C VAL G 3 10.05 7.89 6.41
N ASN G 4 10.21 6.58 6.54
CA ASN G 4 10.51 5.62 5.46
C ASN G 4 10.10 4.21 5.83
N ILE G 5 10.40 3.27 4.94
CA ILE G 5 10.25 1.84 5.18
C ILE G 5 11.52 1.08 4.80
N TYR G 6 12.09 0.38 5.79
CA TYR G 6 13.32 -0.40 5.71
C TYR G 6 13.10 -1.86 6.17
N ASN G 7 13.76 -2.80 5.50
CA ASN G 7 13.79 -4.24 5.79
C ASN G 7 12.36 -4.78 6.01
N CYS G 8 11.55 -4.72 4.95
CA CYS G 8 10.12 -5.06 4.96
C CYS G 8 9.87 -6.28 4.06
N SER G 9 9.72 -7.45 4.69
CA SER G 9 9.56 -8.76 4.06
C SER G 9 8.08 -9.12 3.85
N GLY G 10 7.54 -8.86 2.65
CA GLY G 10 6.16 -9.16 2.26
C GLY G 10 5.19 -8.04 2.65
N VAL G 11 4.58 -7.36 1.67
CA VAL G 11 3.72 -6.17 1.86
C VAL G 11 2.41 -6.29 1.07
N GLN G 12 1.30 -6.57 1.75
CA GLN G 12 -0.01 -6.85 1.11
C GLN G 12 -1.13 -5.90 1.58
N VAL G 13 -1.45 -4.89 0.77
CA VAL G 13 -2.40 -3.82 1.13
C VAL G 13 -3.78 -4.05 0.50
N GLY G 14 -4.75 -4.55 1.26
CA GLY G 14 -6.16 -4.73 0.89
C GLY G 14 -6.57 -6.21 0.93
N ASP G 15 -6.15 -6.95 -0.10
CA ASP G 15 -6.04 -8.41 -0.09
C ASP G 15 -4.81 -8.88 0.74
N THR H 1 7.22 5.23 8.77
CA THR H 1 8.26 4.76 9.72
C THR H 1 8.08 3.29 10.03
N ILE H 2 8.73 2.43 9.24
CA ILE H 2 8.75 0.97 9.40
C ILE H 2 10.21 0.49 9.37
N TYR H 3 10.61 -0.26 10.38
CA TYR H 3 11.92 -0.92 10.48
C TYR H 3 11.75 -2.39 10.89
N ASN H 4 12.58 -3.27 10.33
CA ASN H 4 12.61 -4.73 10.57
C ASN H 4 11.22 -5.42 10.54
N SER H 5 10.38 -5.03 9.57
CA SER H 5 9.04 -5.57 9.37
C SER H 5 9.03 -6.96 8.72
N THR H 6 8.35 -7.90 9.37
CA THR H 6 8.22 -9.31 8.98
C THR H 6 6.76 -9.68 8.71
N GLY H 7 6.39 -9.73 7.43
CA GLY H 7 5.07 -10.11 6.92
C GLY H 7 3.97 -9.09 7.22
N ILE H 8 4.11 -7.87 6.69
CA ILE H 8 3.09 -6.83 6.84
C ILE H 8 1.97 -6.96 5.81
N GLN H 9 0.74 -6.82 6.30
CA GLN H 9 -0.46 -6.84 5.50
C GLN H 9 -1.63 -6.22 6.27
N ILE H 10 -2.66 -5.83 5.53
CA ILE H 10 -3.77 -5.03 6.06
C ILE H 10 -5.03 -5.19 5.21
N GLY H 11 -6.17 -5.46 5.86
CA GLY H 11 -7.43 -5.84 5.22
C GLY H 11 -7.76 -7.31 5.53
N ALA H 12 -7.83 -8.17 4.51
CA ALA H 12 -7.92 -9.63 4.71
C ALA H 12 -7.52 -10.44 3.46
N TYR H 13 -6.62 -11.40 3.63
CA TYR H 13 -6.20 -12.38 2.62
C TYR H 13 -6.67 -13.80 3.03
N ASN H 14 -7.48 -14.43 2.18
CA ASN H 14 -7.91 -15.83 2.32
C ASN H 14 -8.06 -16.48 0.93
N TYR H 15 -8.35 -17.79 0.89
CA TYR H 15 -8.60 -18.55 -0.35
C TYR H 15 -9.95 -19.26 -0.31
N MET H 16 -10.51 -19.53 -1.50
CA MET H 16 -11.78 -20.24 -1.68
C MET H 16 -11.55 -21.61 -2.33
N GLU H 17 -12.45 -22.55 -2.06
CA GLU H 17 -12.39 -23.93 -2.56
C GLU H 17 -13.72 -24.44 -3.18
N ILE H 18 -14.86 -23.91 -2.72
CA ILE H 18 -16.23 -24.16 -3.23
C ILE H 18 -17.19 -23.00 -2.90
N PRO A 1 -13.60 -8.22 -17.44
CA PRO A 1 -12.93 -7.50 -16.32
C PRO A 1 -12.92 -8.36 -15.04
N LEU A 2 -11.87 -8.22 -14.20
CA LEU A 2 -11.54 -9.17 -13.12
C LEU A 2 -10.87 -8.49 -11.89
N VAL A 3 -9.60 -8.11 -12.00
CA VAL A 3 -8.82 -7.40 -10.96
C VAL A 3 -8.16 -6.15 -11.51
N ASN A 4 -8.92 -5.05 -11.50
CA ASN A 4 -8.61 -3.77 -12.13
C ASN A 4 -8.81 -2.58 -11.15
N ILE A 5 -8.75 -1.35 -11.65
CA ILE A 5 -8.74 -0.10 -10.87
C ILE A 5 -9.71 0.95 -11.46
N TYR A 6 -10.67 1.40 -10.66
CA TYR A 6 -11.72 2.38 -11.02
C TYR A 6 -11.94 3.42 -9.91
N ASN A 7 -12.38 4.62 -10.29
CA ASN A 7 -12.60 5.82 -9.46
C ASN A 7 -11.51 5.98 -8.37
N CYS A 8 -10.28 6.17 -8.84
CA CYS A 8 -9.07 6.24 -8.02
C CYS A 8 -8.35 7.58 -8.23
N SER A 9 -8.18 8.35 -7.14
CA SER A 9 -7.59 9.70 -7.15
C SER A 9 -6.28 9.74 -6.36
N GLY A 10 -5.32 10.57 -6.80
CA GLY A 10 -4.05 10.88 -6.14
C GLY A 10 -3.24 9.64 -5.74
N VAL A 11 -2.58 9.01 -6.72
CA VAL A 11 -1.86 7.71 -6.58
C VAL A 11 -0.34 7.93 -6.52
N GLN A 12 0.31 7.55 -5.41
CA GLN A 12 1.75 7.79 -5.17
C GLN A 12 2.49 6.52 -4.72
N VAL A 13 3.43 6.04 -5.55
CA VAL A 13 4.10 4.74 -5.40
C VAL A 13 5.60 4.92 -5.11
N GLY A 14 5.98 4.79 -3.84
CA GLY A 14 7.35 4.90 -3.31
C GLY A 14 7.60 6.25 -2.62
N ASP A 15 7.52 7.32 -3.42
CA ASP A 15 7.61 8.74 -3.05
C ASP A 15 6.29 9.36 -2.52
N THR B 1 -8.84 -5.78 -7.06
CA THR B 1 -9.68 -4.71 -7.63
C THR B 1 -9.82 -3.55 -6.66
N ILE B 2 -9.71 -2.33 -7.18
CA ILE B 2 -9.86 -1.05 -6.46
C ILE B 2 -11.07 -0.31 -7.00
N TYR B 3 -12.09 -0.09 -6.17
CA TYR B 3 -13.26 0.75 -6.53
C TYR B 3 -13.47 1.84 -5.48
N ASN B 4 -13.58 3.10 -5.93
CA ASN B 4 -13.75 4.30 -5.09
C ASN B 4 -12.64 4.41 -4.02
N SER B 5 -11.44 4.81 -4.46
CA SER B 5 -10.21 4.91 -3.66
C SER B 5 -9.66 6.35 -3.67
N THR B 6 -9.89 7.06 -2.58
CA THR B 6 -9.76 8.54 -2.50
C THR B 6 -8.44 8.96 -1.85
N GLY B 7 -7.37 9.09 -2.63
CA GLY B 7 -6.02 9.43 -2.14
C GLY B 7 -5.31 8.20 -1.60
N ILE B 8 -4.52 7.52 -2.45
CA ILE B 8 -3.85 6.25 -2.16
C ILE B 8 -2.34 6.35 -2.36
N GLN B 9 -1.58 5.94 -1.35
CA GLN B 9 -0.15 6.13 -1.36
C GLN B 9 0.61 5.17 -0.43
N ILE B 10 1.84 4.86 -0.83
CA ILE B 10 2.61 3.75 -0.29
C ILE B 10 4.11 4.03 -0.38
N GLY B 11 4.85 3.74 0.70
CA GLY B 11 6.23 4.16 0.94
C GLY B 11 6.26 5.35 1.91
N ALA B 12 6.80 6.49 1.48
CA ALA B 12 6.57 7.77 2.15
C ALA B 12 6.84 9.01 1.30
N TYR B 13 6.15 10.11 1.60
CA TYR B 13 6.34 11.43 1.01
C TYR B 13 6.79 12.45 2.06
N ASN B 14 7.91 13.13 1.80
CA ASN B 14 8.41 14.27 2.58
C ASN B 14 9.37 15.14 1.74
N TYR B 15 9.75 16.31 2.26
CA TYR B 15 10.70 17.26 1.64
C TYR B 15 11.65 17.82 2.71
N MET B 16 12.96 17.68 2.49
CA MET B 16 14.00 18.14 3.44
C MET B 16 14.86 19.25 2.81
N GLU B 17 14.84 20.43 3.44
CA GLU B 17 15.60 21.61 3.03
C GLU B 17 16.90 21.75 3.86
N ILE B 18 18.04 21.84 3.17
CA ILE B 18 19.40 22.00 3.75
C ILE B 18 19.63 23.44 4.24
N PRO C 1 14.94 16.00 -5.06
CA PRO C 1 14.25 14.77 -4.56
C PRO C 1 15.20 13.88 -3.73
N LEU C 2 14.84 13.64 -2.47
CA LEU C 2 15.54 12.69 -1.57
C LEU C 2 14.77 11.36 -1.43
N VAL C 3 13.43 11.40 -1.44
CA VAL C 3 12.57 10.21 -1.33
C VAL C 3 12.56 9.37 -2.62
N ASN C 4 13.05 8.12 -2.52
CA ASN C 4 13.27 7.17 -3.63
C ASN C 4 12.90 5.73 -3.23
N ILE C 5 13.17 4.78 -4.12
CA ILE C 5 12.85 3.35 -3.99
C ILE C 5 14.07 2.50 -4.41
N TYR C 6 14.61 1.71 -3.47
CA TYR C 6 15.83 0.90 -3.62
C TYR C 6 15.64 -0.53 -3.07
N ASN C 7 16.30 -1.50 -3.71
CA ASN C 7 16.20 -2.94 -3.41
C ASN C 7 14.73 -3.37 -3.17
N CYS C 8 13.86 -3.02 -4.12
CA CYS C 8 12.42 -3.29 -4.10
C CYS C 8 12.08 -4.33 -5.19
N SER C 9 11.60 -5.50 -4.77
CA SER C 9 11.26 -6.64 -5.63
C SER C 9 9.75 -6.87 -5.71
N GLY C 10 9.26 -7.36 -6.86
CA GLY C 10 7.88 -7.80 -7.11
C GLY C 10 6.81 -6.78 -6.73
N VAL C 11 6.63 -5.75 -7.57
CA VAL C 11 5.79 -4.56 -7.32
C VAL C 11 4.46 -4.65 -8.10
N GLN C 12 3.33 -4.64 -7.40
CA GLN C 12 1.98 -4.79 -7.99
C GLN C 12 0.99 -3.72 -7.49
N VAL C 13 0.61 -2.79 -8.38
CA VAL C 13 -0.22 -1.62 -8.07
C VAL C 13 -1.65 -1.80 -8.60
N GLY C 14 -2.58 -2.11 -7.71
CA GLY C 14 -4.00 -2.35 -7.97
C GLY C 14 -4.33 -3.84 -8.17
N ASP C 15 -3.89 -4.37 -9.32
CA ASP C 15 -4.01 -5.78 -9.75
C ASP C 15 -3.08 -6.77 -9.00
N THR D 1 10.44 7.20 1.17
CA THR D 1 11.52 6.29 0.74
C THR D 1 11.20 4.85 1.09
N ILE D 2 11.42 3.95 0.14
CA ILE D 2 11.36 2.49 0.28
C ILE D 2 12.74 1.89 0.12
N TYR D 3 13.33 1.32 1.17
CA TYR D 3 14.59 0.55 1.08
C TYR D 3 14.38 -0.90 1.55
N ASN D 4 14.98 -1.86 0.84
CA ASN D 4 14.90 -3.30 1.12
C ASN D 4 13.45 -3.77 1.35
N SER D 5 12.68 -3.85 0.25
CA SER D 5 11.25 -4.14 0.21
C SER D 5 10.99 -5.39 -0.62
N THR D 6 10.68 -6.50 0.06
CA THR D 6 10.69 -7.86 -0.53
C THR D 6 9.28 -8.35 -0.84
N GLY D 7 8.77 -8.05 -2.05
CA GLY D 7 7.42 -8.40 -2.49
C GLY D 7 6.39 -7.40 -1.95
N ILE D 8 6.08 -6.36 -2.74
CA ILE D 8 5.18 -5.26 -2.36
C ILE D 8 3.99 -5.13 -3.29
N GLN D 9 2.80 -5.10 -2.70
CA GLN D 9 1.56 -5.09 -3.46
C GLN D 9 0.39 -4.49 -2.69
N ILE D 10 -0.46 -3.81 -3.45
CA ILE D 10 -1.42 -2.86 -2.91
C ILE D 10 -2.69 -2.87 -3.75
N GLY D 11 -3.76 -3.39 -3.17
CA GLY D 11 -5.05 -3.65 -3.79
C GLY D 11 -5.50 -5.08 -3.56
N ALA D 12 -5.60 -5.84 -4.66
CA ALA D 12 -5.94 -7.26 -4.59
C ALA D 12 -5.56 -8.03 -5.87
N TYR D 13 -4.78 -9.11 -5.74
CA TYR D 13 -4.46 -10.05 -6.83
C TYR D 13 -5.22 -11.38 -6.63
N ASN D 14 -6.06 -11.74 -7.61
CA ASN D 14 -6.75 -13.03 -7.69
C ASN D 14 -7.27 -13.28 -9.13
N TYR D 15 -8.05 -14.34 -9.36
CA TYR D 15 -8.63 -14.70 -10.66
C TYR D 15 -9.93 -15.51 -10.52
N MET D 16 -10.74 -15.52 -11.59
CA MET D 16 -12.04 -16.21 -11.61
C MET D 16 -12.33 -16.85 -12.97
N GLU D 17 -12.07 -18.16 -13.07
CA GLU D 17 -12.44 -18.98 -14.23
C GLU D 17 -13.96 -19.23 -14.27
N ILE D 18 -14.56 -19.13 -15.47
CA ILE D 18 -15.99 -19.37 -15.76
C ILE D 18 -16.46 -20.80 -15.48
N PRO E 1 -18.30 -11.16 -3.79
CA PRO E 1 -17.28 -11.03 -4.87
C PRO E 1 -15.93 -11.64 -4.42
N LEU E 2 -14.88 -11.54 -5.26
CA LEU E 2 -13.51 -11.85 -4.84
C LEU E 2 -13.01 -10.87 -3.74
N VAL E 3 -11.89 -11.23 -3.12
CA VAL E 3 -11.14 -10.42 -2.13
C VAL E 3 -10.66 -9.12 -2.79
N ASN E 4 -11.22 -7.96 -2.40
CA ASN E 4 -11.00 -6.63 -3.03
C ASN E 4 -11.07 -5.48 -2.02
N ILE E 5 -10.96 -4.24 -2.53
CA ILE E 5 -11.02 -3.01 -1.74
C ILE E 5 -12.00 -1.99 -2.35
N TYR E 6 -13.11 -1.75 -1.64
CA TYR E 6 -14.21 -0.86 -2.03
C TYR E 6 -14.46 0.25 -1.00
N ASN E 7 -14.86 1.43 -1.49
CA ASN E 7 -15.18 2.64 -0.73
C ASN E 7 -14.15 2.91 0.38
N CYS E 8 -12.94 3.29 -0.06
CA CYS E 8 -11.73 3.36 0.75
C CYS E 8 -11.07 4.76 0.63
N SER E 9 -11.25 5.60 1.65
CA SER E 9 -10.76 6.99 1.65
C SER E 9 -9.49 7.15 2.49
N GLY E 10 -8.49 7.88 1.95
CA GLY E 10 -7.24 8.25 2.60
C GLY E 10 -6.39 7.05 3.02
N VAL E 11 -5.66 6.44 2.07
CA VAL E 11 -4.89 5.19 2.22
C VAL E 11 -3.39 5.46 2.31
N GLN E 12 -2.77 5.23 3.48
CA GLN E 12 -1.36 5.60 3.74
C GLN E 12 -0.52 4.44 4.30
N VAL E 13 0.44 3.95 3.52
CA VAL E 13 1.19 2.70 3.80
C VAL E 13 2.68 2.95 4.06
N GLY E 14 3.09 2.97 5.33
CA GLY E 14 4.46 3.19 5.83
C GLY E 14 4.57 4.50 6.61
N ASP E 15 4.57 5.60 5.86
CA ASP E 15 4.15 6.93 6.36
C ASP E 15 2.63 7.04 6.70
N THR F 1 -10.42 -8.60 2.46
CA THR F 1 -11.45 -7.77 1.79
C THR F 1 -11.71 -6.53 2.62
N ILE F 2 -11.70 -5.35 1.99
CA ILE F 2 -12.00 -4.05 2.60
C ILE F 2 -13.30 -3.50 2.02
N TYR F 3 -14.20 -3.05 2.89
CA TYR F 3 -15.43 -2.34 2.57
C TYR F 3 -15.65 -1.16 3.54
N ASN F 4 -16.22 -0.06 3.03
CA ASN F 4 -16.54 1.19 3.75
C ASN F 4 -15.43 1.66 4.73
N SER F 5 -14.20 1.71 4.23
CA SER F 5 -12.98 2.07 4.96
C SER F 5 -12.74 3.59 4.99
N THR F 6 -12.87 4.19 6.17
CA THR F 6 -12.80 5.65 6.41
C THR F 6 -11.50 6.05 7.12
N GLY F 7 -10.44 6.34 6.35
CA GLY F 7 -9.15 6.83 6.86
C GLY F 7 -8.23 5.70 7.33
N ILE F 8 -7.80 4.85 6.40
CA ILE F 8 -6.96 3.67 6.65
C ILE F 8 -5.46 3.96 6.44
N GLN F 9 -4.67 3.57 7.42
CA GLN F 9 -3.23 3.73 7.34
C GLN F 9 -2.49 2.77 8.28
N ILE F 10 -1.18 2.65 8.08
CA ILE F 10 -0.35 1.65 8.74
C ILE F 10 1.12 2.09 8.76
N GLY F 11 1.77 1.97 9.93
CA GLY F 11 3.10 2.50 10.22
C GLY F 11 3.00 3.69 11.17
N ALA F 12 3.45 4.88 10.76
CA ALA F 12 3.22 6.13 11.51
C ALA F 12 3.41 7.40 10.66
N TYR F 13 2.73 8.50 11.03
CA TYR F 13 2.78 9.79 10.33
C TYR F 13 3.19 10.94 11.29
N ASN F 14 4.21 11.71 10.90
CA ASN F 14 4.66 12.93 11.60
C ASN F 14 5.48 13.86 10.67
N TYR F 15 5.88 15.03 11.18
CA TYR F 15 6.74 16.01 10.51
C TYR F 15 7.68 16.68 11.54
N MET F 16 8.99 16.43 11.43
CA MET F 16 10.00 16.92 12.37
C MET F 16 10.84 18.07 11.80
N GLU F 17 10.51 19.29 12.20
CA GLU F 17 11.26 20.51 11.85
C GLU F 17 12.54 20.66 12.69
N ILE F 18 13.60 21.23 12.09
CA ILE F 18 14.93 21.49 12.71
C ILE F 18 15.58 22.78 12.15
N PRO G 1 14.24 11.91 4.38
CA PRO G 1 14.81 12.18 5.72
C PRO G 1 14.49 11.09 6.77
N LEU G 2 13.35 11.17 7.46
CA LEU G 2 13.02 10.39 8.67
C LEU G 2 11.94 9.33 8.43
N VAL G 3 10.69 9.77 8.23
CA VAL G 3 9.49 8.92 8.11
C VAL G 3 9.51 8.12 6.80
N ASN G 4 9.93 6.86 6.85
CA ASN G 4 10.18 5.96 5.71
C ASN G 4 9.90 4.50 6.06
N ILE G 5 10.19 3.59 5.12
CA ILE G 5 10.06 2.14 5.30
C ILE G 5 11.34 1.40 4.89
N TYR G 6 11.98 0.77 5.87
CA TYR G 6 13.23 0.02 5.74
C TYR G 6 13.07 -1.43 6.23
N ASN G 7 13.76 -2.36 5.56
CA ASN G 7 13.77 -3.80 5.85
C ASN G 7 12.35 -4.33 6.09
N CYS G 8 11.54 -4.36 5.03
CA CYS G 8 10.11 -4.64 5.05
C CYS G 8 9.78 -5.78 4.06
N SER G 9 9.56 -6.99 4.58
CA SER G 9 9.27 -8.20 3.80
C SER G 9 7.77 -8.49 3.72
N GLY G 10 7.30 -8.92 2.54
CA GLY G 10 5.94 -9.41 2.26
C GLY G 10 4.83 -8.43 2.61
N VAL G 11 4.63 -7.41 1.77
CA VAL G 11 3.78 -6.23 2.01
C VAL G 11 2.46 -6.32 1.24
N GLN G 12 1.33 -6.51 1.93
CA GLN G 12 0.02 -6.79 1.31
C GLN G 12 -1.10 -5.87 1.83
N VAL G 13 -1.57 -4.93 0.98
CA VAL G 13 -2.52 -3.88 1.37
C VAL G 13 -3.92 -4.11 0.77
N GLY G 14 -4.90 -4.53 1.58
CA GLY G 14 -6.29 -4.81 1.19
C GLY G 14 -6.59 -6.32 1.25
N ASP G 15 -6.12 -7.02 0.23
CA ASP G 15 -5.88 -8.48 0.28
C ASP G 15 -4.65 -8.90 1.13
N THR H 1 6.63 5.62 9.97
CA THR H 1 7.97 5.02 9.96
C THR H 1 7.88 3.54 10.24
N ILE H 2 8.54 2.71 9.43
CA ILE H 2 8.63 1.25 9.57
C ILE H 2 10.10 0.82 9.48
N TYR H 3 10.53 0.00 10.44
CA TYR H 3 11.85 -0.64 10.50
C TYR H 3 11.71 -2.11 10.94
N ASN H 4 12.54 -2.99 10.35
CA ASN H 4 12.58 -4.44 10.60
C ASN H 4 11.20 -5.13 10.60
N SER H 5 10.37 -4.80 9.62
CA SER H 5 9.03 -5.37 9.37
C SER H 5 9.09 -6.73 8.68
N THR H 6 8.54 -7.76 9.33
CA THR H 6 8.56 -9.15 8.86
C THR H 6 7.14 -9.66 8.63
N GLY H 7 6.63 -9.52 7.40
CA GLY H 7 5.33 -10.01 6.95
C GLY H 7 4.16 -9.09 7.30
N ILE H 8 4.22 -7.85 6.81
CA ILE H 8 3.18 -6.82 7.03
C ILE H 8 2.01 -6.91 6.05
N GLN H 9 0.81 -6.92 6.59
CA GLN H 9 -0.40 -6.88 5.79
C GLN H 9 -1.58 -6.31 6.55
N ILE H 10 -2.62 -5.91 5.82
CA ILE H 10 -3.72 -5.12 6.35
C ILE H 10 -5.01 -5.33 5.55
N GLY H 11 -6.02 -5.92 6.20
CA GLY H 11 -7.30 -6.33 5.62
C GLY H 11 -7.53 -7.82 5.85
N ALA H 12 -7.68 -8.61 4.78
CA ALA H 12 -7.71 -10.08 4.90
C ALA H 12 -7.35 -10.80 3.59
N TYR H 13 -6.75 -11.99 3.70
CA TYR H 13 -6.32 -12.83 2.58
C TYR H 13 -7.00 -14.21 2.61
N ASN H 14 -7.63 -14.61 1.50
CA ASN H 14 -8.24 -15.93 1.31
C ASN H 14 -8.40 -16.28 -0.19
N TYR H 15 -8.84 -17.51 -0.48
CA TYR H 15 -9.14 -18.03 -1.81
C TYR H 15 -10.38 -18.95 -1.75
N MET H 16 -11.47 -18.58 -2.43
CA MET H 16 -12.75 -19.30 -2.37
C MET H 16 -13.07 -20.03 -3.69
N GLU H 17 -12.89 -21.36 -3.68
CA GLU H 17 -13.16 -22.25 -4.81
C GLU H 17 -14.64 -22.66 -4.86
N ILE H 18 -15.30 -22.43 -6.01
CA ILE H 18 -16.68 -22.85 -6.32
C ILE H 18 -16.74 -24.33 -6.69
N PRO A 1 -8.93 -12.13 -16.31
CA PRO A 1 -8.96 -11.83 -14.86
C PRO A 1 -9.77 -10.56 -14.56
N LEU A 2 -10.77 -10.64 -13.66
CA LEU A 2 -11.58 -9.48 -13.22
C LEU A 2 -10.78 -8.62 -12.22
N VAL A 3 -9.85 -7.81 -12.72
CA VAL A 3 -8.96 -6.93 -11.95
C VAL A 3 -8.83 -5.54 -12.59
N ASN A 4 -9.57 -4.57 -12.04
CA ASN A 4 -9.63 -3.17 -12.51
C ASN A 4 -9.74 -2.16 -11.35
N ILE A 5 -9.49 -0.89 -11.68
CA ILE A 5 -9.34 0.25 -10.77
C ILE A 5 -10.18 1.45 -11.21
N TYR A 6 -11.09 1.90 -10.33
CA TYR A 6 -12.07 2.96 -10.56
C TYR A 6 -12.13 3.96 -9.40
N ASN A 7 -12.42 5.22 -9.72
CA ASN A 7 -12.44 6.38 -8.81
C ASN A 7 -11.24 6.36 -7.83
N CYS A 8 -10.04 6.28 -8.41
CA CYS A 8 -8.76 6.15 -7.72
C CYS A 8 -8.00 7.49 -7.79
N SER A 9 -8.09 8.29 -6.72
CA SER A 9 -7.51 9.64 -6.66
C SER A 9 -6.12 9.67 -6.00
N GLY A 10 -5.29 10.66 -6.36
CA GLY A 10 -4.00 10.99 -5.75
C GLY A 10 -3.05 9.81 -5.51
N VAL A 11 -2.75 9.04 -6.56
CA VAL A 11 -2.00 7.77 -6.50
C VAL A 11 -0.49 8.01 -6.44
N GLN A 12 0.19 7.51 -5.40
CA GLN A 12 1.65 7.70 -5.25
C GLN A 12 2.37 6.45 -4.68
N VAL A 13 3.48 6.06 -5.32
CA VAL A 13 4.17 4.78 -5.09
C VAL A 13 5.67 5.00 -4.83
N GLY A 14 6.15 4.53 -3.67
CA GLY A 14 7.51 4.70 -3.15
C GLY A 14 7.68 6.02 -2.41
N ASP A 15 7.64 7.13 -3.17
CA ASP A 15 7.43 8.50 -2.69
C ASP A 15 5.97 8.71 -2.23
N THR B 1 -12.00 -4.39 -8.98
CA THR B 1 -11.28 -4.58 -7.69
C THR B 1 -11.29 -3.33 -6.82
N ILE B 2 -10.67 -2.25 -7.26
CA ILE B 2 -10.50 -1.01 -6.51
C ILE B 2 -11.63 -0.07 -6.89
N TYR B 3 -12.49 0.26 -5.93
CA TYR B 3 -13.68 1.05 -6.14
C TYR B 3 -13.80 2.13 -5.05
N ASN B 4 -13.79 3.40 -5.46
CA ASN B 4 -13.76 4.57 -4.57
C ASN B 4 -12.54 4.50 -3.61
N SER B 5 -11.35 4.68 -4.20
CA SER B 5 -10.04 4.70 -3.53
C SER B 5 -9.54 6.14 -3.43
N THR B 6 -9.88 6.82 -2.33
CA THR B 6 -9.83 8.29 -2.25
C THR B 6 -8.53 8.77 -1.62
N GLY B 7 -7.48 8.93 -2.43
CA GLY B 7 -6.12 9.27 -1.97
C GLY B 7 -5.39 8.02 -1.51
N ILE B 8 -4.67 7.37 -2.42
CA ILE B 8 -3.95 6.10 -2.21
C ILE B 8 -2.44 6.29 -2.32
N GLN B 9 -1.72 5.84 -1.29
CA GLN B 9 -0.28 5.99 -1.26
C GLN B 9 0.41 4.87 -0.46
N ILE B 10 1.56 4.43 -0.99
CA ILE B 10 2.29 3.23 -0.55
C ILE B 10 3.80 3.52 -0.51
N GLY B 11 4.35 3.72 0.68
CA GLY B 11 5.73 4.14 0.92
C GLY B 11 5.82 5.29 1.93
N ALA B 12 6.62 6.31 1.62
CA ALA B 12 6.77 7.47 2.48
C ALA B 12 7.32 8.71 1.73
N TYR B 13 6.44 9.69 1.47
CA TYR B 13 6.85 10.93 0.82
C TYR B 13 7.60 11.85 1.79
N ASN B 14 8.62 12.55 1.27
CA ASN B 14 9.29 13.65 1.96
C ASN B 14 9.84 14.68 0.96
N TYR B 15 10.32 15.80 1.49
CA TYR B 15 11.06 16.85 0.79
C TYR B 15 12.11 17.47 1.73
N MET B 16 13.07 18.18 1.16
CA MET B 16 14.18 18.83 1.87
C MET B 16 14.47 20.19 1.23
N GLU B 17 14.07 21.26 1.91
CA GLU B 17 14.26 22.65 1.48
C GLU B 17 14.53 23.60 2.67
N ILE B 18 14.87 24.86 2.37
CA ILE B 18 15.22 25.93 3.32
C ILE B 18 14.48 27.22 2.94
N PRO C 1 19.68 13.42 -2.53
CA PRO C 1 18.68 12.49 -3.12
C PRO C 1 18.41 11.26 -2.20
N LEU C 2 17.47 11.40 -1.24
CA LEU C 2 17.05 10.32 -0.33
C LEU C 2 15.70 9.70 -0.70
N VAL C 3 14.85 10.39 -1.47
CA VAL C 3 13.46 9.97 -1.76
C VAL C 3 13.42 9.05 -2.98
N ASN C 4 14.03 7.86 -2.83
CA ASN C 4 14.14 6.79 -3.82
C ASN C 4 13.75 5.41 -3.25
N ILE C 5 13.83 4.39 -4.11
CA ILE C 5 13.35 3.03 -3.90
C ILE C 5 14.42 1.99 -4.26
N TYR C 6 14.89 1.23 -3.27
CA TYR C 6 15.98 0.24 -3.37
C TYR C 6 15.56 -1.13 -2.85
N ASN C 7 16.14 -2.19 -3.46
CA ASN C 7 15.86 -3.61 -3.23
C ASN C 7 14.34 -3.87 -3.09
N CYS C 8 13.60 -3.48 -4.12
CA CYS C 8 12.15 -3.51 -4.19
C CYS C 8 11.68 -4.62 -5.15
N SER C 9 11.24 -5.75 -4.60
CA SER C 9 10.86 -6.95 -5.37
C SER C 9 9.35 -7.08 -5.54
N GLY C 10 8.91 -7.77 -6.61
CA GLY C 10 7.53 -8.15 -6.90
C GLY C 10 6.47 -7.05 -6.71
N VAL C 11 6.64 -5.92 -7.40
CA VAL C 11 5.84 -4.69 -7.24
C VAL C 11 4.53 -4.77 -8.03
N GLN C 12 3.38 -4.64 -7.34
CA GLN C 12 2.06 -4.71 -7.99
C GLN C 12 1.04 -3.72 -7.40
N VAL C 13 0.51 -2.84 -8.25
CA VAL C 13 -0.33 -1.68 -7.88
C VAL C 13 -1.73 -1.81 -8.46
N GLY C 14 -2.74 -1.84 -7.58
CA GLY C 14 -4.15 -2.08 -7.88
C GLY C 14 -4.47 -3.58 -7.86
N ASP C 15 -4.11 -4.27 -8.94
CA ASP C 15 -4.06 -5.74 -9.06
C ASP C 15 -2.94 -6.32 -8.18
N THR D 1 14.21 6.19 0.59
CA THR D 1 13.04 6.11 1.50
C THR D 1 12.52 4.68 1.59
N ILE D 2 12.31 3.98 0.47
CA ILE D 2 12.05 2.54 0.48
C ILE D 2 13.38 1.78 0.43
N TYR D 3 13.64 0.93 1.43
CA TYR D 3 14.83 0.09 1.51
C TYR D 3 14.48 -1.34 1.93
N ASN D 4 14.95 -2.34 1.19
CA ASN D 4 14.66 -3.76 1.40
C ASN D 4 13.14 -4.02 1.53
N SER D 5 12.41 -3.73 0.44
CA SER D 5 10.96 -3.90 0.29
C SER D 5 10.67 -5.21 -0.46
N THR D 6 10.59 -6.32 0.27
CA THR D 6 10.63 -7.68 -0.30
C THR D 6 9.22 -8.20 -0.62
N GLY D 7 8.72 -7.90 -1.82
CA GLY D 7 7.36 -8.26 -2.25
C GLY D 7 6.35 -7.23 -1.79
N ILE D 8 6.05 -6.23 -2.62
CA ILE D 8 5.21 -5.07 -2.30
C ILE D 8 3.96 -5.01 -3.18
N GLN D 9 2.79 -4.96 -2.54
CA GLN D 9 1.53 -5.00 -3.25
C GLN D 9 0.39 -4.28 -2.53
N ILE D 10 -0.39 -3.52 -3.31
CA ILE D 10 -1.37 -2.54 -2.83
C ILE D 10 -2.69 -2.65 -3.61
N GLY D 11 -3.72 -3.20 -2.97
CA GLY D 11 -5.04 -3.50 -3.54
C GLY D 11 -5.43 -4.97 -3.34
N ALA D 12 -5.65 -5.70 -4.43
CA ALA D 12 -5.99 -7.13 -4.39
C ALA D 12 -5.85 -7.82 -5.78
N TYR D 13 -4.98 -8.82 -5.88
CA TYR D 13 -4.83 -9.60 -7.13
C TYR D 13 -5.79 -10.79 -7.17
N ASN D 14 -6.36 -11.07 -8.34
CA ASN D 14 -7.25 -12.21 -8.60
C ASN D 14 -7.27 -12.65 -10.06
N TYR D 15 -7.96 -13.78 -10.29
CA TYR D 15 -8.26 -14.34 -11.59
C TYR D 15 -9.55 -15.18 -11.57
N MET D 16 -10.01 -15.56 -12.76
CA MET D 16 -11.23 -16.34 -13.02
C MET D 16 -10.97 -17.25 -14.23
N GLU D 17 -10.81 -18.55 -13.97
CA GLU D 17 -10.58 -19.59 -14.98
C GLU D 17 -11.28 -20.92 -14.64
N ILE D 18 -11.12 -21.94 -15.49
CA ILE D 18 -11.74 -23.28 -15.39
C ILE D 18 -10.71 -24.42 -15.32
N PRO E 1 -17.30 -14.65 -3.11
CA PRO E 1 -16.66 -13.55 -3.87
C PRO E 1 -15.14 -13.76 -3.98
N LEU E 2 -14.43 -12.79 -4.58
CA LEU E 2 -12.96 -12.68 -4.55
C LEU E 2 -12.52 -11.48 -3.67
N VAL E 3 -11.21 -11.35 -3.41
CA VAL E 3 -10.63 -10.25 -2.62
C VAL E 3 -10.64 -8.92 -3.40
N ASN E 4 -11.21 -7.87 -2.80
CA ASN E 4 -11.49 -6.55 -3.40
C ASN E 4 -11.44 -5.45 -2.33
N ILE E 5 -11.48 -4.19 -2.79
CA ILE E 5 -11.36 -3.01 -1.94
C ILE E 5 -12.32 -1.89 -2.36
N TYR E 6 -13.48 -1.86 -1.69
CA TYR E 6 -14.57 -0.90 -1.91
C TYR E 6 -14.64 0.16 -0.80
N ASN E 7 -14.99 1.39 -1.17
CA ASN E 7 -15.16 2.56 -0.31
C ASN E 7 -13.99 2.73 0.68
N CYS E 8 -12.80 2.88 0.10
CA CYS E 8 -11.51 2.89 0.78
C CYS E 8 -10.91 4.31 0.75
N SER E 9 -11.22 5.11 1.76
CA SER E 9 -10.83 6.52 1.85
C SER E 9 -9.50 6.72 2.60
N GLY E 10 -8.69 7.69 2.17
CA GLY E 10 -7.48 8.19 2.80
C GLY E 10 -6.44 7.11 3.12
N VAL E 11 -6.04 6.32 2.11
CA VAL E 11 -5.21 5.11 2.22
C VAL E 11 -3.72 5.42 2.27
N GLN E 12 -3.07 5.17 3.43
CA GLN E 12 -1.66 5.52 3.61
C GLN E 12 -0.82 4.41 4.27
N VAL E 13 0.17 3.88 3.54
CA VAL E 13 0.92 2.68 3.93
C VAL E 13 2.41 3.00 4.14
N GLY E 14 2.90 2.87 5.37
CA GLY E 14 4.25 3.23 5.82
C GLY E 14 4.16 4.53 6.61
N ASP E 15 4.44 5.65 5.94
CA ASP E 15 4.07 7.00 6.40
C ASP E 15 2.54 7.10 6.62
N THR F 1 -13.63 -8.47 0.32
CA THR F 1 -12.88 -8.46 1.61
C THR F 1 -12.90 -7.10 2.29
N ILE F 2 -12.33 -6.03 1.72
CA ILE F 2 -12.46 -4.67 2.29
C ILE F 2 -13.73 -3.99 1.77
N TYR F 3 -14.61 -3.64 2.70
CA TYR F 3 -15.77 -2.77 2.53
C TYR F 3 -15.75 -1.66 3.59
N ASN F 4 -16.22 -0.46 3.21
CA ASN F 4 -16.35 0.72 4.08
C ASN F 4 -15.09 1.06 4.91
N SER F 5 -13.91 1.02 4.30
CA SER F 5 -12.62 1.47 4.89
C SER F 5 -12.54 3.00 4.96
N THR F 6 -13.18 3.59 5.96
CA THR F 6 -13.16 5.03 6.29
C THR F 6 -11.87 5.45 7.01
N GLY F 7 -10.85 5.85 6.25
CA GLY F 7 -9.60 6.42 6.77
C GLY F 7 -8.59 5.36 7.21
N ILE F 8 -8.15 4.50 6.28
CA ILE F 8 -7.23 3.39 6.54
C ILE F 8 -5.75 3.81 6.40
N GLN F 9 -4.95 3.44 7.39
CA GLN F 9 -3.52 3.72 7.39
C GLN F 9 -2.80 2.67 8.25
N ILE F 10 -1.52 2.44 7.97
CA ILE F 10 -0.69 1.44 8.65
C ILE F 10 0.76 1.92 8.73
N GLY F 11 1.32 1.96 9.94
CA GLY F 11 2.64 2.52 10.25
C GLY F 11 2.52 3.77 11.13
N ALA F 12 3.26 4.83 10.79
CA ALA F 12 3.36 6.05 11.62
C ALA F 12 3.77 7.30 10.82
N TYR F 13 2.83 8.23 10.59
CA TYR F 13 3.10 9.50 9.91
C TYR F 13 3.69 10.54 10.86
N ASN F 14 4.62 11.36 10.34
CA ASN F 14 5.20 12.53 11.00
C ASN F 14 5.63 13.58 9.96
N TYR F 15 5.90 14.81 10.43
CA TYR F 15 6.50 15.91 9.69
C TYR F 15 7.39 16.76 10.63
N MET F 16 8.26 17.59 10.06
CA MET F 16 9.17 18.48 10.79
C MET F 16 9.32 19.80 10.03
N GLU F 17 8.82 20.88 10.63
CA GLU F 17 8.90 22.25 10.13
C GLU F 17 9.07 23.27 11.28
N ILE F 18 9.22 24.56 10.93
CA ILE F 18 9.42 25.68 11.87
C ILE F 18 8.39 26.79 11.59
N PRO G 1 13.85 13.96 5.43
CA PRO G 1 14.03 12.53 5.83
C PRO G 1 13.52 12.26 7.26
N LEU G 2 12.19 12.24 7.43
CA LEU G 2 11.48 12.03 8.70
C LEU G 2 10.65 10.74 8.69
N VAL G 3 10.16 10.31 7.51
CA VAL G 3 9.29 9.16 7.31
C VAL G 3 9.83 8.31 6.17
N ASN G 4 10.06 7.03 6.45
CA ASN G 4 10.72 6.05 5.58
C ASN G 4 10.36 4.61 6.00
N ILE G 5 10.80 3.64 5.21
CA ILE G 5 10.51 2.22 5.43
C ILE G 5 11.69 1.30 5.08
N TYR G 6 12.36 0.80 6.12
CA TYR G 6 13.52 -0.09 6.09
C TYR G 6 13.17 -1.52 6.58
N ASN G 7 13.83 -2.52 6.00
CA ASN G 7 13.66 -3.96 6.24
C ASN G 7 12.17 -4.35 6.33
N CYS G 8 11.46 -4.14 5.23
CA CYS G 8 10.01 -4.29 5.10
C CYS G 8 9.69 -5.50 4.19
N SER G 9 9.49 -6.67 4.80
CA SER G 9 9.25 -7.94 4.10
C SER G 9 7.75 -8.24 3.96
N GLY G 10 7.37 -8.87 2.84
CA GLY G 10 6.05 -9.43 2.54
C GLY G 10 4.89 -8.45 2.75
N VAL G 11 4.84 -7.38 1.97
CA VAL G 11 3.97 -6.20 2.16
C VAL G 11 2.69 -6.29 1.34
N GLN G 12 1.54 -6.44 2.02
CA GLN G 12 0.26 -6.70 1.34
C GLN G 12 -0.92 -5.89 1.92
N VAL G 13 -1.56 -5.07 1.09
CA VAL G 13 -2.54 -4.05 1.53
C VAL G 13 -3.91 -4.25 0.88
N GLY G 14 -4.91 -4.69 1.66
CA GLY G 14 -6.30 -4.91 1.26
C GLY G 14 -6.64 -6.41 1.30
N ASP G 15 -6.19 -7.12 0.25
CA ASP G 15 -5.88 -8.56 0.29
C ASP G 15 -4.75 -8.85 1.31
N THR H 1 8.54 6.31 11.87
CA THR H 1 9.42 5.63 10.88
C THR H 1 9.27 4.12 10.99
N ILE H 2 9.45 3.38 9.88
CA ILE H 2 9.35 1.91 9.86
C ILE H 2 10.74 1.30 9.79
N TYR H 3 11.03 0.43 10.75
CA TYR H 3 12.24 -0.38 10.88
C TYR H 3 11.85 -1.81 11.29
N ASN H 4 12.57 -2.80 10.75
CA ASN H 4 12.34 -4.25 10.95
C ASN H 4 10.86 -4.70 10.86
N SER H 5 10.18 -4.29 9.78
CA SER H 5 8.80 -4.67 9.47
C SER H 5 8.73 -6.06 8.81
N THR H 6 8.82 -7.10 9.65
CA THR H 6 8.83 -8.52 9.28
C THR H 6 7.42 -9.08 9.01
N GLY H 7 6.98 -9.04 7.75
CA GLY H 7 5.72 -9.64 7.29
C GLY H 7 4.50 -8.75 7.54
N ILE H 8 4.48 -7.56 6.95
CA ILE H 8 3.41 -6.56 7.15
C ILE H 8 2.23 -6.75 6.20
N GLN H 9 1.05 -6.84 6.78
CA GLN H 9 -0.19 -6.95 6.04
C GLN H 9 -1.33 -6.25 6.78
N ILE H 10 -2.25 -5.68 6.01
CA ILE H 10 -3.37 -4.89 6.52
C ILE H 10 -4.61 -5.18 5.67
N GLY H 11 -5.68 -5.67 6.29
CA GLY H 11 -6.83 -6.24 5.59
C GLY H 11 -6.97 -7.75 5.87
N ALA H 12 -7.49 -8.51 4.89
CA ALA H 12 -7.76 -9.94 5.06
C ALA H 12 -7.66 -10.72 3.73
N TYR H 13 -6.60 -11.51 3.57
CA TYR H 13 -6.37 -12.32 2.38
C TYR H 13 -7.22 -13.62 2.38
N ASN H 14 -7.67 -14.02 1.19
CA ASN H 14 -8.36 -15.28 0.92
C ASN H 14 -8.10 -15.74 -0.53
N TYR H 15 -8.43 -17.02 -0.81
CA TYR H 15 -8.46 -17.63 -2.13
C TYR H 15 -9.61 -18.65 -2.22
N MET H 16 -10.00 -19.01 -3.44
CA MET H 16 -11.13 -19.92 -3.74
C MET H 16 -10.74 -20.85 -4.89
N GLU H 17 -10.47 -22.12 -4.58
CA GLU H 17 -10.15 -23.19 -5.53
C GLU H 17 -10.74 -24.55 -5.09
N ILE H 18 -10.64 -25.56 -5.98
CA ILE H 18 -11.08 -26.95 -5.77
C ILE H 18 -10.18 -27.96 -6.50
N PRO A 1 -17.58 -9.37 -12.89
CA PRO A 1 -16.31 -9.32 -12.12
C PRO A 1 -15.09 -9.09 -13.04
N LEU A 2 -14.18 -8.20 -12.62
CA LEU A 2 -12.89 -7.93 -13.27
C LEU A 2 -11.82 -7.47 -12.25
N VAL A 3 -10.61 -7.18 -12.74
CA VAL A 3 -9.48 -6.66 -11.94
C VAL A 3 -8.93 -5.37 -12.58
N ASN A 4 -9.57 -4.24 -12.26
CA ASN A 4 -9.08 -2.89 -12.58
C ASN A 4 -9.25 -1.87 -11.43
N ILE A 5 -8.88 -0.63 -11.73
CA ILE A 5 -8.78 0.53 -10.84
C ILE A 5 -9.64 1.68 -11.38
N TYR A 6 -10.69 2.05 -10.65
CA TYR A 6 -11.67 3.07 -11.03
C TYR A 6 -11.85 4.14 -9.94
N ASN A 7 -12.08 5.38 -10.37
CA ASN A 7 -12.22 6.59 -9.55
C ASN A 7 -11.10 6.68 -8.48
N CYS A 8 -9.87 6.88 -8.95
CA CYS A 8 -8.63 6.89 -8.16
C CYS A 8 -7.98 8.28 -8.20
N SER A 9 -7.98 9.00 -7.07
CA SER A 9 -7.57 10.41 -6.99
C SER A 9 -6.16 10.58 -6.42
N GLY A 10 -5.13 10.49 -7.27
CA GLY A 10 -3.72 10.67 -6.91
C GLY A 10 -3.08 9.39 -6.32
N VAL A 11 -1.99 8.94 -6.95
CA VAL A 11 -1.35 7.63 -6.72
C VAL A 11 0.17 7.80 -6.61
N GLN A 12 0.75 7.39 -5.47
CA GLN A 12 2.17 7.63 -5.17
C GLN A 12 2.90 6.33 -4.75
N VAL A 13 3.69 5.78 -5.68
CA VAL A 13 4.32 4.45 -5.58
C VAL A 13 5.77 4.58 -5.06
N GLY A 14 5.95 4.52 -3.74
CA GLY A 14 7.23 4.57 -3.03
C GLY A 14 7.43 5.87 -2.22
N ASP A 15 7.50 6.98 -2.97
CA ASP A 15 7.56 8.38 -2.49
C ASP A 15 6.18 9.04 -2.29
N THR B 1 -10.59 -4.31 -8.55
CA THR B 1 -9.67 -4.30 -7.38
C THR B 1 -9.76 -2.98 -6.60
N ILE B 2 -9.54 -1.82 -7.24
CA ILE B 2 -9.66 -0.52 -6.54
C ILE B 2 -10.91 0.21 -7.05
N TYR B 3 -11.78 0.63 -6.13
CA TYR B 3 -13.00 1.38 -6.46
C TYR B 3 -13.22 2.56 -5.49
N ASN B 4 -13.42 3.77 -6.02
CA ASN B 4 -13.66 4.99 -5.23
C ASN B 4 -12.60 5.18 -4.13
N SER B 5 -11.35 5.40 -4.56
CA SER B 5 -10.15 5.47 -3.73
C SER B 5 -9.50 6.85 -3.82
N THR B 6 -9.73 7.68 -2.80
CA THR B 6 -9.37 9.10 -2.78
C THR B 6 -8.07 9.31 -1.99
N GLY B 7 -6.94 9.44 -2.70
CA GLY B 7 -5.61 9.65 -2.13
C GLY B 7 -4.96 8.35 -1.66
N ILE B 8 -4.22 7.67 -2.54
CA ILE B 8 -3.56 6.38 -2.27
C ILE B 8 -2.04 6.48 -2.46
N GLN B 9 -1.30 6.02 -1.45
CA GLN B 9 0.16 6.12 -1.44
C GLN B 9 0.82 5.10 -0.52
N ILE B 10 2.01 4.67 -0.93
CA ILE B 10 2.63 3.46 -0.40
C ILE B 10 4.14 3.64 -0.25
N GLY B 11 4.62 3.44 0.97
CA GLY B 11 5.99 3.67 1.42
C GLY B 11 6.05 4.84 2.41
N ALA B 12 6.42 6.00 1.90
CA ALA B 12 6.40 7.22 2.70
C ALA B 12 6.05 8.49 1.91
N TYR B 13 5.94 9.62 2.61
CA TYR B 13 5.69 10.95 2.05
C TYR B 13 6.43 12.01 2.89
N ASN B 14 7.38 12.71 2.26
CA ASN B 14 8.18 13.77 2.88
C ASN B 14 8.17 15.04 2.01
N TYR B 15 8.14 16.20 2.65
CA TYR B 15 8.32 17.51 2.03
C TYR B 15 9.08 18.44 2.98
N MET B 16 9.83 19.38 2.40
CA MET B 16 10.53 20.46 3.09
C MET B 16 10.23 21.79 2.38
N GLU B 17 10.37 22.92 3.08
CA GLU B 17 10.08 24.26 2.57
C GLU B 17 11.29 25.20 2.72
N ILE B 18 11.33 26.30 1.95
CA ILE B 18 12.47 27.21 1.79
C ILE B 18 12.16 28.65 2.26
N PRO C 1 16.28 16.32 0.88
CA PRO C 1 16.13 14.88 1.25
C PRO C 1 16.27 13.97 0.01
N LEU C 2 16.28 12.65 0.21
CA LEU C 2 16.44 11.62 -0.83
C LEU C 2 15.27 10.63 -0.78
N VAL C 3 14.43 10.60 -1.83
CA VAL C 3 13.19 9.80 -1.93
C VAL C 3 13.15 8.97 -3.22
N ASN C 4 13.29 7.65 -3.08
CA ASN C 4 13.40 6.66 -4.15
C ASN C 4 13.06 5.24 -3.65
N ILE C 5 13.25 4.25 -4.52
CA ILE C 5 12.96 2.83 -4.30
C ILE C 5 14.13 1.95 -4.79
N TYR C 6 14.76 1.21 -3.86
CA TYR C 6 15.89 0.31 -4.14
C TYR C 6 15.65 -1.10 -3.58
N ASN C 7 16.22 -2.10 -4.27
CA ASN C 7 16.05 -3.53 -4.02
C ASN C 7 14.57 -3.92 -3.79
N CYS C 8 13.77 -3.76 -4.83
CA CYS C 8 12.32 -3.96 -4.84
C CYS C 8 11.93 -5.14 -5.76
N SER C 9 11.48 -6.25 -5.17
CA SER C 9 11.23 -7.52 -5.88
C SER C 9 9.74 -7.74 -6.18
N GLY C 10 9.26 -7.23 -7.31
CA GLY C 10 7.89 -7.38 -7.80
C GLY C 10 6.89 -6.38 -7.17
N VAL C 11 6.25 -5.58 -8.01
CA VAL C 11 5.42 -4.41 -7.62
C VAL C 11 4.09 -4.44 -8.36
N GLN C 12 2.99 -4.43 -7.61
CA GLN C 12 1.64 -4.59 -8.17
C GLN C 12 0.69 -3.48 -7.66
N VAL C 13 0.50 -2.46 -8.50
CA VAL C 13 -0.25 -1.23 -8.20
C VAL C 13 -1.73 -1.40 -8.55
N GLY C 14 -2.56 -1.74 -7.57
CA GLY C 14 -3.98 -2.08 -7.72
C GLY C 14 -4.20 -3.61 -7.70
N ASP C 15 -3.78 -4.26 -8.78
CA ASP C 15 -3.90 -5.72 -9.04
C ASP C 15 -2.82 -6.59 -8.34
N THR D 1 10.36 6.63 0.84
CA THR D 1 11.56 5.87 0.43
C THR D 1 11.42 4.41 0.80
N ILE D 2 11.72 3.52 -0.14
CA ILE D 2 11.68 2.06 0.02
C ILE D 2 13.10 1.48 -0.09
N TYR D 3 13.48 0.66 0.89
CA TYR D 3 14.75 -0.08 0.89
C TYR D 3 14.53 -1.56 1.27
N ASN D 4 15.08 -2.48 0.49
CA ASN D 4 15.02 -3.93 0.71
C ASN D 4 13.57 -4.42 0.95
N SER D 5 12.75 -4.34 -0.10
CA SER D 5 11.32 -4.63 -0.09
C SER D 5 11.00 -5.79 -1.05
N THR D 6 10.71 -6.98 -0.50
CA THR D 6 10.51 -8.20 -1.29
C THR D 6 9.02 -8.58 -1.34
N GLY D 7 8.39 -8.39 -2.51
CA GLY D 7 6.97 -8.62 -2.76
C GLY D 7 6.06 -7.52 -2.21
N ILE D 8 5.80 -6.48 -3.00
CA ILE D 8 4.95 -5.34 -2.62
C ILE D 8 3.74 -5.16 -3.54
N GLN D 9 2.55 -5.07 -2.94
CA GLN D 9 1.31 -4.99 -3.69
C GLN D 9 0.15 -4.38 -2.90
N ILE D 10 -0.70 -3.65 -3.61
CA ILE D 10 -1.61 -2.68 -3.01
C ILE D 10 -2.97 -2.68 -3.69
N GLY D 11 -3.99 -3.09 -2.94
CA GLY D 11 -5.38 -3.25 -3.34
C GLY D 11 -5.85 -4.66 -3.08
N ALA D 12 -5.74 -5.49 -4.12
CA ALA D 12 -6.00 -6.91 -4.00
C ALA D 12 -5.12 -7.76 -4.93
N TYR D 13 -5.10 -9.07 -4.70
CA TYR D 13 -4.40 -10.06 -5.52
C TYR D 13 -5.23 -11.34 -5.58
N ASN D 14 -5.80 -11.64 -6.75
CA ASN D 14 -6.64 -12.81 -6.96
C ASN D 14 -6.30 -13.52 -8.27
N TYR D 15 -6.80 -14.75 -8.40
CA TYR D 15 -6.64 -15.60 -9.57
C TYR D 15 -7.65 -16.75 -9.60
N MET D 16 -7.73 -17.41 -10.74
CA MET D 16 -8.47 -18.65 -10.99
C MET D 16 -7.61 -19.59 -11.85
N GLU D 17 -7.97 -20.88 -11.95
CA GLU D 17 -7.24 -21.89 -12.74
C GLU D 17 -8.19 -22.75 -13.60
N ILE D 18 -7.76 -23.10 -14.82
CA ILE D 18 -8.53 -23.87 -15.83
C ILE D 18 -8.59 -25.38 -15.54
N PRO E 1 -15.57 -14.32 -4.12
CA PRO E 1 -14.80 -14.90 -5.24
C PRO E 1 -13.40 -14.25 -5.39
N LEU E 2 -13.36 -12.99 -5.81
CA LEU E 2 -12.20 -12.12 -5.93
C LEU E 2 -12.40 -10.92 -4.98
N VAL E 3 -11.49 -10.71 -4.01
CA VAL E 3 -11.56 -9.60 -3.04
C VAL E 3 -11.08 -8.26 -3.64
N ASN E 4 -11.43 -7.14 -2.98
CA ASN E 4 -11.17 -5.77 -3.42
C ASN E 4 -11.29 -4.74 -2.28
N ILE E 5 -11.10 -3.46 -2.63
CA ILE E 5 -11.15 -2.28 -1.74
C ILE E 5 -12.05 -1.19 -2.34
N TYR E 6 -13.19 -0.95 -1.69
CA TYR E 6 -14.22 0.02 -2.08
C TYR E 6 -14.42 1.12 -1.04
N ASN E 7 -14.69 2.34 -1.51
CA ASN E 7 -14.92 3.57 -0.72
C ASN E 7 -13.83 3.75 0.36
N CYS E 8 -12.62 4.07 -0.11
CA CYS E 8 -11.39 4.15 0.67
C CYS E 8 -10.83 5.58 0.63
N SER E 9 -10.87 6.29 1.76
CA SER E 9 -10.54 7.72 1.83
C SER E 9 -9.21 7.94 2.56
N GLY E 10 -8.11 8.12 1.83
CA GLY E 10 -6.76 8.33 2.36
C GLY E 10 -6.10 7.00 2.79
N VAL E 11 -5.11 6.53 2.01
CA VAL E 11 -4.40 5.25 2.18
C VAL E 11 -2.89 5.49 2.30
N GLN E 12 -2.30 5.20 3.46
CA GLN E 12 -0.88 5.50 3.75
C GLN E 12 -0.10 4.29 4.29
N VAL E 13 0.75 3.69 3.46
CA VAL E 13 1.39 2.38 3.77
C VAL E 13 2.85 2.53 4.23
N GLY E 14 3.07 2.84 5.50
CA GLY E 14 4.39 2.97 6.17
C GLY E 14 4.48 4.24 7.01
N ASP E 15 4.57 5.38 6.34
CA ASP E 15 4.26 6.71 6.92
C ASP E 15 2.77 6.94 7.27
N THR F 1 -10.55 -7.88 2.01
CA THR F 1 -11.68 -7.07 1.49
C THR F 1 -11.88 -5.86 2.36
N ILE F 2 -11.89 -4.65 1.78
CA ILE F 2 -12.18 -3.39 2.49
C ILE F 2 -13.45 -2.76 1.89
N TYR F 3 -14.34 -2.30 2.77
CA TYR F 3 -15.57 -1.57 2.45
C TYR F 3 -15.77 -0.41 3.44
N ASN F 4 -16.21 0.75 2.94
CA ASN F 4 -16.43 2.00 3.68
C ASN F 4 -15.34 2.32 4.73
N SER F 5 -14.10 2.52 4.27
CA SER F 5 -12.91 2.75 5.11
C SER F 5 -12.41 4.19 5.00
N THR F 6 -12.87 5.04 5.91
CA THR F 6 -12.50 6.46 6.02
C THR F 6 -11.24 6.62 6.88
N GLY F 7 -10.10 6.88 6.25
CA GLY F 7 -8.81 7.12 6.91
C GLY F 7 -8.10 5.83 7.32
N ILE F 8 -7.35 5.23 6.38
CA ILE F 8 -6.57 4.00 6.60
C ILE F 8 -5.08 4.21 6.38
N GLN F 9 -4.29 3.69 7.31
CA GLN F 9 -2.85 3.80 7.28
C GLN F 9 -2.22 2.76 8.22
N ILE F 10 -0.91 2.55 8.08
CA ILE F 10 -0.20 1.47 8.77
C ILE F 10 1.29 1.79 8.95
N GLY F 11 1.80 1.65 10.18
CA GLY F 11 3.19 1.89 10.58
C GLY F 11 3.29 3.01 11.62
N ALA F 12 3.52 4.25 11.18
CA ALA F 12 3.44 5.46 12.02
C ALA F 12 2.65 6.60 11.34
N TYR F 13 2.65 7.80 11.93
CA TYR F 13 2.26 9.07 11.30
C TYR F 13 2.87 10.25 12.07
N ASN F 14 3.80 10.99 11.45
CA ASN F 14 4.48 12.15 12.04
C ASN F 14 4.43 13.37 11.12
N TYR F 15 4.42 14.56 11.72
CA TYR F 15 4.56 15.86 11.05
C TYR F 15 5.27 16.86 11.98
N MET F 16 5.94 17.84 11.38
CA MET F 16 6.58 18.98 12.06
C MET F 16 6.20 20.27 11.33
N GLU F 17 6.23 21.40 12.03
CA GLU F 17 5.89 22.73 11.50
C GLU F 17 7.09 23.70 11.62
N ILE F 18 7.08 24.79 10.84
CA ILE F 18 8.15 25.81 10.77
C ILE F 18 8.46 26.48 12.14
N PRO G 1 8.09 13.69 7.42
CA PRO G 1 9.52 14.00 7.65
C PRO G 1 10.28 12.82 8.29
N LEU G 2 11.47 12.49 7.75
CA LEU G 2 12.32 11.35 8.16
C LEU G 2 11.56 10.01 8.26
N VAL G 3 10.62 9.76 7.35
CA VAL G 3 9.82 8.53 7.26
C VAL G 3 10.10 7.75 5.97
N ASN G 4 10.18 6.42 6.11
CA ASN G 4 10.56 5.42 5.11
C ASN G 4 10.29 4.00 5.62
N ILE G 5 10.56 3.01 4.77
CA ILE G 5 10.36 1.59 5.05
C ILE G 5 11.60 0.77 4.62
N TYR G 6 12.22 0.08 5.58
CA TYR G 6 13.41 -0.74 5.40
C TYR G 6 13.18 -2.20 5.83
N ASN G 7 13.74 -3.15 5.08
CA ASN G 7 13.69 -4.60 5.31
C ASN G 7 12.24 -5.08 5.55
N CYS G 8 11.44 -5.02 4.49
CA CYS G 8 10.01 -5.32 4.47
C CYS G 8 9.74 -6.56 3.60
N SER G 9 9.26 -7.65 4.19
CA SER G 9 9.07 -8.96 3.52
C SER G 9 7.58 -9.28 3.34
N GLY G 10 7.04 -9.05 2.14
CA GLY G 10 5.64 -9.32 1.79
C GLY G 10 4.69 -8.24 2.31
N VAL G 11 4.17 -7.39 1.41
CA VAL G 11 3.34 -6.21 1.70
C VAL G 11 2.01 -6.29 0.96
N GLN G 12 0.89 -6.43 1.68
CA GLN G 12 -0.44 -6.65 1.09
C GLN G 12 -1.52 -5.68 1.62
N VAL G 13 -1.92 -4.71 0.80
CA VAL G 13 -2.76 -3.58 1.25
C VAL G 13 -4.23 -3.73 0.82
N GLY G 14 -5.04 -4.46 1.60
CA GLY G 14 -6.48 -4.71 1.37
C GLY G 14 -6.83 -6.21 1.46
N ASP G 15 -6.42 -6.95 0.43
CA ASP G 15 -6.23 -8.42 0.51
C ASP G 15 -5.10 -8.88 1.45
N THR H 1 7.50 5.24 10.16
CA THR H 1 8.67 4.45 9.68
C THR H 1 8.48 2.98 9.97
N ILE H 2 8.87 2.11 9.05
CA ILE H 2 8.92 0.66 9.23
C ILE H 2 10.37 0.18 9.13
N TYR H 3 10.79 -0.65 10.08
CA TYR H 3 12.09 -1.30 10.12
C TYR H 3 11.94 -2.78 10.53
N ASN H 4 12.69 -3.67 9.87
CA ASN H 4 12.74 -5.11 10.11
C ASN H 4 11.35 -5.79 10.24
N SER H 5 10.48 -5.57 9.24
CA SER H 5 9.10 -6.05 9.19
C SER H 5 8.95 -7.31 8.32
N THR H 6 8.78 -8.46 8.95
CA THR H 6 8.58 -9.76 8.27
C THR H 6 7.09 -10.11 8.23
N GLY H 7 6.45 -9.96 7.07
CA GLY H 7 5.04 -10.28 6.83
C GLY H 7 4.09 -9.18 7.30
N ILE H 8 3.82 -8.20 6.43
CA ILE H 8 2.90 -7.08 6.70
C ILE H 8 1.72 -7.05 5.71
N GLN H 9 0.54 -6.90 6.27
CA GLN H 9 -0.70 -6.83 5.51
C GLN H 9 -1.81 -6.20 6.34
N ILE H 10 -2.87 -5.75 5.67
CA ILE H 10 -3.92 -4.94 6.29
C ILE H 10 -5.26 -5.12 5.57
N GLY H 11 -6.27 -5.57 6.32
CA GLY H 11 -7.65 -5.78 5.87
C GLY H 11 -8.13 -7.20 6.16
N ALA H 12 -8.05 -8.09 5.17
CA ALA H 12 -8.27 -9.53 5.34
C ALA H 12 -7.11 -10.34 4.74
N TYR H 13 -7.24 -11.68 4.72
CA TYR H 13 -6.43 -12.60 3.92
C TYR H 13 -7.17 -13.93 3.74
N ASN H 14 -7.63 -14.23 2.52
CA ASN H 14 -8.38 -15.44 2.18
C ASN H 14 -7.75 -16.17 0.99
N TYR H 15 -7.88 -17.50 0.97
CA TYR H 15 -7.52 -18.38 -0.13
C TYR H 15 -8.46 -19.59 -0.16
N MET H 16 -8.69 -20.12 -1.36
CA MET H 16 -9.43 -21.38 -1.61
C MET H 16 -8.59 -22.29 -2.51
N GLU H 17 -8.78 -23.60 -2.38
CA GLU H 17 -8.10 -24.63 -3.16
C GLU H 17 -9.13 -25.49 -3.92
N ILE H 18 -8.76 -25.97 -5.12
CA ILE H 18 -9.53 -26.72 -6.14
C ILE H 18 -10.89 -26.13 -6.55
N PRO A 1 -12.37 -12.63 -12.73
CA PRO A 1 -12.68 -11.88 -13.97
C PRO A 1 -12.47 -10.36 -13.81
N LEU A 2 -13.43 -9.61 -13.24
CA LEU A 2 -13.28 -8.17 -12.99
C LEU A 2 -12.32 -7.92 -11.81
N VAL A 3 -11.10 -7.50 -12.13
CA VAL A 3 -10.09 -6.99 -11.19
C VAL A 3 -9.38 -5.76 -11.77
N ASN A 4 -10.02 -4.59 -11.59
CA ASN A 4 -9.58 -3.29 -12.10
C ASN A 4 -9.59 -2.20 -11.02
N ILE A 5 -9.10 -1.03 -11.42
CA ILE A 5 -8.93 0.17 -10.61
C ILE A 5 -9.66 1.35 -11.26
N TYR A 6 -10.68 1.86 -10.58
CA TYR A 6 -11.60 2.89 -11.07
C TYR A 6 -12.05 3.82 -9.93
N ASN A 7 -12.32 5.09 -10.26
CA ASN A 7 -12.49 6.19 -9.32
C ASN A 7 -11.37 6.25 -8.24
N CYS A 8 -10.11 6.18 -8.67
CA CYS A 8 -8.92 6.45 -7.84
C CYS A 8 -8.41 7.88 -8.06
N SER A 9 -7.79 8.47 -7.03
CA SER A 9 -7.20 9.81 -7.06
C SER A 9 -5.89 9.90 -6.28
N GLY A 10 -5.04 10.89 -6.61
CA GLY A 10 -3.82 11.23 -5.87
C GLY A 10 -2.74 10.13 -5.80
N VAL A 11 -2.76 9.17 -6.73
CA VAL A 11 -1.97 7.93 -6.72
C VAL A 11 -0.46 8.21 -6.74
N GLN A 12 0.27 7.76 -5.70
CA GLN A 12 1.74 7.83 -5.62
C GLN A 12 2.40 6.53 -5.18
N VAL A 13 3.42 6.09 -5.93
CA VAL A 13 4.11 4.81 -5.76
C VAL A 13 5.62 5.03 -5.54
N GLY A 14 6.08 4.78 -4.31
CA GLY A 14 7.45 4.96 -3.86
C GLY A 14 7.60 6.16 -2.91
N ASP A 15 8.47 7.10 -3.32
CA ASP A 15 8.77 8.40 -2.68
C ASP A 15 8.82 8.40 -1.13
N THR B 1 -11.23 -4.41 -8.11
CA THR B 1 -10.09 -4.30 -7.17
C THR B 1 -10.16 -3.03 -6.37
N ILE B 2 -9.84 -1.88 -6.96
CA ILE B 2 -9.85 -0.59 -6.28
C ILE B 2 -11.05 0.21 -6.79
N TYR B 3 -12.00 0.48 -5.89
CA TYR B 3 -13.15 1.33 -6.16
C TYR B 3 -13.25 2.47 -5.14
N ASN B 4 -13.38 3.71 -5.63
CA ASN B 4 -13.52 4.92 -4.82
C ASN B 4 -12.39 5.04 -3.78
N SER B 5 -11.17 5.24 -4.29
CA SER B 5 -9.91 5.25 -3.54
C SER B 5 -9.30 6.66 -3.56
N THR B 6 -9.58 7.41 -2.50
CA THR B 6 -9.39 8.87 -2.43
C THR B 6 -8.03 9.22 -1.81
N GLY B 7 -7.01 9.40 -2.64
CA GLY B 7 -5.65 9.77 -2.22
C GLY B 7 -4.86 8.59 -1.68
N ILE B 8 -4.46 7.69 -2.59
CA ILE B 8 -3.72 6.45 -2.28
C ILE B 8 -2.21 6.59 -2.51
N GLN B 9 -1.42 6.08 -1.57
CA GLN B 9 0.02 6.23 -1.58
C GLN B 9 0.74 5.10 -0.83
N ILE B 10 1.85 4.62 -1.40
CA ILE B 10 2.54 3.39 -0.99
C ILE B 10 4.06 3.60 -0.90
N GLY B 11 4.59 3.73 0.32
CA GLY B 11 6.00 3.93 0.65
C GLY B 11 6.24 5.00 1.72
N ALA B 12 6.46 6.24 1.27
CA ALA B 12 6.46 7.41 2.16
C ALA B 12 6.03 8.71 1.43
N TYR B 13 6.23 9.87 2.08
CA TYR B 13 6.29 11.19 1.44
C TYR B 13 7.06 12.21 2.31
N ASN B 14 8.27 12.60 1.88
CA ASN B 14 9.06 13.67 2.51
C ASN B 14 8.37 15.06 2.39
N TYR B 15 8.60 15.94 3.37
CA TYR B 15 8.14 17.34 3.36
C TYR B 15 9.26 18.30 3.81
N MET B 16 10.27 18.48 2.96
CA MET B 16 11.25 19.56 3.09
C MET B 16 10.60 20.91 2.76
N GLU B 17 11.04 21.96 3.45
CA GLU B 17 10.55 23.33 3.32
C GLU B 17 10.75 23.90 1.89
N ILE B 18 9.88 24.84 1.48
CA ILE B 18 9.80 25.43 0.12
C ILE B 18 10.13 26.93 0.15
N PRO C 1 15.46 14.70 -4.44
CA PRO C 1 15.83 13.28 -4.68
C PRO C 1 16.34 12.51 -3.43
N LEU C 2 16.00 12.93 -2.19
CA LEU C 2 16.36 12.19 -0.97
C LEU C 2 15.57 10.86 -0.83
N VAL C 3 14.27 10.92 -1.10
CA VAL C 3 13.34 9.77 -1.02
C VAL C 3 13.23 9.01 -2.35
N ASN C 4 13.56 7.72 -2.34
CA ASN C 4 13.58 6.82 -3.49
C ASN C 4 13.12 5.41 -3.10
N ILE C 5 13.20 4.49 -4.05
CA ILE C 5 12.84 3.08 -3.91
C ILE C 5 13.95 2.18 -4.49
N TYR C 6 14.61 1.43 -3.63
CA TYR C 6 15.74 0.56 -3.98
C TYR C 6 15.69 -0.79 -3.23
N ASN C 7 16.28 -1.82 -3.84
CA ASN C 7 16.12 -3.24 -3.48
C ASN C 7 14.64 -3.64 -3.25
N CYS C 8 13.74 -3.24 -4.17
CA CYS C 8 12.36 -3.71 -4.22
C CYS C 8 12.20 -4.88 -5.21
N SER C 9 11.21 -5.74 -4.98
CA SER C 9 10.85 -6.88 -5.86
C SER C 9 9.34 -7.11 -5.93
N GLY C 10 8.88 -7.78 -7.01
CA GLY C 10 7.49 -8.24 -7.19
C GLY C 10 6.41 -7.14 -7.21
N VAL C 11 6.79 -5.91 -7.56
CA VAL C 11 5.98 -4.68 -7.44
C VAL C 11 4.70 -4.75 -8.29
N GLN C 12 3.52 -4.63 -7.66
CA GLN C 12 2.21 -4.66 -8.31
C GLN C 12 1.22 -3.61 -7.77
N VAL C 13 0.55 -2.89 -8.68
CA VAL C 13 -0.32 -1.73 -8.39
C VAL C 13 -1.72 -1.91 -8.99
N GLY C 14 -2.71 -2.14 -8.13
CA GLY C 14 -4.10 -2.45 -8.46
C GLY C 14 -4.30 -3.96 -8.61
N ASP C 15 -4.35 -4.40 -9.88
CA ASP C 15 -4.47 -5.77 -10.44
C ASP C 15 -5.32 -6.79 -9.63
N THR D 1 11.04 6.91 1.51
CA THR D 1 12.05 5.96 1.03
C THR D 1 11.61 4.53 1.29
N ILE D 2 11.89 3.64 0.34
CA ILE D 2 11.71 2.19 0.41
C ILE D 2 13.09 1.53 0.27
N TYR D 3 13.47 0.72 1.26
CA TYR D 3 14.67 -0.12 1.22
C TYR D 3 14.34 -1.58 1.57
N ASN D 4 14.82 -2.53 0.77
CA ASN D 4 14.66 -3.98 0.97
C ASN D 4 13.17 -4.36 1.15
N SER D 5 12.41 -4.22 0.06
CA SER D 5 10.96 -4.38 -0.03
C SER D 5 10.60 -5.60 -0.88
N THR D 6 10.51 -6.76 -0.20
CA THR D 6 10.44 -8.10 -0.83
C THR D 6 9.00 -8.49 -1.13
N GLY D 7 8.53 -8.24 -2.36
CA GLY D 7 7.20 -8.61 -2.83
C GLY D 7 6.12 -7.64 -2.34
N ILE D 8 6.05 -6.46 -2.96
CA ILE D 8 5.12 -5.37 -2.58
C ILE D 8 3.94 -5.23 -3.54
N GLN D 9 2.75 -5.08 -2.97
CA GLN D 9 1.51 -5.05 -3.73
C GLN D 9 0.40 -4.25 -3.04
N ILE D 10 -0.33 -3.46 -3.82
CA ILE D 10 -1.27 -2.44 -3.36
C ILE D 10 -2.59 -2.48 -4.16
N GLY D 11 -3.65 -3.06 -3.56
CA GLY D 11 -4.99 -3.23 -4.12
C GLY D 11 -5.58 -4.61 -3.80
N ALA D 12 -5.44 -5.57 -4.72
CA ALA D 12 -5.75 -6.98 -4.49
C ALA D 12 -4.98 -7.90 -5.45
N TYR D 13 -5.31 -9.21 -5.43
CA TYR D 13 -4.93 -10.17 -6.47
C TYR D 13 -5.89 -11.36 -6.52
N ASN D 14 -6.81 -11.38 -7.50
CA ASN D 14 -7.68 -12.52 -7.79
C ASN D 14 -6.88 -13.78 -8.14
N TYR D 15 -7.45 -14.96 -7.86
CA TYR D 15 -6.89 -16.26 -8.24
C TYR D 15 -7.92 -17.18 -8.88
N MET D 16 -8.28 -16.87 -10.13
CA MET D 16 -9.05 -17.78 -11.00
C MET D 16 -8.14 -18.94 -11.48
N GLU D 17 -8.73 -20.13 -11.62
CA GLU D 17 -8.05 -21.37 -12.04
C GLU D 17 -7.45 -21.25 -13.46
N ILE D 18 -6.39 -22.04 -13.74
CA ILE D 18 -5.61 -22.08 -15.00
C ILE D 18 -5.57 -23.48 -15.63
N PRO E 1 -17.54 -10.41 -6.62
CA PRO E 1 -16.89 -11.55 -7.31
C PRO E 1 -15.87 -12.29 -6.40
N LEU E 2 -14.74 -11.63 -6.11
CA LEU E 2 -13.67 -12.03 -5.22
C LEU E 2 -13.45 -10.93 -4.16
N VAL E 3 -12.37 -11.03 -3.40
CA VAL E 3 -11.95 -10.07 -2.38
C VAL E 3 -11.28 -8.81 -2.96
N ASN E 4 -11.65 -7.61 -2.47
CA ASN E 4 -11.32 -6.28 -3.03
C ASN E 4 -11.29 -5.17 -1.97
N ILE E 5 -11.08 -3.93 -2.41
CA ILE E 5 -11.03 -2.70 -1.62
C ILE E 5 -11.95 -1.62 -2.23
N TYR E 6 -13.08 -1.37 -1.58
CA TYR E 6 -14.09 -0.41 -2.03
C TYR E 6 -14.47 0.62 -0.96
N ASN E 7 -14.74 1.86 -1.41
CA ASN E 7 -15.00 3.06 -0.60
C ASN E 7 -13.93 3.25 0.49
N CYS E 8 -12.74 3.70 0.08
CA CYS E 8 -11.51 3.77 0.88
C CYS E 8 -10.82 5.15 0.76
N SER E 9 -10.90 5.96 1.83
CA SER E 9 -10.35 7.33 1.84
C SER E 9 -8.99 7.41 2.54
N GLY E 10 -8.13 8.33 2.08
CA GLY E 10 -6.88 8.74 2.73
C GLY E 10 -5.82 7.64 2.90
N VAL E 11 -5.72 6.71 1.94
CA VAL E 11 -4.92 5.47 2.03
C VAL E 11 -3.41 5.73 2.03
N GLN E 12 -2.73 5.54 3.18
CA GLN E 12 -1.27 5.74 3.30
C GLN E 12 -0.52 4.53 3.88
N VAL E 13 0.52 4.06 3.15
CA VAL E 13 1.27 2.85 3.51
C VAL E 13 2.73 3.16 3.81
N GLY E 14 3.17 2.89 5.03
CA GLY E 14 4.53 3.10 5.54
C GLY E 14 4.63 4.40 6.36
N ASP E 15 5.35 5.38 5.80
CA ASP E 15 5.64 6.72 6.37
C ASP E 15 5.76 6.75 7.92
N THR F 1 -11.30 -8.40 2.68
CA THR F 1 -12.15 -7.38 2.04
C THR F 1 -12.07 -6.08 2.81
N ILE F 2 -11.91 -4.95 2.12
CA ILE F 2 -12.06 -3.61 2.70
C ILE F 2 -13.36 -2.97 2.20
N TYR F 3 -14.21 -2.57 3.13
CA TYR F 3 -15.46 -1.82 2.90
C TYR F 3 -15.56 -0.62 3.86
N ASN F 4 -16.18 0.47 3.39
CA ASN F 4 -16.42 1.74 4.12
C ASN F 4 -15.23 2.20 5.02
N SER F 5 -14.04 2.29 4.42
CA SER F 5 -12.76 2.53 5.09
C SER F 5 -12.40 4.02 5.16
N THR F 6 -12.62 4.62 6.32
CA THR F 6 -12.40 6.05 6.60
C THR F 6 -10.99 6.33 7.14
N GLY F 7 -10.06 6.71 6.25
CA GLY F 7 -8.74 7.25 6.62
C GLY F 7 -7.69 6.20 6.98
N ILE F 8 -7.69 5.07 6.28
CA ILE F 8 -6.81 3.94 6.54
C ILE F 8 -5.32 4.27 6.28
N GLN F 9 -4.50 3.84 7.23
CA GLN F 9 -3.06 4.01 7.16
C GLN F 9 -2.37 2.92 7.98
N ILE F 10 -1.15 2.55 7.59
CA ILE F 10 -0.41 1.41 8.14
C ILE F 10 1.08 1.76 8.32
N GLY F 11 1.47 2.03 9.57
CA GLY F 11 2.83 2.35 9.99
C GLY F 11 2.85 3.53 10.95
N ALA F 12 3.15 4.74 10.45
CA ALA F 12 3.07 5.98 11.25
C ALA F 12 2.61 7.19 10.41
N TYR F 13 2.75 8.39 10.99
CA TYR F 13 2.77 9.69 10.28
C TYR F 13 3.45 10.76 11.15
N ASN F 14 4.71 11.11 10.82
CA ASN F 14 5.43 12.22 11.47
C ASN F 14 4.75 13.58 11.20
N TYR F 15 4.87 14.52 12.15
CA TYR F 15 4.32 15.88 12.06
C TYR F 15 5.35 16.95 12.47
N MET F 16 6.32 17.21 11.60
CA MET F 16 7.22 18.36 11.71
C MET F 16 6.47 19.66 11.38
N GLU F 17 6.80 20.75 12.07
CA GLU F 17 6.20 22.07 11.90
C GLU F 17 6.42 22.64 10.48
N ILE F 18 5.41 23.36 9.95
CA ILE F 18 5.38 23.96 8.59
C ILE F 18 6.46 25.04 8.42
N PRO G 1 15.67 13.20 7.73
CA PRO G 1 14.70 14.31 7.51
C PRO G 1 13.24 13.91 7.80
N LEU G 2 12.74 12.83 7.20
CA LEU G 2 11.40 12.25 7.40
C LEU G 2 11.50 10.72 7.52
N VAL G 3 10.48 10.08 8.08
CA VAL G 3 10.40 8.63 8.34
C VAL G 3 9.98 7.82 7.10
N ASN G 4 10.37 6.53 7.06
CA ASN G 4 10.44 5.66 5.87
C ASN G 4 10.13 4.20 6.20
N ILE G 5 10.30 3.34 5.20
CA ILE G 5 10.12 1.89 5.31
C ILE G 5 11.38 1.15 4.85
N TYR G 6 12.00 0.42 5.78
CA TYR G 6 13.22 -0.36 5.53
C TYR G 6 13.15 -1.77 6.14
N ASN G 7 13.71 -2.75 5.41
CA ASN G 7 13.65 -4.19 5.70
C ASN G 7 12.21 -4.67 5.93
N CYS G 8 11.44 -4.78 4.84
CA CYS G 8 10.00 -5.06 4.80
C CYS G 8 9.66 -6.20 3.82
N SER G 9 9.25 -7.35 4.36
CA SER G 9 8.93 -8.56 3.56
C SER G 9 7.42 -8.77 3.42
N GLY G 10 6.99 -9.32 2.27
CA GLY G 10 5.63 -9.83 2.02
C GLY G 10 4.51 -8.77 2.08
N VAL G 11 4.79 -7.54 1.65
CA VAL G 11 3.94 -6.34 1.78
C VAL G 11 2.66 -6.42 0.94
N GLN G 12 1.50 -6.64 1.57
CA GLN G 12 0.20 -6.71 0.88
C GLN G 12 -0.86 -5.76 1.45
N VAL G 13 -1.44 -4.93 0.58
CA VAL G 13 -2.38 -3.86 0.96
C VAL G 13 -3.76 -4.05 0.33
N GLY G 14 -4.78 -4.27 1.18
CA GLY G 14 -6.15 -4.56 0.81
C GLY G 14 -6.45 -6.06 0.90
N ASP G 15 -6.77 -6.67 -0.26
CA ASP G 15 -7.12 -8.10 -0.44
C ASP G 15 -7.91 -8.77 0.72
N THR H 1 7.58 5.35 10.95
CA THR H 1 8.73 4.53 10.53
C THR H 1 8.36 3.07 10.55
N ILE H 2 8.79 2.30 9.54
CA ILE H 2 8.76 0.83 9.55
C ILE H 2 10.20 0.29 9.52
N TYR H 3 10.53 -0.52 10.52
CA TYR H 3 11.80 -1.26 10.62
C TYR H 3 11.53 -2.75 10.93
N ASN H 4 12.42 -3.63 10.46
CA ASN H 4 12.37 -5.11 10.61
C ASN H 4 10.95 -5.71 10.52
N SER H 5 10.26 -5.42 9.43
CA SER H 5 8.86 -5.79 9.16
C SER H 5 8.75 -7.13 8.44
N THR H 6 8.29 -8.16 9.15
CA THR H 6 8.24 -9.55 8.68
C THR H 6 6.80 -9.95 8.31
N GLY H 7 6.43 -9.79 7.04
CA GLY H 7 5.16 -10.28 6.48
C GLY H 7 3.97 -9.35 6.70
N ILE H 8 4.17 -8.05 6.53
CA ILE H 8 3.14 -7.04 6.76
C ILE H 8 1.98 -7.10 5.75
N GLN H 9 0.77 -7.05 6.29
CA GLN H 9 -0.45 -7.05 5.50
C GLN H 9 -1.56 -6.28 6.22
N ILE H 10 -2.40 -5.58 5.45
CA ILE H 10 -3.42 -4.66 5.96
C ILE H 10 -4.75 -4.85 5.20
N GLY H 11 -5.67 -5.58 5.82
CA GLY H 11 -7.01 -5.89 5.32
C GLY H 11 -7.37 -7.34 5.58
N ALA H 12 -7.25 -8.21 4.57
CA ALA H 12 -7.43 -9.66 4.72
C ALA H 12 -6.51 -10.47 3.77
N TYR H 13 -6.77 -11.79 3.67
CA TYR H 13 -6.30 -12.66 2.59
C TYR H 13 -7.20 -13.90 2.46
N ASN H 14 -8.07 -13.93 1.44
CA ASN H 14 -8.90 -15.11 1.12
C ASN H 14 -8.03 -16.32 0.71
N TYR H 15 -8.49 -17.55 1.04
CA TYR H 15 -7.80 -18.81 0.71
C TYR H 15 -8.77 -19.82 0.10
N MET H 16 -9.11 -19.62 -1.17
CA MET H 16 -9.83 -20.62 -1.97
C MET H 16 -8.87 -21.74 -2.40
N GLU H 17 -9.38 -22.98 -2.43
CA GLU H 17 -8.62 -24.20 -2.79
C GLU H 17 -8.06 -24.13 -4.24
N ILE H 18 -6.81 -24.60 -4.44
CA ILE H 18 -6.08 -24.61 -5.72
C ILE H 18 -6.74 -25.48 -6.81
N PRO A 1 -17.95 -8.99 -12.75
CA PRO A 1 -17.62 -9.27 -14.18
C PRO A 1 -16.11 -9.22 -14.50
N LEU A 2 -15.41 -8.14 -14.11
CA LEU A 2 -13.99 -7.87 -14.40
C LEU A 2 -13.27 -7.21 -13.22
N VAL A 3 -11.97 -6.94 -13.38
CA VAL A 3 -11.07 -6.39 -12.36
C VAL A 3 -10.12 -5.30 -12.91
N ASN A 4 -10.39 -4.05 -12.51
CA ASN A 4 -9.53 -2.87 -12.78
C ASN A 4 -9.64 -1.85 -11.63
N ILE A 5 -9.01 -0.72 -11.86
CA ILE A 5 -8.91 0.44 -10.99
C ILE A 5 -9.80 1.57 -11.53
N TYR A 6 -10.89 1.86 -10.82
CA TYR A 6 -11.89 2.88 -11.18
C TYR A 6 -12.13 3.84 -10.01
N ASN A 7 -12.45 5.11 -10.36
CA ASN A 7 -12.66 6.22 -9.44
C ASN A 7 -11.54 6.32 -8.37
N CYS A 8 -10.30 6.42 -8.84
CA CYS A 8 -9.07 6.44 -8.04
C CYS A 8 -8.44 7.85 -8.06
N SER A 9 -8.68 8.64 -7.02
CA SER A 9 -8.34 10.07 -6.95
C SER A 9 -6.97 10.31 -6.31
N GLY A 10 -5.91 10.38 -7.12
CA GLY A 10 -4.53 10.64 -6.69
C GLY A 10 -3.79 9.37 -6.22
N VAL A 11 -2.66 9.06 -6.88
CA VAL A 11 -1.90 7.80 -6.70
C VAL A 11 -0.39 8.09 -6.61
N GLN A 12 0.25 7.74 -5.48
CA GLN A 12 1.73 7.79 -5.33
C GLN A 12 2.33 6.46 -4.86
N VAL A 13 3.28 5.94 -5.65
CA VAL A 13 3.98 4.67 -5.44
C VAL A 13 5.48 4.92 -5.32
N GLY A 14 6.06 4.57 -4.18
CA GLY A 14 7.47 4.76 -3.87
C GLY A 14 7.69 6.05 -3.08
N ASP A 15 7.99 7.14 -3.79
CA ASP A 15 8.23 8.50 -3.26
C ASP A 15 6.98 9.40 -3.22
N THR B 1 -10.97 -4.71 -8.80
CA THR B 1 -9.89 -4.64 -7.79
C THR B 1 -9.97 -3.37 -6.95
N ILE B 2 -9.96 -2.17 -7.55
CA ILE B 2 -10.12 -0.90 -6.79
C ILE B 2 -11.31 -0.12 -7.31
N TYR B 3 -12.22 0.25 -6.41
CA TYR B 3 -13.41 1.02 -6.72
C TYR B 3 -13.60 2.13 -5.67
N ASN B 4 -13.81 3.39 -6.09
CA ASN B 4 -14.00 4.54 -5.19
C ASN B 4 -12.89 4.64 -4.11
N SER B 5 -11.66 4.86 -4.56
CA SER B 5 -10.44 4.98 -3.76
C SER B 5 -9.93 6.43 -3.73
N THR B 6 -10.16 7.11 -2.62
CA THR B 6 -9.78 8.52 -2.43
C THR B 6 -8.36 8.61 -1.84
N GLY B 7 -7.39 9.13 -2.58
CA GLY B 7 -6.03 9.42 -2.12
C GLY B 7 -5.25 8.20 -1.62
N ILE B 8 -4.68 7.42 -2.55
CA ILE B 8 -3.94 6.19 -2.26
C ILE B 8 -2.43 6.33 -2.45
N GLN B 9 -1.68 5.93 -1.43
CA GLN B 9 -0.24 6.06 -1.42
C GLN B 9 0.49 4.98 -0.62
N ILE B 10 1.74 4.74 -1.03
CA ILE B 10 2.54 3.62 -0.53
C ILE B 10 4.05 3.86 -0.65
N GLY B 11 4.78 3.54 0.43
CA GLY B 11 6.21 3.73 0.62
C GLY B 11 6.47 4.83 1.65
N ALA B 12 7.06 5.94 1.21
CA ALA B 12 7.19 7.14 2.03
C ALA B 12 7.20 8.43 1.19
N TYR B 13 7.20 9.58 1.86
CA TYR B 13 7.21 10.90 1.22
C TYR B 13 8.12 11.85 2.01
N ASN B 14 9.20 12.33 1.38
CA ASN B 14 10.11 13.31 2.00
C ASN B 14 9.40 14.63 2.33
N TYR B 15 9.49 15.08 3.59
CA TYR B 15 8.97 16.36 4.07
C TYR B 15 10.04 17.09 4.88
N MET B 16 10.69 18.06 4.23
CA MET B 16 11.60 19.02 4.86
C MET B 16 10.88 20.37 5.03
N GLU B 17 11.12 21.03 6.15
CA GLU B 17 10.47 22.29 6.51
C GLU B 17 10.87 23.45 5.58
N ILE B 18 9.90 24.27 5.17
CA ILE B 18 10.05 25.38 4.21
C ILE B 18 10.68 26.62 4.88
N PRO C 1 19.52 13.43 -4.56
CA PRO C 1 18.61 13.39 -3.38
C PRO C 1 18.79 12.08 -2.57
N LEU C 2 17.98 11.90 -1.52
CA LEU C 2 18.00 10.75 -0.59
C LEU C 2 16.66 9.99 -0.51
N VAL C 3 15.82 10.19 -1.53
CA VAL C 3 14.43 9.72 -1.60
C VAL C 3 14.17 8.97 -2.93
N ASN C 4 14.54 7.68 -2.95
CA ASN C 4 14.24 6.71 -4.00
C ASN C 4 13.86 5.32 -3.45
N ILE C 5 13.61 4.42 -4.38
CA ILE C 5 13.18 3.04 -4.21
C ILE C 5 14.29 2.10 -4.69
N TYR C 6 14.95 1.42 -3.76
CA TYR C 6 16.07 0.51 -4.01
C TYR C 6 15.85 -0.86 -3.37
N ASN C 7 16.40 -1.90 -4.00
CA ASN C 7 16.28 -3.31 -3.62
C ASN C 7 14.80 -3.75 -3.43
N CYS C 8 13.92 -3.25 -4.31
CA CYS C 8 12.49 -3.55 -4.37
C CYS C 8 12.23 -4.78 -5.27
N SER C 9 11.92 -5.93 -4.67
CA SER C 9 11.77 -7.23 -5.35
C SER C 9 10.29 -7.57 -5.62
N GLY C 10 9.79 -7.19 -6.80
CA GLY C 10 8.42 -7.46 -7.25
C GLY C 10 7.38 -6.43 -6.76
N VAL C 11 6.70 -5.76 -7.70
CA VAL C 11 5.82 -4.60 -7.44
C VAL C 11 4.50 -4.74 -8.21
N GLN C 12 3.36 -4.84 -7.51
CA GLN C 12 2.01 -4.79 -8.11
C GLN C 12 1.14 -3.67 -7.53
N VAL C 13 0.88 -2.65 -8.35
CA VAL C 13 0.01 -1.51 -8.05
C VAL C 13 -1.35 -1.73 -8.68
N GLY C 14 -2.33 -2.04 -7.85
CA GLY C 14 -3.74 -2.19 -8.20
C GLY C 14 -4.16 -3.63 -8.36
N ASP C 15 -4.08 -4.15 -9.60
CA ASP C 15 -4.45 -5.52 -9.99
C ASP C 15 -3.37 -6.60 -9.74
N THR D 1 13.31 6.53 0.72
CA THR D 1 11.86 6.23 0.88
C THR D 1 11.61 4.74 0.98
N ILE D 2 12.03 3.92 0.00
CA ILE D 2 11.92 2.46 0.12
C ILE D 2 13.31 1.82 -0.04
N TYR D 3 13.71 1.04 0.97
CA TYR D 3 14.97 0.30 0.99
C TYR D 3 14.76 -1.14 1.49
N ASN D 4 15.34 -2.12 0.79
CA ASN D 4 15.22 -3.57 1.08
C ASN D 4 13.76 -4.00 1.31
N SER D 5 12.99 -4.06 0.22
CA SER D 5 11.54 -4.23 0.17
C SER D 5 11.16 -5.47 -0.63
N THR D 6 10.86 -6.56 0.09
CA THR D 6 10.59 -7.88 -0.50
C THR D 6 9.09 -8.02 -0.79
N GLY D 7 8.70 -8.11 -2.06
CA GLY D 7 7.32 -8.41 -2.51
C GLY D 7 6.27 -7.41 -2.03
N ILE D 8 6.15 -6.27 -2.74
CA ILE D 8 5.24 -5.17 -2.37
C ILE D 8 4.04 -5.06 -3.31
N GLN D 9 2.85 -5.02 -2.71
CA GLN D 9 1.60 -4.98 -3.45
C GLN D 9 0.47 -4.27 -2.71
N ILE D 10 -0.45 -3.74 -3.52
CA ILE D 10 -1.51 -2.86 -3.04
C ILE D 10 -2.74 -2.88 -3.95
N GLY D 11 -3.93 -2.84 -3.35
CA GLY D 11 -5.23 -2.95 -3.99
C GLY D 11 -5.82 -4.35 -3.77
N ALA D 12 -6.00 -5.11 -4.85
CA ALA D 12 -6.45 -6.50 -4.79
C ALA D 12 -6.05 -7.33 -6.02
N TYR D 13 -5.75 -8.61 -5.82
CA TYR D 13 -5.36 -9.55 -6.87
C TYR D 13 -6.46 -10.60 -7.07
N ASN D 14 -7.04 -10.66 -8.28
CA ASN D 14 -8.09 -11.62 -8.60
C ASN D 14 -7.58 -13.08 -8.56
N TYR D 15 -8.35 -13.97 -7.95
CA TYR D 15 -8.08 -15.41 -7.95
C TYR D 15 -9.36 -16.24 -8.16
N MET D 16 -9.39 -16.92 -9.30
CA MET D 16 -10.36 -17.96 -9.64
C MET D 16 -9.65 -19.31 -9.70
N GLU D 17 -10.31 -20.36 -9.20
CA GLU D 17 -9.76 -21.71 -9.11
C GLU D 17 -9.51 -22.34 -10.51
N ILE D 18 -8.34 -22.97 -10.70
CA ILE D 18 -7.91 -23.57 -11.98
C ILE D 18 -8.70 -24.82 -12.39
N PRO E 1 -15.37 -15.79 -3.16
CA PRO E 1 -14.70 -16.11 -4.45
C PRO E 1 -13.62 -15.08 -4.81
N LEU E 2 -14.03 -13.90 -5.28
CA LEU E 2 -13.24 -12.78 -5.76
C LEU E 2 -13.51 -11.57 -4.86
N VAL E 3 -12.45 -10.95 -4.36
CA VAL E 3 -12.50 -9.84 -3.39
C VAL E 3 -11.78 -8.58 -3.93
N ASN E 4 -12.04 -7.43 -3.32
CA ASN E 4 -11.56 -6.10 -3.75
C ASN E 4 -11.60 -5.09 -2.60
N ILE E 5 -11.23 -3.85 -2.93
CA ILE E 5 -11.24 -2.68 -2.06
C ILE E 5 -12.17 -1.61 -2.62
N TYR E 6 -13.35 -1.49 -2.02
CA TYR E 6 -14.41 -0.54 -2.40
C TYR E 6 -14.73 0.45 -1.28
N ASN E 7 -15.03 1.69 -1.67
CA ASN E 7 -15.37 2.82 -0.80
C ASN E 7 -14.30 3.01 0.30
N CYS E 8 -13.12 3.42 -0.14
CA CYS E 8 -11.90 3.51 0.66
C CYS E 8 -11.38 4.95 0.72
N SER E 9 -11.74 5.67 1.78
CA SER E 9 -11.49 7.11 1.95
C SER E 9 -10.17 7.39 2.68
N GLY E 10 -9.09 7.65 1.94
CA GLY E 10 -7.75 7.98 2.45
C GLY E 10 -6.92 6.75 2.78
N VAL E 11 -5.85 6.49 2.01
CA VAL E 11 -4.99 5.28 2.13
C VAL E 11 -3.50 5.64 2.17
N GLN E 12 -2.84 5.49 3.34
CA GLN E 12 -1.37 5.70 3.48
C GLN E 12 -0.64 4.47 4.07
N VAL E 13 0.29 3.93 3.30
CA VAL E 13 1.09 2.73 3.63
C VAL E 13 2.56 3.09 3.81
N GLY E 14 3.10 2.92 5.02
CA GLY E 14 4.50 3.19 5.38
C GLY E 14 4.58 4.50 6.16
N ASP E 15 4.89 5.61 5.46
CA ASP E 15 4.79 6.97 6.04
C ASP E 15 3.35 7.50 6.21
N THR F 1 -10.31 -8.19 1.06
CA THR F 1 -11.69 -7.66 1.10
C THR F 1 -11.77 -6.45 2.00
N ILE F 2 -12.10 -5.29 1.44
CA ILE F 2 -12.35 -4.02 2.14
C ILE F 2 -13.64 -3.40 1.60
N TYR F 3 -14.58 -3.12 2.50
CA TYR F 3 -15.82 -2.40 2.23
C TYR F 3 -16.04 -1.30 3.27
N ASN F 4 -16.46 -0.11 2.82
CA ASN F 4 -16.74 1.09 3.64
C ASN F 4 -15.60 1.50 4.60
N SER F 5 -14.35 1.45 4.13
CA SER F 5 -13.18 1.91 4.90
C SER F 5 -13.05 3.43 4.97
N THR F 6 -13.00 3.96 6.20
CA THR F 6 -12.84 5.39 6.51
C THR F 6 -11.50 5.65 7.23
N GLY F 7 -10.52 6.19 6.49
CA GLY F 7 -9.20 6.60 6.99
C GLY F 7 -8.29 5.43 7.34
N ILE F 8 -7.87 4.65 6.33
CA ILE F 8 -6.97 3.51 6.50
C ILE F 8 -5.50 3.90 6.33
N GLN F 9 -4.71 3.56 7.32
CA GLN F 9 -3.27 3.76 7.26
C GLN F 9 -2.52 2.74 8.10
N ILE F 10 -1.21 2.68 7.88
CA ILE F 10 -0.33 1.69 8.50
C ILE F 10 1.15 2.12 8.46
N GLY F 11 1.89 1.73 9.50
CA GLY F 11 3.28 2.13 9.76
C GLY F 11 3.34 3.21 10.83
N ALA F 12 3.78 4.41 10.46
CA ALA F 12 3.80 5.61 11.31
C ALA F 12 3.85 6.90 10.46
N TYR F 13 3.50 8.05 11.04
CA TYR F 13 3.45 9.34 10.34
C TYR F 13 4.27 10.40 11.09
N ASN F 14 5.28 10.97 10.44
CA ASN F 14 6.14 12.02 11.02
C ASN F 14 5.38 13.34 11.28
N TYR F 15 5.47 13.86 12.50
CA TYR F 15 4.84 15.13 12.92
C TYR F 15 5.81 15.98 13.76
N MET F 16 6.58 16.83 13.08
CA MET F 16 7.34 17.91 13.71
C MET F 16 6.43 19.14 13.91
N GLU F 17 6.63 19.88 15.00
CA GLU F 17 5.88 21.11 15.33
C GLU F 17 6.18 22.25 14.32
N ILE F 18 5.19 23.10 14.02
CA ILE F 18 5.25 24.16 12.99
C ILE F 18 6.28 25.28 13.28
N PRO G 1 13.22 14.18 8.58
CA PRO G 1 14.05 13.73 7.43
C PRO G 1 14.19 12.21 7.31
N LEU G 2 14.68 11.50 8.35
CA LEU G 2 14.86 10.04 8.38
C LEU G 2 13.52 9.30 8.54
N VAL G 3 12.69 9.30 7.47
CA VAL G 3 11.31 8.81 7.45
C VAL G 3 11.06 7.97 6.20
N ASN G 4 11.22 6.65 6.32
CA ASN G 4 11.13 5.66 5.25
C ASN G 4 10.80 4.26 5.78
N ILE G 5 10.66 3.35 4.84
CA ILE G 5 10.42 1.94 5.05
C ILE G 5 11.68 1.14 4.65
N TYR G 6 12.39 0.66 5.67
CA TYR G 6 13.60 -0.16 5.54
C TYR G 6 13.39 -1.57 6.09
N ASN G 7 14.00 -2.57 5.43
CA ASN G 7 13.98 -3.99 5.79
C ASN G 7 12.55 -4.49 6.04
N CYS G 8 11.74 -4.45 4.98
CA CYS G 8 10.30 -4.78 4.98
C CYS G 8 10.06 -6.05 4.15
N SER G 9 9.91 -7.19 4.85
CA SER G 9 9.79 -8.53 4.26
C SER G 9 8.32 -8.94 4.06
N GLY G 10 7.78 -8.76 2.85
CA GLY G 10 6.42 -9.14 2.46
C GLY G 10 5.38 -8.06 2.80
N VAL G 11 4.77 -7.42 1.78
CA VAL G 11 3.87 -6.27 1.92
C VAL G 11 2.58 -6.45 1.09
N GLN G 12 1.43 -6.72 1.73
CA GLN G 12 0.11 -6.77 1.06
C GLN G 12 -0.93 -5.81 1.66
N VAL G 13 -1.46 -4.92 0.83
CA VAL G 13 -2.42 -3.87 1.22
C VAL G 13 -3.79 -4.06 0.54
N GLY G 14 -4.82 -4.41 1.31
CA GLY G 14 -6.22 -4.46 0.91
C GLY G 14 -6.76 -5.90 0.88
N ASP G 15 -6.52 -6.61 -0.23
CA ASP G 15 -6.57 -8.08 -0.26
C ASP G 15 -5.39 -8.79 0.46
N THR H 1 9.91 5.74 9.87
CA THR H 1 8.57 5.11 10.03
C THR H 1 8.69 3.61 10.25
N ILE H 2 9.09 2.81 9.25
CA ILE H 2 9.16 1.35 9.35
C ILE H 2 10.62 0.90 9.29
N TYR H 3 11.03 0.14 10.30
CA TYR H 3 12.32 -0.57 10.38
C TYR H 3 12.09 -2.01 10.84
N ASN H 4 12.88 -2.95 10.32
CA ASN H 4 12.86 -4.39 10.62
C ASN H 4 11.43 -5.02 10.65
N SER H 5 10.60 -4.70 9.65
CA SER H 5 9.24 -5.23 9.50
C SER H 5 9.23 -6.63 8.86
N THR H 6 8.62 -7.59 9.55
CA THR H 6 8.54 -9.01 9.14
C THR H 6 7.08 -9.41 8.92
N GLY H 7 6.66 -9.46 7.65
CA GLY H 7 5.32 -9.88 7.21
C GLY H 7 4.23 -8.87 7.53
N ILE H 8 4.25 -7.72 6.86
CA ILE H 8 3.24 -6.67 7.01
C ILE H 8 2.10 -6.80 6.02
N GLN H 9 0.89 -6.85 6.56
CA GLN H 9 -0.32 -6.85 5.76
C GLN H 9 -1.47 -6.14 6.46
N ILE H 10 -2.47 -5.81 5.66
CA ILE H 10 -3.62 -5.03 6.12
C ILE H 10 -4.85 -5.27 5.24
N GLY H 11 -6.02 -5.26 5.87
CA GLY H 11 -7.30 -5.62 5.27
C GLY H 11 -7.63 -7.09 5.55
N ALA H 12 -7.90 -7.88 4.50
CA ALA H 12 -8.22 -9.31 4.65
C ALA H 12 -7.96 -10.12 3.36
N TYR H 13 -7.44 -11.34 3.50
CA TYR H 13 -7.01 -12.21 2.40
C TYR H 13 -8.01 -13.34 2.16
N ASN H 14 -8.49 -13.51 0.92
CA ASN H 14 -9.41 -14.59 0.54
C ASN H 14 -8.73 -15.98 0.60
N TYR H 15 -9.35 -16.94 1.30
CA TYR H 15 -8.87 -18.33 1.43
C TYR H 15 -10.02 -19.33 1.26
N MET H 16 -10.22 -19.80 0.02
CA MET H 16 -11.04 -20.97 -0.28
C MET H 16 -10.19 -22.26 -0.18
N GLU H 17 -10.81 -23.35 0.26
CA GLU H 17 -10.17 -24.66 0.39
C GLU H 17 -9.81 -25.26 -1.00
N ILE H 18 -8.74 -26.06 -1.07
CA ILE H 18 -8.12 -26.61 -2.30
C ILE H 18 -8.08 -28.15 -2.33
N PRO A 1 -17.96 -8.27 -12.38
CA PRO A 1 -16.70 -8.64 -11.70
C PRO A 1 -15.47 -8.59 -12.64
N LEU A 2 -14.54 -7.65 -12.40
CA LEU A 2 -13.28 -7.53 -13.17
C LEU A 2 -12.16 -6.93 -12.30
N VAL A 3 -10.91 -7.28 -12.58
CA VAL A 3 -9.72 -6.83 -11.85
C VAL A 3 -9.17 -5.51 -12.43
N ASN A 4 -9.85 -4.40 -12.13
CA ASN A 4 -9.48 -3.03 -12.50
C ASN A 4 -9.58 -2.05 -11.31
N ILE A 5 -9.28 -0.78 -11.60
CA ILE A 5 -9.21 0.35 -10.68
C ILE A 5 -10.11 1.50 -11.16
N TYR A 6 -11.14 1.84 -10.37
CA TYR A 6 -12.12 2.89 -10.64
C TYR A 6 -12.21 3.88 -9.46
N ASN A 7 -12.40 5.17 -9.80
CA ASN A 7 -12.40 6.32 -8.88
C ASN A 7 -11.19 6.30 -7.92
N CYS A 8 -9.99 6.57 -8.48
CA CYS A 8 -8.68 6.47 -7.83
C CYS A 8 -7.94 7.82 -7.83
N SER A 9 -8.07 8.61 -6.76
CA SER A 9 -7.41 9.94 -6.68
C SER A 9 -6.00 9.89 -6.07
N GLY A 10 -5.17 10.87 -6.43
CA GLY A 10 -3.82 11.14 -5.89
C GLY A 10 -2.91 9.93 -5.68
N VAL A 11 -2.67 9.14 -6.75
CA VAL A 11 -1.94 7.86 -6.70
C VAL A 11 -0.42 8.07 -6.67
N GLN A 12 0.24 7.62 -5.59
CA GLN A 12 1.71 7.67 -5.45
C GLN A 12 2.33 6.33 -4.99
N VAL A 13 3.42 5.92 -5.66
CA VAL A 13 4.08 4.62 -5.48
C VAL A 13 5.58 4.78 -5.21
N GLY A 14 6.01 4.42 -4.00
CA GLY A 14 7.36 4.59 -3.48
C GLY A 14 7.51 5.94 -2.77
N ASP A 15 7.71 7.00 -3.56
CA ASP A 15 7.76 8.41 -3.16
C ASP A 15 6.37 9.06 -2.87
N THR B 1 -11.69 -4.50 -8.73
CA THR B 1 -10.74 -4.59 -7.58
C THR B 1 -10.74 -3.35 -6.72
N ILE B 2 -10.21 -2.23 -7.22
CA ILE B 2 -10.16 -0.96 -6.49
C ILE B 2 -11.39 -0.14 -6.86
N TYR B 3 -12.22 0.17 -5.87
CA TYR B 3 -13.47 0.91 -6.06
C TYR B 3 -13.63 2.01 -5.01
N ASN B 4 -13.67 3.27 -5.45
CA ASN B 4 -13.73 4.47 -4.60
C ASN B 4 -12.53 4.55 -3.63
N SER B 5 -11.34 4.71 -4.22
CA SER B 5 -10.03 4.84 -3.56
C SER B 5 -9.57 6.29 -3.55
N THR B 6 -9.74 6.95 -2.40
CA THR B 6 -9.46 8.39 -2.25
C THR B 6 -8.06 8.61 -1.67
N GLY B 7 -7.14 9.20 -2.45
CA GLY B 7 -5.77 9.53 -2.01
C GLY B 7 -4.93 8.31 -1.61
N ILE B 8 -4.72 7.39 -2.56
CA ILE B 8 -3.92 6.16 -2.38
C ILE B 8 -2.41 6.41 -2.49
N GLN B 9 -1.66 5.94 -1.51
CA GLN B 9 -0.21 6.07 -1.48
C GLN B 9 0.48 4.96 -0.68
N ILE B 10 1.58 4.46 -1.24
CA ILE B 10 2.30 3.28 -0.76
C ILE B 10 3.81 3.56 -0.65
N GLY B 11 4.33 3.55 0.58
CA GLY B 11 5.73 3.76 0.94
C GLY B 11 5.93 4.92 1.92
N ALA B 12 6.45 6.04 1.40
CA ALA B 12 6.61 7.25 2.19
C ALA B 12 6.91 8.50 1.34
N TYR B 13 6.88 9.69 1.95
CA TYR B 13 7.34 10.91 1.30
C TYR B 13 7.88 11.93 2.31
N ASN B 14 8.88 12.70 1.90
CA ASN B 14 9.33 13.89 2.63
C ASN B 14 10.06 14.89 1.72
N TYR B 15 10.33 16.09 2.24
CA TYR B 15 11.14 17.13 1.61
C TYR B 15 11.88 17.94 2.67
N MET B 16 13.16 18.27 2.40
CA MET B 16 13.97 19.18 3.23
C MET B 16 14.17 20.53 2.54
N GLU B 17 14.35 21.58 3.34
CA GLU B 17 14.48 22.97 2.88
C GLU B 17 15.58 23.69 3.70
N ILE B 18 16.65 24.13 3.02
CA ILE B 18 17.85 24.77 3.60
C ILE B 18 18.15 26.16 3.01
N PRO C 1 20.13 11.14 -0.11
CA PRO C 1 19.76 9.93 -0.89
C PRO C 1 18.55 9.12 -0.35
N LEU C 2 17.88 9.54 0.75
CA LEU C 2 16.82 8.77 1.40
C LEU C 2 15.40 9.00 0.79
N VAL C 3 15.29 9.40 -0.49
CA VAL C 3 14.03 9.79 -1.18
C VAL C 3 13.59 8.84 -2.33
N ASN C 4 14.26 7.70 -2.52
CA ASN C 4 14.04 6.74 -3.62
C ASN C 4 13.67 5.33 -3.12
N ILE C 5 13.70 4.36 -4.03
CA ILE C 5 13.30 2.96 -3.81
C ILE C 5 14.44 2.00 -4.22
N TYR C 6 14.95 1.24 -3.25
CA TYR C 6 16.05 0.29 -3.40
C TYR C 6 15.66 -1.11 -2.86
N ASN C 7 16.15 -2.15 -3.54
CA ASN C 7 15.85 -3.56 -3.31
C ASN C 7 14.32 -3.82 -3.16
N CYS C 8 13.60 -3.62 -4.27
CA CYS C 8 12.13 -3.70 -4.38
C CYS C 8 11.70 -4.86 -5.30
N SER C 9 11.23 -5.98 -4.74
CA SER C 9 10.79 -7.14 -5.53
C SER C 9 9.26 -7.21 -5.71
N GLY C 10 8.82 -7.85 -6.80
CA GLY C 10 7.43 -8.16 -7.16
C GLY C 10 6.42 -7.02 -6.96
N VAL C 11 6.66 -5.86 -7.59
CA VAL C 11 5.91 -4.60 -7.42
C VAL C 11 4.60 -4.61 -8.22
N GLN C 12 3.45 -4.60 -7.54
CA GLN C 12 2.11 -4.54 -8.15
C GLN C 12 1.21 -3.45 -7.55
N VAL C 13 0.51 -2.71 -8.42
CA VAL C 13 -0.29 -1.52 -8.08
C VAL C 13 -1.69 -1.60 -8.67
N GLY C 14 -2.70 -1.73 -7.80
CA GLY C 14 -4.10 -1.92 -8.14
C GLY C 14 -4.43 -3.41 -8.22
N ASP C 15 -4.06 -4.03 -9.34
CA ASP C 15 -4.11 -5.48 -9.63
C ASP C 15 -2.99 -6.32 -8.95
N THR D 1 13.76 6.21 0.59
CA THR D 1 12.39 6.03 1.13
C THR D 1 12.11 4.58 1.38
N ILE D 2 12.16 3.75 0.34
CA ILE D 2 11.90 2.32 0.41
C ILE D 2 13.24 1.59 0.39
N TYR D 3 13.53 0.84 1.45
CA TYR D 3 14.75 0.05 1.57
C TYR D 3 14.43 -1.38 1.99
N ASN D 4 14.83 -2.35 1.15
CA ASN D 4 14.61 -3.78 1.35
C ASN D 4 13.10 -4.10 1.48
N SER D 5 12.37 -3.90 0.38
CA SER D 5 10.92 -4.11 0.23
C SER D 5 10.63 -5.38 -0.56
N THR D 6 10.34 -6.47 0.14
CA THR D 6 10.11 -7.77 -0.52
C THR D 6 8.61 -7.95 -0.86
N GLY D 7 8.31 -8.34 -2.10
CA GLY D 7 6.97 -8.60 -2.62
C GLY D 7 5.93 -7.51 -2.30
N ILE D 8 6.21 -6.26 -2.69
CA ILE D 8 5.34 -5.10 -2.47
C ILE D 8 4.10 -5.09 -3.38
N GLN D 9 2.92 -5.03 -2.77
CA GLN D 9 1.66 -4.99 -3.49
C GLN D 9 0.56 -4.21 -2.75
N ILE D 10 -0.13 -3.37 -3.50
CA ILE D 10 -1.12 -2.41 -3.01
C ILE D 10 -2.43 -2.54 -3.79
N GLY D 11 -3.49 -3.00 -3.11
CA GLY D 11 -4.83 -3.16 -3.65
C GLY D 11 -5.39 -4.56 -3.44
N ALA D 12 -5.53 -5.31 -4.54
CA ALA D 12 -5.95 -6.70 -4.50
C ALA D 12 -5.69 -7.46 -5.81
N TYR D 13 -5.76 -8.79 -5.77
CA TYR D 13 -5.71 -9.63 -6.98
C TYR D 13 -6.51 -10.92 -6.81
N ASN D 14 -7.02 -11.44 -7.92
CA ASN D 14 -7.64 -12.75 -8.03
C ASN D 14 -7.69 -13.19 -9.51
N TYR D 15 -8.20 -14.40 -9.76
CA TYR D 15 -8.52 -14.90 -11.09
C TYR D 15 -9.61 -16.00 -10.99
N MET D 16 -10.46 -16.09 -12.01
CA MET D 16 -11.49 -17.13 -12.15
C MET D 16 -11.19 -18.07 -13.32
N GLU D 17 -11.59 -19.33 -13.19
CA GLU D 17 -11.34 -20.40 -14.16
C GLU D 17 -12.59 -21.27 -14.33
N ILE D 18 -13.12 -21.34 -15.57
CA ILE D 18 -14.34 -22.07 -15.97
C ILE D 18 -14.29 -23.57 -15.64
N PRO E 1 -17.48 -9.30 -3.00
CA PRO E 1 -16.70 -9.46 -4.27
C PRO E 1 -15.48 -10.38 -4.08
N LEU E 2 -14.85 -10.82 -5.18
CA LEU E 2 -13.66 -11.68 -5.24
C LEU E 2 -12.38 -11.00 -4.67
N VAL E 3 -12.22 -10.99 -3.34
CA VAL E 3 -11.09 -10.42 -2.58
C VAL E 3 -10.61 -9.06 -3.10
N ASN E 4 -11.36 -8.00 -2.79
CA ASN E 4 -11.23 -6.63 -3.33
C ASN E 4 -11.37 -5.54 -2.23
N ILE E 5 -11.31 -4.27 -2.65
CA ILE E 5 -11.35 -3.09 -1.79
C ILE E 5 -12.35 -2.03 -2.31
N TYR E 6 -13.52 -1.99 -1.66
CA TYR E 6 -14.62 -1.06 -1.95
C TYR E 6 -14.79 -0.03 -0.83
N ASN E 7 -15.00 1.23 -1.23
CA ASN E 7 -15.14 2.42 -0.37
C ASN E 7 -13.95 2.53 0.60
N CYS E 8 -12.81 2.99 0.09
CA CYS E 8 -11.51 3.06 0.79
C CYS E 8 -10.94 4.49 0.74
N SER E 9 -11.29 5.33 1.71
CA SER E 9 -10.79 6.72 1.78
C SER E 9 -9.44 6.84 2.51
N GLY E 10 -8.69 7.90 2.16
CA GLY E 10 -7.38 8.30 2.70
C GLY E 10 -6.38 7.17 2.94
N VAL E 11 -5.96 6.46 1.88
CA VAL E 11 -5.17 5.21 1.98
C VAL E 11 -3.65 5.45 2.00
N GLN E 12 -3.01 5.32 3.17
CA GLN E 12 -1.56 5.54 3.34
C GLN E 12 -0.80 4.36 3.98
N VAL E 13 0.29 3.93 3.35
CA VAL E 13 1.03 2.72 3.77
C VAL E 13 2.50 3.02 4.07
N GLY E 14 2.91 2.95 5.33
CA GLY E 14 4.25 3.21 5.84
C GLY E 14 4.29 4.54 6.59
N ASP E 15 4.38 5.63 5.81
CA ASP E 15 3.97 6.99 6.20
C ASP E 15 2.45 7.15 6.49
N THR F 1 -13.46 -8.64 0.90
CA THR F 1 -12.35 -8.31 1.83
C THR F 1 -12.56 -6.96 2.49
N ILE F 2 -12.11 -5.85 1.89
CA ILE F 2 -12.27 -4.50 2.46
C ILE F 2 -13.59 -3.89 1.98
N TYR F 3 -14.45 -3.55 2.92
CA TYR F 3 -15.75 -2.93 2.70
C TYR F 3 -15.98 -1.85 3.78
N ASN F 4 -16.43 -0.65 3.37
CA ASN F 4 -16.54 0.55 4.21
C ASN F 4 -15.28 0.85 5.06
N SER F 5 -14.18 1.17 4.37
CA SER F 5 -12.89 1.55 4.94
C SER F 5 -12.71 3.08 4.93
N THR F 6 -12.96 3.71 6.08
CA THR F 6 -12.82 5.16 6.28
C THR F 6 -11.46 5.51 6.90
N GLY F 7 -10.60 6.20 6.14
CA GLY F 7 -9.29 6.70 6.56
C GLY F 7 -8.27 5.61 6.94
N ILE F 8 -8.06 4.61 6.08
CA ILE F 8 -7.11 3.50 6.32
C ILE F 8 -5.65 3.94 6.21
N GLN F 9 -4.89 3.66 7.25
CA GLN F 9 -3.45 3.83 7.24
C GLN F 9 -2.77 2.77 8.09
N ILE F 10 -1.53 2.43 7.74
CA ILE F 10 -0.74 1.39 8.39
C ILE F 10 0.71 1.87 8.57
N GLY F 11 1.18 1.94 9.81
CA GLY F 11 2.49 2.49 10.18
C GLY F 11 2.35 3.73 11.06
N ALA F 12 3.10 4.79 10.75
CA ALA F 12 3.06 6.05 11.51
C ALA F 12 3.51 7.25 10.66
N TYR F 13 3.05 8.44 11.04
CA TYR F 13 3.30 9.69 10.32
C TYR F 13 3.67 10.84 11.27
N ASN F 14 4.56 11.72 10.82
CA ASN F 14 4.91 12.96 11.53
C ASN F 14 5.51 14.01 10.59
N TYR F 15 5.59 15.25 11.06
CA TYR F 15 6.31 16.35 10.41
C TYR F 15 6.94 17.28 11.48
N MET F 16 8.09 17.89 11.14
CA MET F 16 8.78 18.89 11.98
C MET F 16 8.87 20.22 11.23
N GLU F 17 8.90 21.32 12.00
CA GLU F 17 8.88 22.69 11.48
C GLU F 17 9.85 23.58 12.27
N ILE F 18 10.90 24.07 11.60
CA ILE F 18 11.98 24.92 12.14
C ILE F 18 12.31 26.08 11.17
N PRO G 1 10.87 14.82 8.35
CA PRO G 1 12.34 14.60 8.34
C PRO G 1 12.76 13.13 8.11
N LEU G 2 12.25 12.17 8.92
CA LEU G 2 12.71 10.77 8.99
C LEU G 2 11.55 9.76 8.83
N VAL G 3 10.58 10.10 7.98
CA VAL G 3 9.37 9.31 7.69
C VAL G 3 9.58 8.43 6.43
N ASN G 4 10.16 7.24 6.61
CA ASN G 4 10.49 6.23 5.58
C ASN G 4 10.31 4.78 6.10
N ILE G 5 10.64 3.81 5.25
CA ILE G 5 10.44 2.37 5.49
C ILE G 5 11.70 1.54 5.17
N TYR G 6 12.32 0.99 6.22
CA TYR G 6 13.51 0.14 6.15
C TYR G 6 13.22 -1.29 6.66
N ASN G 7 13.74 -2.30 5.94
CA ASN G 7 13.58 -3.72 6.19
C ASN G 7 12.10 -4.12 6.31
N CYS G 8 11.40 -4.16 5.17
CA CYS G 8 9.96 -4.40 5.05
C CYS G 8 9.65 -5.61 4.14
N SER G 9 9.60 -6.80 4.72
CA SER G 9 9.30 -8.02 3.97
C SER G 9 7.79 -8.26 3.79
N GLY G 10 7.43 -8.97 2.71
CA GLY G 10 6.09 -9.42 2.32
C GLY G 10 4.97 -8.40 2.52
N VAL G 11 5.01 -7.28 1.78
CA VAL G 11 4.16 -6.09 1.96
C VAL G 11 2.86 -6.19 1.15
N GLN G 12 1.72 -6.48 1.80
CA GLN G 12 0.40 -6.58 1.14
C GLN G 12 -0.68 -5.68 1.75
N VAL G 13 -1.36 -4.91 0.91
CA VAL G 13 -2.34 -3.91 1.35
C VAL G 13 -3.71 -4.12 0.72
N GLY G 14 -4.71 -4.49 1.53
CA GLY G 14 -6.09 -4.79 1.14
C GLY G 14 -6.30 -6.31 1.15
N ASP G 15 -5.91 -6.96 0.06
CA ASP G 15 -5.61 -8.41 0.01
C ASP G 15 -4.42 -8.87 0.89
N THR H 1 10.15 6.01 10.17
CA THR H 1 8.84 5.52 10.68
C THR H 1 8.83 4.00 10.80
N ILE H 2 8.82 3.25 9.69
CA ILE H 2 8.87 1.78 9.74
C ILE H 2 10.33 1.31 9.79
N TYR H 3 10.65 0.54 10.84
CA TYR H 3 11.90 -0.20 11.02
C TYR H 3 11.59 -1.66 11.38
N ASN H 4 12.39 -2.61 10.87
CA ASN H 4 12.24 -4.06 11.05
C ASN H 4 10.79 -4.59 10.99
N SER H 5 10.12 -4.39 9.84
CA SER H 5 8.78 -4.93 9.54
C SER H 5 8.86 -6.27 8.80
N THR H 6 8.74 -7.37 9.56
CA THR H 6 8.70 -8.74 9.02
C THR H 6 7.28 -9.19 8.70
N GLY H 7 6.94 -9.29 7.41
CA GLY H 7 5.65 -9.78 6.91
C GLY H 7 4.46 -8.85 7.19
N ILE H 8 4.55 -7.58 6.78
CA ILE H 8 3.49 -6.58 6.96
C ILE H 8 2.30 -6.77 6.00
N GLN H 9 1.12 -6.92 6.58
CA GLN H 9 -0.12 -6.94 5.82
C GLN H 9 -1.24 -6.23 6.58
N ILE H 10 -2.12 -5.57 5.82
CA ILE H 10 -3.24 -4.77 6.34
C ILE H 10 -4.51 -5.11 5.55
N GLY H 11 -5.50 -5.67 6.25
CA GLY H 11 -6.75 -6.15 5.65
C GLY H 11 -6.97 -7.64 5.92
N ALA H 12 -7.28 -8.40 4.87
CA ALA H 12 -7.49 -9.86 4.97
C ALA H 12 -7.21 -10.56 3.64
N TYR H 13 -7.05 -11.88 3.67
CA TYR H 13 -6.79 -12.69 2.47
C TYR H 13 -7.43 -14.07 2.53
N ASN H 14 -7.87 -14.59 1.39
CA ASN H 14 -8.39 -15.95 1.24
C ASN H 14 -8.32 -16.43 -0.22
N TYR H 15 -8.50 -17.74 -0.42
CA TYR H 15 -8.66 -18.38 -1.73
C TYR H 15 -9.57 -19.60 -1.62
N MET H 16 -10.45 -19.80 -2.62
CA MET H 16 -11.34 -20.97 -2.75
C MET H 16 -10.87 -21.88 -3.88
N GLU H 17 -11.13 -23.19 -3.75
CA GLU H 17 -10.70 -24.24 -4.67
C GLU H 17 -11.83 -25.28 -4.85
N ILE H 18 -12.39 -25.33 -6.08
CA ILE H 18 -13.51 -26.21 -6.49
C ILE H 18 -13.10 -27.69 -6.46
N PRO A 1 -15.27 -11.85 -13.90
CA PRO A 1 -14.25 -11.22 -13.02
C PRO A 1 -13.38 -10.17 -13.76
N LEU A 2 -13.94 -8.98 -14.01
CA LEU A 2 -13.21 -7.82 -14.57
C LEU A 2 -12.70 -6.92 -13.43
N VAL A 3 -11.70 -7.42 -12.69
CA VAL A 3 -11.10 -6.74 -11.52
C VAL A 3 -10.11 -5.64 -11.93
N ASN A 4 -10.58 -4.39 -11.99
CA ASN A 4 -9.81 -3.19 -12.36
C ASN A 4 -9.74 -2.13 -11.24
N ILE A 5 -9.17 -0.98 -11.58
CA ILE A 5 -8.91 0.17 -10.72
C ILE A 5 -9.63 1.42 -11.27
N TYR A 6 -10.73 1.80 -10.61
CA TYR A 6 -11.56 2.95 -10.97
C TYR A 6 -11.77 3.90 -9.78
N ASN A 7 -12.02 5.18 -10.10
CA ASN A 7 -12.08 6.30 -9.16
C ASN A 7 -10.91 6.28 -8.16
N CYS A 8 -9.70 6.34 -8.70
CA CYS A 8 -8.42 6.21 -8.02
C CYS A 8 -7.63 7.54 -8.12
N SER A 9 -7.62 8.33 -7.05
CA SER A 9 -7.04 9.70 -7.04
C SER A 9 -5.67 9.76 -6.35
N GLY A 10 -4.81 10.70 -6.78
CA GLY A 10 -3.53 11.06 -6.16
C GLY A 10 -2.60 9.88 -5.85
N VAL A 11 -2.23 9.12 -6.88
CA VAL A 11 -1.53 7.82 -6.79
C VAL A 11 -0.01 8.00 -6.71
N GLN A 12 0.62 7.59 -5.58
CA GLN A 12 2.05 7.82 -5.32
C GLN A 12 2.78 6.54 -4.83
N VAL A 13 3.63 5.97 -5.70
CA VAL A 13 4.32 4.69 -5.47
C VAL A 13 5.80 4.92 -5.11
N GLY A 14 6.11 4.86 -3.83
CA GLY A 14 7.45 5.00 -3.23
C GLY A 14 7.61 6.30 -2.41
N ASP A 15 7.60 7.43 -3.13
CA ASP A 15 7.71 8.81 -2.66
C ASP A 15 6.74 9.76 -3.40
N THR B 1 -10.75 -4.67 -8.53
CA THR B 1 -9.76 -4.58 -7.41
C THR B 1 -10.00 -3.32 -6.60
N ILE B 2 -9.79 -2.14 -7.16
CA ILE B 2 -9.89 -0.87 -6.43
C ILE B 2 -11.06 -0.06 -6.98
N TYR B 3 -12.01 0.27 -6.10
CA TYR B 3 -13.13 1.17 -6.45
C TYR B 3 -13.33 2.22 -5.36
N ASN B 4 -13.39 3.49 -5.76
CA ASN B 4 -13.53 4.66 -4.89
C ASN B 4 -12.39 4.70 -3.85
N SER B 5 -11.17 4.96 -4.33
CA SER B 5 -9.92 5.01 -3.57
C SER B 5 -9.30 6.41 -3.66
N THR B 6 -9.48 7.22 -2.62
CA THR B 6 -9.25 8.68 -2.64
C THR B 6 -7.94 9.08 -1.97
N GLY B 7 -6.89 9.29 -2.76
CA GLY B 7 -5.57 9.69 -2.27
C GLY B 7 -4.80 8.48 -1.76
N ILE B 8 -4.27 7.68 -2.69
CA ILE B 8 -3.64 6.38 -2.42
C ILE B 8 -2.12 6.44 -2.62
N GLN B 9 -1.38 6.05 -1.58
CA GLN B 9 0.06 6.18 -1.59
C GLN B 9 0.76 5.19 -0.66
N ILE B 10 1.99 4.83 -1.02
CA ILE B 10 2.67 3.65 -0.48
C ILE B 10 4.19 3.86 -0.44
N GLY B 11 4.77 3.64 0.73
CA GLY B 11 6.13 3.99 1.10
C GLY B 11 6.12 5.11 2.16
N ALA B 12 6.60 6.29 1.79
CA ALA B 12 6.54 7.47 2.67
C ALA B 12 6.66 8.78 1.89
N TYR B 13 6.36 9.91 2.53
CA TYR B 13 6.58 11.26 1.99
C TYR B 13 7.17 12.19 3.05
N ASN B 14 8.09 13.07 2.67
CA ASN B 14 8.65 14.10 3.52
C ASN B 14 9.14 15.31 2.70
N TYR B 15 9.13 16.49 3.33
CA TYR B 15 9.67 17.74 2.79
C TYR B 15 10.23 18.57 3.94
N MET B 16 11.51 18.95 3.84
CA MET B 16 12.21 19.82 4.77
C MET B 16 12.80 21.00 4.01
N GLU B 17 12.58 22.21 4.51
CA GLU B 17 13.19 23.42 3.97
C GLU B 17 14.65 23.57 4.48
N ILE B 18 15.48 24.32 3.74
CA ILE B 18 16.90 24.61 4.04
C ILE B 18 17.21 26.11 4.05
N PRO C 1 21.22 10.23 2.76
CA PRO C 1 20.44 10.43 1.51
C PRO C 1 19.65 9.17 1.09
N LEU C 2 18.48 8.94 1.70
CA LEU C 2 17.64 7.75 1.53
C LEU C 2 16.18 8.12 1.18
N VAL C 3 15.96 8.61 -0.05
CA VAL C 3 14.65 9.15 -0.52
C VAL C 3 14.05 8.43 -1.74
N ASN C 4 14.78 7.50 -2.34
CA ASN C 4 14.36 6.69 -3.50
C ASN C 4 13.78 5.33 -3.09
N ILE C 5 13.65 4.42 -4.06
CA ILE C 5 13.06 3.08 -3.93
C ILE C 5 14.04 2.03 -4.44
N TYR C 6 14.76 1.40 -3.51
CA TYR C 6 15.79 0.39 -3.79
C TYR C 6 15.41 -1.00 -3.26
N ASN C 7 15.91 -2.04 -3.94
CA ASN C 7 15.63 -3.45 -3.70
C ASN C 7 14.12 -3.73 -3.50
N CYS C 8 13.35 -3.32 -4.52
CA CYS C 8 11.89 -3.34 -4.57
C CYS C 8 11.42 -4.43 -5.57
N SER C 9 11.03 -5.60 -5.07
CA SER C 9 10.68 -6.78 -5.90
C SER C 9 9.17 -6.97 -6.06
N GLY C 10 8.74 -7.56 -7.18
CA GLY C 10 7.37 -8.00 -7.47
C GLY C 10 6.28 -6.95 -7.23
N VAL C 11 6.38 -5.80 -7.91
CA VAL C 11 5.59 -4.59 -7.67
C VAL C 11 4.25 -4.60 -8.42
N GLN C 12 3.12 -4.61 -7.70
CA GLN C 12 1.78 -4.76 -8.27
C GLN C 12 0.79 -3.70 -7.74
N VAL C 13 0.52 -2.67 -8.55
CA VAL C 13 -0.34 -1.53 -8.23
C VAL C 13 -1.75 -1.75 -8.78
N GLY C 14 -2.69 -2.12 -7.91
CA GLY C 14 -4.07 -2.49 -8.21
C GLY C 14 -4.29 -4.00 -8.12
N ASP C 15 -3.90 -4.72 -9.18
CA ASP C 15 -4.04 -6.18 -9.39
C ASP C 15 -2.73 -6.85 -9.82
N THR D 1 11.12 6.48 -1.04
CA THR D 1 11.42 6.39 0.40
C THR D 1 11.29 4.95 0.95
N ILE D 2 11.84 3.98 0.21
CA ILE D 2 11.75 2.53 0.43
C ILE D 2 13.13 1.87 0.23
N TYR D 3 13.50 0.94 1.11
CA TYR D 3 14.73 0.14 1.01
C TYR D 3 14.47 -1.30 1.47
N ASN D 4 14.89 -2.30 0.68
CA ASN D 4 14.66 -3.73 0.93
C ASN D 4 13.17 -4.06 1.16
N SER D 5 12.40 -4.03 0.07
CA SER D 5 10.94 -4.24 0.01
C SER D 5 10.63 -5.44 -0.89
N THR D 6 10.40 -6.60 -0.29
CA THR D 6 10.35 -7.91 -0.99
C THR D 6 8.93 -8.36 -1.28
N GLY D 7 8.43 -8.13 -2.50
CA GLY D 7 7.09 -8.54 -2.94
C GLY D 7 6.04 -7.56 -2.44
N ILE D 8 5.91 -6.42 -3.12
CA ILE D 8 5.09 -5.28 -2.71
C ILE D 8 3.87 -5.06 -3.61
N GLN D 9 2.70 -5.05 -3.01
CA GLN D 9 1.46 -5.02 -3.77
C GLN D 9 0.28 -4.43 -2.98
N ILE D 10 -0.63 -3.79 -3.73
CA ILE D 10 -1.59 -2.85 -3.16
C ILE D 10 -2.91 -2.84 -3.95
N GLY D 11 -3.99 -3.21 -3.26
CA GLY D 11 -5.35 -3.41 -3.75
C GLY D 11 -5.83 -4.82 -3.43
N ALA D 12 -5.76 -5.71 -4.42
CA ALA D 12 -6.07 -7.12 -4.26
C ALA D 12 -5.28 -7.98 -5.27
N TYR D 13 -5.36 -9.30 -5.13
CA TYR D 13 -5.03 -10.26 -6.19
C TYR D 13 -5.92 -11.49 -6.05
N ASN D 14 -6.41 -12.02 -7.17
CA ASN D 14 -7.36 -13.14 -7.18
C ASN D 14 -7.42 -13.84 -8.54
N TYR D 15 -8.01 -15.03 -8.53
CA TYR D 15 -8.19 -15.90 -9.70
C TYR D 15 -9.20 -17.00 -9.39
N MET D 16 -9.89 -17.46 -10.43
CA MET D 16 -10.82 -18.57 -10.37
C MET D 16 -10.80 -19.33 -11.69
N GLU D 17 -10.63 -20.65 -11.64
CA GLU D 17 -10.69 -21.51 -12.82
C GLU D 17 -12.14 -21.82 -13.20
N ILE D 18 -12.47 -21.72 -14.49
CA ILE D 18 -13.81 -22.01 -15.07
C ILE D 18 -13.97 -23.49 -15.47
N PRO E 1 -15.31 -16.61 -2.44
CA PRO E 1 -14.25 -16.99 -3.42
C PRO E 1 -13.07 -16.00 -3.41
N LEU E 2 -13.33 -14.74 -3.79
CA LEU E 2 -12.40 -13.63 -3.91
C LEU E 2 -13.14 -12.29 -3.73
N VAL E 3 -12.43 -11.26 -3.25
CA VAL E 3 -12.98 -9.97 -2.79
C VAL E 3 -12.00 -8.82 -3.16
N ASN E 4 -12.38 -7.56 -2.94
CA ASN E 4 -11.68 -6.34 -3.38
C ASN E 4 -11.61 -5.27 -2.28
N ILE E 5 -11.23 -4.05 -2.65
CA ILE E 5 -11.18 -2.87 -1.79
C ILE E 5 -12.08 -1.75 -2.34
N TYR E 6 -13.20 -1.52 -1.64
CA TYR E 6 -14.20 -0.49 -1.96
C TYR E 6 -14.29 0.59 -0.86
N ASN E 7 -14.58 1.83 -1.28
CA ASN E 7 -14.76 3.03 -0.44
C ASN E 7 -13.59 3.20 0.55
N CYS E 8 -12.41 3.43 0.00
CA CYS E 8 -11.11 3.40 0.66
C CYS E 8 -10.48 4.81 0.63
N SER E 9 -10.74 5.62 1.67
CA SER E 9 -10.32 7.02 1.72
C SER E 9 -8.94 7.19 2.38
N GLY E 10 -8.11 8.06 1.80
CA GLY E 10 -6.82 8.52 2.30
C GLY E 10 -5.86 7.39 2.71
N VAL E 11 -5.40 6.60 1.74
CA VAL E 11 -4.66 5.34 1.93
C VAL E 11 -3.15 5.59 2.07
N GLN E 12 -2.57 5.38 3.26
CA GLN E 12 -1.17 5.73 3.56
C GLN E 12 -0.35 4.55 4.13
N VAL E 13 0.43 3.89 3.26
CA VAL E 13 1.15 2.65 3.59
C VAL E 13 2.61 2.93 3.96
N GLY E 14 2.86 3.28 5.23
CA GLY E 14 4.17 3.47 5.85
C GLY E 14 4.24 4.78 6.65
N ASP E 15 4.47 5.88 5.93
CA ASP E 15 4.27 7.26 6.42
C ASP E 15 3.20 8.04 5.62
N THR F 1 -10.14 -7.33 0.30
CA THR F 1 -11.17 -7.66 1.31
C THR F 1 -11.36 -6.51 2.29
N ILE F 2 -11.83 -5.35 1.77
CA ILE F 2 -12.11 -4.12 2.51
C ILE F 2 -13.37 -3.46 1.94
N TYR F 3 -14.28 -3.05 2.82
CA TYR F 3 -15.43 -2.20 2.52
C TYR F 3 -15.58 -1.11 3.61
N ASN F 4 -16.14 0.05 3.24
CA ASN F 4 -16.27 1.27 4.06
C ASN F 4 -15.06 1.56 4.97
N SER F 5 -13.97 2.03 4.36
CA SER F 5 -12.66 2.24 4.98
C SER F 5 -12.23 3.71 4.90
N THR F 6 -12.81 4.51 5.80
CA THR F 6 -12.59 5.97 5.92
C THR F 6 -11.32 6.30 6.71
N GLY F 7 -10.21 6.56 5.99
CA GLY F 7 -8.94 7.03 6.56
C GLY F 7 -8.03 5.90 7.02
N ILE F 8 -7.65 5.04 6.08
CA ILE F 8 -6.82 3.85 6.31
C ILE F 8 -5.33 4.13 6.11
N GLN F 9 -4.53 3.69 7.07
CA GLN F 9 -3.10 3.87 7.04
C GLN F 9 -2.42 2.88 7.99
N ILE F 10 -1.10 2.72 7.84
CA ILE F 10 -0.33 1.68 8.52
C ILE F 10 1.14 2.08 8.66
N GLY F 11 1.67 2.00 9.88
CA GLY F 11 3.02 2.40 10.27
C GLY F 11 2.98 3.51 11.31
N ALA F 12 3.28 4.75 10.92
CA ALA F 12 3.11 5.95 11.76
C ALA F 12 2.95 7.24 10.92
N TYR F 13 2.81 8.39 11.57
CA TYR F 13 2.97 9.72 10.95
C TYR F 13 3.49 10.73 11.98
N ASN F 14 4.24 11.74 11.52
CA ASN F 14 4.69 12.89 12.32
C ASN F 14 5.04 14.10 11.44
N TYR F 15 4.99 15.30 12.03
CA TYR F 15 5.47 16.56 11.45
C TYR F 15 5.94 17.49 12.57
N MET F 16 7.18 17.97 12.46
CA MET F 16 7.80 18.92 13.38
C MET F 16 8.26 20.17 12.60
N GLU F 17 7.97 21.35 13.13
CA GLU F 17 8.42 22.61 12.58
C GLU F 17 9.80 22.99 13.13
N ILE F 18 10.71 23.45 12.26
CA ILE F 18 12.07 23.95 12.61
C ILE F 18 11.99 25.37 13.21
N PRO G 1 11.61 14.24 8.06
CA PRO G 1 13.04 13.91 8.37
C PRO G 1 13.19 12.51 9.01
N LEU G 2 14.20 11.74 8.56
CA LEU G 2 14.57 10.40 9.05
C LEU G 2 13.38 9.42 9.18
N VAL G 3 12.55 9.34 8.14
CA VAL G 3 11.26 8.63 8.14
C VAL G 3 10.98 7.92 6.80
N ASN G 4 11.06 6.58 6.80
CA ASN G 4 10.95 5.70 5.63
C ASN G 4 10.54 4.29 5.99
N ILE G 5 10.54 3.40 4.98
CA ILE G 5 10.28 1.98 5.16
C ILE G 5 11.49 1.12 4.76
N TYR G 6 12.16 0.56 5.77
CA TYR G 6 13.29 -0.37 5.63
C TYR G 6 12.94 -1.80 6.08
N ASN G 7 13.53 -2.80 5.42
CA ASN G 7 13.41 -4.23 5.69
C ASN G 7 11.94 -4.66 5.82
N CYS G 8 11.21 -4.56 4.71
CA CYS G 8 9.76 -4.67 4.60
C CYS G 8 9.41 -5.86 3.69
N SER G 9 9.15 -7.03 4.30
CA SER G 9 8.91 -8.28 3.56
C SER G 9 7.42 -8.54 3.32
N GLY G 10 7.08 -9.02 2.13
CA GLY G 10 5.75 -9.49 1.70
C GLY G 10 4.60 -8.52 2.01
N VAL G 11 4.55 -7.38 1.31
CA VAL G 11 3.67 -6.23 1.58
C VAL G 11 2.33 -6.37 0.86
N GLN G 12 1.22 -6.54 1.59
CA GLN G 12 -0.11 -6.82 1.00
C GLN G 12 -1.23 -5.90 1.53
N VAL G 13 -1.59 -4.90 0.72
CA VAL G 13 -2.51 -3.82 1.14
C VAL G 13 -3.94 -4.05 0.59
N GLY G 14 -4.78 -4.78 1.34
CA GLY G 14 -6.21 -5.00 1.09
C GLY G 14 -6.59 -6.48 1.09
N ASP G 15 -6.32 -7.16 -0.02
CA ASP G 15 -6.30 -8.64 -0.16
C ASP G 15 -4.91 -9.18 -0.57
N THR H 1 7.23 5.81 10.14
CA THR H 1 8.55 5.11 10.09
C THR H 1 8.36 3.61 10.30
N ILE H 2 9.10 2.78 9.56
CA ILE H 2 9.02 1.31 9.59
C ILE H 2 10.44 0.73 9.48
N TYR H 3 10.78 -0.13 10.44
CA TYR H 3 12.07 -0.80 10.54
C TYR H 3 11.86 -2.23 11.05
N ASN H 4 12.49 -3.23 10.42
CA ASN H 4 12.25 -4.68 10.62
C ASN H 4 10.76 -5.07 10.62
N SER H 5 10.17 -5.15 9.42
CA SER H 5 8.75 -5.44 9.18
C SER H 5 8.60 -6.70 8.31
N THR H 6 8.75 -7.86 8.96
CA THR H 6 8.74 -9.19 8.32
C THR H 6 7.29 -9.70 8.15
N GLY H 7 6.70 -9.51 6.96
CA GLY H 7 5.37 -10.03 6.60
C GLY H 7 4.24 -9.08 6.97
N ILE H 8 4.23 -7.90 6.36
CA ILE H 8 3.27 -6.82 6.62
C ILE H 8 2.08 -6.84 5.66
N GLN H 9 0.87 -6.80 6.22
CA GLN H 9 -0.35 -6.79 5.46
C GLN H 9 -1.52 -6.22 6.26
N ILE H 10 -2.58 -5.84 5.55
CA ILE H 10 -3.68 -5.05 6.11
C ILE H 10 -4.97 -5.29 5.32
N GLY H 11 -6.07 -5.55 6.03
CA GLY H 11 -7.36 -5.98 5.49
C GLY H 11 -7.63 -7.43 5.88
N ALA H 12 -7.60 -8.35 4.91
CA ALA H 12 -7.67 -9.81 5.17
C ALA H 12 -7.05 -10.62 4.01
N TYR H 13 -7.09 -11.96 4.12
CA TYR H 13 -6.80 -12.90 3.02
C TYR H 13 -7.66 -14.17 3.16
N ASN H 14 -7.97 -14.83 2.04
CA ASN H 14 -8.65 -16.14 1.98
C ASN H 14 -8.38 -16.85 0.64
N TYR H 15 -8.48 -18.17 0.65
CA TYR H 15 -8.44 -19.05 -0.53
C TYR H 15 -9.29 -20.30 -0.27
N MET H 16 -10.26 -20.55 -1.15
CA MET H 16 -11.11 -21.74 -1.13
C MET H 16 -10.99 -22.47 -2.47
N GLU H 17 -10.81 -23.79 -2.41
CA GLU H 17 -10.82 -24.65 -3.59
C GLU H 17 -12.28 -25.01 -3.99
N ILE H 18 -12.55 -25.12 -5.29
CA ILE H 18 -13.85 -25.53 -5.85
C ILE H 18 -14.20 -27.01 -5.53
N PRO A 1 -16.18 -4.17 -14.60
CA PRO A 1 -15.38 -3.50 -13.54
C PRO A 1 -14.73 -4.50 -12.57
N LEU A 2 -13.70 -5.24 -13.03
CA LEU A 2 -12.93 -6.15 -12.17
C LEU A 2 -11.46 -6.36 -12.59
N VAL A 3 -10.64 -6.91 -11.68
CA VAL A 3 -9.17 -7.12 -11.72
C VAL A 3 -8.39 -5.84 -12.09
N ASN A 4 -8.93 -4.70 -11.66
CA ASN A 4 -8.63 -3.38 -12.22
C ASN A 4 -8.64 -2.24 -11.19
N ILE A 5 -8.58 -1.01 -11.69
CA ILE A 5 -8.54 0.23 -10.92
C ILE A 5 -9.56 1.23 -11.50
N TYR A 6 -10.60 1.53 -10.73
CA TYR A 6 -11.67 2.47 -11.08
C TYR A 6 -11.96 3.47 -9.94
N ASN A 7 -12.38 4.69 -10.31
CA ASN A 7 -12.66 5.82 -9.43
C ASN A 7 -11.58 6.01 -8.33
N CYS A 8 -10.36 6.35 -8.78
CA CYS A 8 -9.16 6.40 -7.95
C CYS A 8 -8.54 7.81 -7.95
N SER A 9 -8.83 8.59 -6.91
CA SER A 9 -8.46 10.02 -6.79
C SER A 9 -7.06 10.20 -6.19
N GLY A 10 -6.03 10.19 -7.04
CA GLY A 10 -4.62 10.38 -6.66
C GLY A 10 -3.94 9.08 -6.21
N VAL A 11 -2.80 8.75 -6.83
CA VAL A 11 -2.06 7.49 -6.66
C VAL A 11 -0.55 7.76 -6.58
N GLN A 12 0.10 7.36 -5.48
CA GLN A 12 1.54 7.62 -5.26
C GLN A 12 2.30 6.33 -4.87
N VAL A 13 3.14 5.84 -5.79
CA VAL A 13 3.82 4.53 -5.70
C VAL A 13 5.25 4.68 -5.16
N GLY A 14 5.42 4.55 -3.85
CA GLY A 14 6.71 4.67 -3.15
C GLY A 14 6.93 6.10 -2.61
N ASP A 15 7.08 7.05 -3.53
CA ASP A 15 7.15 8.50 -3.26
C ASP A 15 5.79 9.14 -2.87
N THR B 1 -8.11 -5.46 -7.23
CA THR B 1 -9.14 -4.51 -7.69
C THR B 1 -9.34 -3.37 -6.70
N ILE B 2 -9.19 -2.15 -7.21
CA ILE B 2 -9.51 -0.88 -6.53
C ILE B 2 -10.81 -0.29 -7.12
N TYR B 3 -11.73 0.08 -6.24
CA TYR B 3 -12.99 0.77 -6.58
C TYR B 3 -13.28 1.88 -5.55
N ASN B 4 -13.55 3.10 -5.98
CA ASN B 4 -13.84 4.26 -5.11
C ASN B 4 -12.80 4.43 -3.98
N SER B 5 -11.53 4.61 -4.39
CA SER B 5 -10.39 4.90 -3.52
C SER B 5 -10.04 6.39 -3.56
N THR B 6 -10.13 7.05 -2.41
CA THR B 6 -9.76 8.45 -2.22
C THR B 6 -8.32 8.52 -1.69
N GLY B 7 -7.36 9.05 -2.44
CA GLY B 7 -5.98 9.30 -2.00
C GLY B 7 -5.23 8.04 -1.52
N ILE B 8 -4.88 7.15 -2.45
CA ILE B 8 -4.03 5.98 -2.21
C ILE B 8 -2.55 6.31 -2.40
N GLN B 9 -1.74 5.99 -1.40
CA GLN B 9 -0.31 6.23 -1.42
C GLN B 9 0.43 5.26 -0.51
N ILE B 10 1.59 4.82 -0.98
CA ILE B 10 2.25 3.63 -0.45
C ILE B 10 3.76 3.87 -0.35
N GLY B 11 4.37 3.34 0.72
CA GLY B 11 5.76 3.59 1.11
C GLY B 11 5.86 4.79 2.06
N ALA B 12 6.29 5.93 1.52
CA ALA B 12 6.43 7.18 2.27
C ALA B 12 6.65 8.43 1.37
N TYR B 13 5.72 9.40 1.41
CA TYR B 13 5.95 10.72 0.80
C TYR B 13 6.61 11.69 1.78
N ASN B 14 7.66 12.40 1.33
CA ASN B 14 8.30 13.51 2.05
C ASN B 14 9.10 14.39 1.06
N TYR B 15 9.15 15.72 1.28
CA TYR B 15 9.95 16.66 0.51
C TYR B 15 10.58 17.71 1.44
N MET B 16 11.84 17.49 1.85
CA MET B 16 12.62 18.54 2.52
C MET B 16 13.32 19.44 1.49
N GLU B 17 13.71 20.63 1.94
CA GLU B 17 14.54 21.59 1.20
C GLU B 17 15.88 21.83 1.94
N ILE B 18 16.80 22.61 1.35
CA ILE B 18 18.09 23.01 1.95
C ILE B 18 17.92 23.87 3.22
N PRO C 1 19.34 13.72 0.54
CA PRO C 1 18.00 14.11 1.07
C PRO C 1 16.90 14.02 -0.01
N LEU C 2 16.45 12.80 -0.36
CA LEU C 2 15.42 12.55 -1.39
C LEU C 2 14.62 11.26 -1.16
N VAL C 3 13.52 11.10 -1.89
CA VAL C 3 12.60 9.96 -1.79
C VAL C 3 12.57 9.12 -3.07
N ASN C 4 13.30 8.01 -3.04
CA ASN C 4 13.35 6.98 -4.09
C ASN C 4 13.10 5.56 -3.54
N ILE C 5 13.14 4.62 -4.49
CA ILE C 5 12.87 3.19 -4.35
C ILE C 5 14.13 2.39 -4.71
N TYR C 6 14.69 1.70 -3.72
CA TYR C 6 15.90 0.89 -3.83
C TYR C 6 15.69 -0.51 -3.20
N ASN C 7 16.36 -1.52 -3.78
CA ASN C 7 16.30 -2.93 -3.39
C ASN C 7 14.85 -3.42 -3.16
N CYS C 8 14.03 -3.37 -4.22
CA CYS C 8 12.59 -3.64 -4.18
C CYS C 8 12.23 -4.85 -5.08
N SER C 9 11.99 -6.01 -4.46
CA SER C 9 11.78 -7.30 -5.15
C SER C 9 10.30 -7.54 -5.45
N GLY C 10 9.82 -7.08 -6.62
CA GLY C 10 8.44 -7.26 -7.09
C GLY C 10 7.48 -6.19 -6.55
N VAL C 11 6.77 -5.51 -7.46
CA VAL C 11 5.92 -4.34 -7.19
C VAL C 11 4.61 -4.42 -7.97
N GLN C 12 3.46 -4.46 -7.28
CA GLN C 12 2.13 -4.62 -7.91
C GLN C 12 1.12 -3.54 -7.45
N VAL C 13 0.70 -2.67 -8.38
CA VAL C 13 -0.06 -1.44 -8.10
C VAL C 13 -1.57 -1.62 -8.41
N GLY C 14 -2.35 -2.06 -7.43
CA GLY C 14 -3.82 -2.19 -7.49
C GLY C 14 -4.29 -3.61 -7.85
N ASP C 15 -3.73 -4.13 -8.95
CA ASP C 15 -3.80 -5.52 -9.40
C ASP C 15 -2.76 -6.46 -8.73
N THR D 1 12.69 6.56 0.49
CA THR D 1 11.36 6.05 0.88
C THR D 1 11.36 4.53 0.97
N ILE D 2 11.48 3.79 -0.14
CA ILE D 2 11.50 2.32 -0.11
C ILE D 2 12.94 1.83 -0.13
N TYR D 3 13.32 1.07 0.92
CA TYR D 3 14.61 0.41 1.07
C TYR D 3 14.41 -1.05 1.53
N ASN D 4 14.97 -2.02 0.81
CA ASN D 4 14.93 -3.45 1.16
C ASN D 4 13.49 -3.96 1.44
N SER D 5 12.59 -3.72 0.48
CA SER D 5 11.20 -4.23 0.46
C SER D 5 11.09 -5.48 -0.40
N THR D 6 10.71 -6.60 0.23
CA THR D 6 10.56 -7.91 -0.41
C THR D 6 9.09 -8.19 -0.68
N GLY D 7 8.64 -8.10 -1.94
CA GLY D 7 7.24 -8.34 -2.34
C GLY D 7 6.26 -7.29 -1.83
N ILE D 8 6.27 -6.09 -2.43
CA ILE D 8 5.30 -5.02 -2.16
C ILE D 8 4.14 -5.06 -3.17
N GLN D 9 2.93 -5.08 -2.65
CA GLN D 9 1.72 -5.15 -3.46
C GLN D 9 0.51 -4.56 -2.73
N ILE D 10 -0.31 -3.85 -3.48
CA ILE D 10 -1.26 -2.90 -2.92
C ILE D 10 -2.60 -2.99 -3.64
N GLY D 11 -3.69 -2.78 -2.90
CA GLY D 11 -5.07 -2.93 -3.35
C GLY D 11 -5.54 -4.38 -3.19
N ALA D 12 -5.52 -5.15 -4.29
CA ALA D 12 -5.77 -6.58 -4.26
C ALA D 12 -5.34 -7.32 -5.54
N TYR D 13 -4.29 -8.15 -5.48
CA TYR D 13 -4.05 -9.16 -6.52
C TYR D 13 -5.00 -10.34 -6.34
N ASN D 14 -5.78 -10.67 -7.38
CA ASN D 14 -6.51 -11.93 -7.54
C ASN D 14 -6.93 -12.11 -9.00
N TYR D 15 -7.26 -13.33 -9.40
CA TYR D 15 -7.76 -13.68 -10.74
C TYR D 15 -8.74 -14.85 -10.64
N MET D 16 -9.55 -15.00 -11.69
CA MET D 16 -10.30 -16.23 -11.94
C MET D 16 -10.26 -16.58 -13.43
N GLU D 17 -10.58 -17.84 -13.74
CA GLU D 17 -10.77 -18.38 -15.08
C GLU D 17 -12.26 -18.73 -15.31
N ILE D 18 -12.60 -19.31 -16.48
CA ILE D 18 -13.97 -19.75 -16.84
C ILE D 18 -14.60 -20.74 -15.84
N PRO E 1 -17.11 -12.36 -3.90
CA PRO E 1 -16.67 -12.77 -5.27
C PRO E 1 -15.14 -12.98 -5.31
N LEU E 2 -14.35 -11.96 -5.71
CA LEU E 2 -12.91 -11.86 -5.46
C LEU E 2 -12.65 -10.76 -4.39
N VAL E 3 -11.60 -10.93 -3.59
CA VAL E 3 -11.12 -9.93 -2.60
C VAL E 3 -10.69 -8.62 -3.30
N ASN E 4 -11.10 -7.48 -2.73
CA ASN E 4 -10.90 -6.13 -3.27
C ASN E 4 -10.93 -5.05 -2.19
N ILE E 5 -10.82 -3.80 -2.64
CA ILE E 5 -10.92 -2.59 -1.84
C ILE E 5 -11.97 -1.64 -2.44
N TYR E 6 -13.08 -1.47 -1.71
CA TYR E 6 -14.22 -0.63 -2.06
C TYR E 6 -14.50 0.44 -0.99
N ASN E 7 -14.88 1.65 -1.43
CA ASN E 7 -15.29 2.78 -0.61
C ASN E 7 -14.30 3.08 0.53
N CYS E 8 -13.10 3.53 0.14
CA CYS E 8 -11.92 3.65 1.01
C CYS E 8 -11.38 5.08 1.02
N SER E 9 -11.74 5.85 2.06
CA SER E 9 -11.43 7.27 2.18
C SER E 9 -10.07 7.52 2.86
N GLY E 10 -9.00 7.68 2.08
CA GLY E 10 -7.63 7.93 2.55
C GLY E 10 -6.89 6.62 2.87
N VAL E 11 -5.78 6.34 2.19
CA VAL E 11 -5.01 5.08 2.32
C VAL E 11 -3.50 5.31 2.36
N GLN E 12 -2.85 5.09 3.52
CA GLN E 12 -1.42 5.41 3.74
C GLN E 12 -0.58 4.20 4.22
N VAL E 13 0.37 3.73 3.40
CA VAL E 13 1.10 2.46 3.65
C VAL E 13 2.55 2.62 4.14
N GLY E 14 2.77 2.66 5.46
CA GLY E 14 4.09 2.68 6.11
C GLY E 14 4.33 3.98 6.86
N ASP E 15 4.38 5.06 6.08
CA ASP E 15 4.05 6.44 6.48
C ASP E 15 2.57 6.68 6.92
N THR F 1 -9.99 -7.94 2.30
CA THR F 1 -11.28 -7.35 1.86
C THR F 1 -11.53 -6.08 2.64
N ILE F 2 -11.69 -4.96 1.94
CA ILE F 2 -11.91 -3.63 2.52
C ILE F 2 -13.22 -3.07 1.97
N TYR F 3 -14.18 -2.81 2.87
CA TYR F 3 -15.48 -2.21 2.58
C TYR F 3 -15.78 -1.09 3.59
N ASN F 4 -16.22 0.07 3.09
CA ASN F 4 -16.64 1.26 3.85
C ASN F 4 -15.59 1.82 4.84
N SER F 5 -14.29 1.64 4.54
CA SER F 5 -13.18 2.07 5.39
C SER F 5 -12.97 3.60 5.38
N THR F 6 -12.82 4.18 6.58
CA THR F 6 -12.70 5.62 6.83
C THR F 6 -11.35 5.96 7.47
N GLY F 7 -10.40 6.47 6.68
CA GLY F 7 -9.09 6.94 7.13
C GLY F 7 -8.10 5.83 7.46
N ILE F 8 -7.95 4.83 6.58
CA ILE F 8 -7.02 3.72 6.78
C ILE F 8 -5.56 4.10 6.53
N GLN F 9 -4.71 3.60 7.41
CA GLN F 9 -3.27 3.74 7.34
C GLN F 9 -2.64 2.65 8.21
N ILE F 10 -1.35 2.42 8.00
CA ILE F 10 -0.61 1.34 8.63
C ILE F 10 0.84 1.79 8.86
N GLY F 11 1.41 1.40 10.00
CA GLY F 11 2.75 1.81 10.44
C GLY F 11 2.68 3.02 11.38
N ALA F 12 3.27 4.14 10.96
CA ALA F 12 3.25 5.39 11.72
C ALA F 12 3.49 6.61 10.82
N TYR F 13 2.67 7.66 10.97
CA TYR F 13 2.77 8.92 10.21
C TYR F 13 3.34 10.06 11.06
N ASN F 14 4.31 10.80 10.53
CA ASN F 14 4.90 11.99 11.15
C ASN F 14 5.62 12.88 10.11
N TYR F 15 5.65 14.19 10.31
CA TYR F 15 6.40 15.16 9.49
C TYR F 15 6.98 16.27 10.38
N MET F 16 8.20 16.06 10.89
CA MET F 16 8.95 17.14 11.54
C MET F 16 9.62 18.06 10.50
N GLU F 17 9.92 19.28 10.91
CA GLU F 17 10.68 20.28 10.17
C GLU F 17 12.03 20.59 10.88
N ILE F 18 12.83 21.53 10.34
CA ILE F 18 14.10 22.00 10.94
C ILE F 18 13.96 22.57 12.37
N PRO G 1 14.23 13.53 4.55
CA PRO G 1 13.24 12.43 4.68
C PRO G 1 13.58 11.50 5.86
N LEU G 2 12.65 11.37 6.81
CA LEU G 2 12.79 10.50 8.00
C LEU G 2 11.84 9.30 7.91
N VAL G 3 10.52 9.55 7.86
CA VAL G 3 9.49 8.52 7.62
C VAL G 3 9.75 7.77 6.32
N ASN G 4 10.00 6.46 6.43
CA ASN G 4 10.34 5.55 5.34
C ASN G 4 9.93 4.12 5.68
N ILE G 5 10.31 3.19 4.82
CA ILE G 5 10.11 1.76 4.97
C ILE G 5 11.42 1.02 4.66
N TYR G 6 12.04 0.49 5.72
CA TYR G 6 13.29 -0.27 5.67
C TYR G 6 13.11 -1.70 6.22
N ASN G 7 13.80 -2.65 5.59
CA ASN G 7 13.87 -4.07 5.96
C ASN G 7 12.47 -4.68 6.21
N CYS G 8 11.69 -4.79 5.13
CA CYS G 8 10.27 -5.12 5.16
C CYS G 8 9.96 -6.36 4.30
N SER G 9 9.79 -7.51 4.96
CA SER G 9 9.61 -8.82 4.33
C SER G 9 8.12 -9.16 4.12
N GLY G 10 7.59 -8.89 2.92
CA GLY G 10 6.20 -9.14 2.53
C GLY G 10 5.26 -8.01 2.94
N VAL G 11 4.63 -7.33 1.98
CA VAL G 11 3.79 -6.13 2.20
C VAL G 11 2.49 -6.18 1.38
N GLN G 12 1.34 -6.38 2.04
CA GLN G 12 0.03 -6.61 1.38
C GLN G 12 -1.07 -5.62 1.84
N VAL G 13 -1.55 -4.75 0.93
CA VAL G 13 -2.42 -3.60 1.28
C VAL G 13 -3.91 -3.78 0.91
N GLY G 14 -4.72 -4.34 1.80
CA GLY G 14 -6.19 -4.47 1.67
C GLY G 14 -6.63 -5.92 1.52
N ASP G 15 -6.14 -6.56 0.46
CA ASP G 15 -5.84 -8.00 0.39
C ASP G 15 -4.74 -8.51 1.37
N THR H 1 7.00 5.40 10.24
CA THR H 1 8.28 4.73 9.88
C THR H 1 8.15 3.23 10.10
N ILE H 2 8.57 2.42 9.13
CA ILE H 2 8.65 0.96 9.23
C ILE H 2 10.12 0.52 9.27
N TYR H 3 10.47 -0.27 10.29
CA TYR H 3 11.79 -0.87 10.49
C TYR H 3 11.66 -2.34 10.95
N ASN H 4 12.54 -3.21 10.42
CA ASN H 4 12.62 -4.66 10.71
C ASN H 4 11.26 -5.39 10.75
N SER H 5 10.38 -5.09 9.81
CA SER H 5 9.00 -5.59 9.74
C SER H 5 8.92 -6.94 9.02
N THR H 6 8.43 -7.96 9.72
CA THR H 6 8.29 -9.35 9.24
C THR H 6 6.83 -9.72 8.95
N GLY H 7 6.46 -9.77 7.67
CA GLY H 7 5.15 -10.22 7.18
C GLY H 7 4.01 -9.23 7.44
N ILE H 8 4.16 -7.98 7.00
CA ILE H 8 3.13 -6.94 7.17
C ILE H 8 2.03 -7.02 6.11
N GLN H 9 0.80 -6.90 6.58
CA GLN H 9 -0.40 -6.86 5.78
C GLN H 9 -1.52 -6.20 6.58
N ILE H 10 -2.53 -5.72 5.87
CA ILE H 10 -3.61 -4.89 6.42
C ILE H 10 -4.91 -5.20 5.69
N GLY H 11 -6.02 -5.21 6.42
CA GLY H 11 -7.34 -5.61 5.93
C GLY H 11 -7.60 -7.09 6.18
N ALA H 12 -7.70 -7.88 5.11
CA ALA H 12 -7.87 -9.35 5.21
C ALA H 12 -7.48 -10.06 3.90
N TYR H 13 -6.79 -11.21 4.01
CA TYR H 13 -6.33 -12.01 2.87
C TYR H 13 -7.12 -13.33 2.74
N ASN H 14 -7.62 -13.64 1.55
CA ASN H 14 -8.31 -14.90 1.24
C ASN H 14 -8.31 -15.19 -0.28
N TYR H 15 -8.32 -16.46 -0.68
CA TYR H 15 -8.43 -16.93 -2.07
C TYR H 15 -9.26 -18.22 -2.12
N MET H 16 -10.58 -18.08 -2.25
CA MET H 16 -11.44 -19.23 -2.56
C MET H 16 -11.38 -19.60 -4.05
N GLU H 17 -11.74 -20.84 -4.36
CA GLU H 17 -11.89 -21.38 -5.72
C GLU H 17 -13.37 -21.79 -5.97
N ILE H 18 -13.68 -22.34 -7.15
CA ILE H 18 -15.02 -22.83 -7.56
C ILE H 18 -14.99 -24.34 -7.79
N PRO A 1 -16.01 -7.50 -18.19
CA PRO A 1 -15.69 -6.99 -16.84
C PRO A 1 -15.12 -8.10 -15.93
N LEU A 2 -14.07 -7.78 -15.18
CA LEU A 2 -13.38 -8.65 -14.24
C LEU A 2 -12.91 -7.85 -13.01
N VAL A 3 -11.73 -7.22 -13.10
CA VAL A 3 -11.09 -6.43 -12.05
C VAL A 3 -10.24 -5.28 -12.64
N ASN A 4 -10.41 -4.06 -12.13
CA ASN A 4 -9.70 -2.85 -12.59
C ASN A 4 -9.60 -1.78 -11.47
N ILE A 5 -9.59 -0.49 -11.82
CA ILE A 5 -9.48 0.65 -10.91
C ILE A 5 -10.35 1.84 -11.39
N TYR A 6 -11.55 2.00 -10.81
CA TYR A 6 -12.57 2.99 -11.23
C TYR A 6 -12.20 4.43 -10.80
N ASN A 7 -12.46 4.81 -9.54
CA ASN A 7 -12.11 6.09 -8.94
C ASN A 7 -10.83 5.93 -8.11
N CYS A 8 -9.77 6.62 -8.51
CA CYS A 8 -8.48 6.56 -7.84
C CYS A 8 -7.72 7.89 -8.02
N SER A 9 -7.51 8.62 -6.91
CA SER A 9 -6.91 9.97 -6.91
C SER A 9 -5.50 10.00 -6.31
N GLY A 10 -4.68 10.99 -6.70
CA GLY A 10 -3.36 11.32 -6.13
C GLY A 10 -2.39 10.15 -5.94
N VAL A 11 -2.27 9.29 -6.95
CA VAL A 11 -1.62 7.97 -6.91
C VAL A 11 -0.09 8.07 -6.92
N GLN A 12 0.58 7.60 -5.87
CA GLN A 12 2.04 7.80 -5.72
C GLN A 12 2.79 6.61 -5.08
N VAL A 13 3.84 6.11 -5.75
CA VAL A 13 4.48 4.81 -5.48
C VAL A 13 6.01 4.94 -5.28
N GLY A 14 6.51 4.49 -4.13
CA GLY A 14 7.91 4.50 -3.70
C GLY A 14 8.27 5.79 -2.95
N ASP A 15 8.73 6.79 -3.70
CA ASP A 15 8.77 8.21 -3.29
C ASP A 15 7.35 8.81 -3.29
N THR B 1 -9.53 -5.68 -7.60
CA THR B 1 -10.17 -4.44 -8.13
C THR B 1 -10.30 -3.37 -7.06
N ILE B 2 -10.21 -2.12 -7.47
CA ILE B 2 -10.47 -0.92 -6.67
C ILE B 2 -11.68 -0.18 -7.26
N TYR B 3 -12.72 0.03 -6.46
CA TYR B 3 -13.82 0.93 -6.85
C TYR B 3 -13.49 2.39 -6.51
N ASN B 4 -13.20 2.68 -5.25
CA ASN B 4 -12.88 4.01 -4.72
C ASN B 4 -11.58 3.96 -3.90
N SER B 5 -10.60 4.78 -4.29
CA SER B 5 -9.28 4.92 -3.68
C SER B 5 -8.89 6.40 -3.62
N THR B 6 -9.40 7.11 -2.62
CA THR B 6 -9.30 8.58 -2.54
C THR B 6 -7.94 9.02 -1.97
N GLY B 7 -6.95 9.28 -2.83
CA GLY B 7 -5.61 9.73 -2.40
C GLY B 7 -4.77 8.56 -1.88
N ILE B 8 -4.30 7.72 -2.80
CA ILE B 8 -3.53 6.51 -2.50
C ILE B 8 -2.03 6.69 -2.69
N GLN B 9 -1.27 6.20 -1.73
CA GLN B 9 0.17 6.32 -1.74
C GLN B 9 0.81 5.19 -0.92
N ILE B 10 2.00 4.77 -1.36
CA ILE B 10 2.70 3.62 -0.81
C ILE B 10 4.22 3.81 -0.85
N GLY B 11 4.85 3.76 0.32
CA GLY B 11 6.27 3.93 0.55
C GLY B 11 6.55 5.03 1.59
N ALA B 12 7.29 6.07 1.19
CA ALA B 12 7.50 7.23 2.05
C ALA B 12 8.08 8.45 1.31
N TYR B 13 7.59 9.64 1.66
CA TYR B 13 7.95 10.94 1.11
C TYR B 13 8.60 11.83 2.18
N ASN B 14 9.83 12.32 1.93
CA ASN B 14 10.55 13.25 2.82
C ASN B 14 9.73 14.53 3.14
N TYR B 15 9.42 14.79 4.42
CA TYR B 15 8.58 15.92 4.84
C TYR B 15 9.13 16.63 6.09
N MET B 16 10.00 17.61 5.87
CA MET B 16 10.50 18.52 6.90
C MET B 16 9.49 19.66 7.14
N GLU B 17 9.18 19.96 8.41
CA GLU B 17 8.47 21.19 8.81
C GLU B 17 9.31 22.47 8.56
N ILE B 18 8.68 23.65 8.67
CA ILE B 18 9.27 24.98 8.42
C ILE B 18 9.11 25.96 9.60
N PRO C 1 16.40 15.91 -1.97
CA PRO C 1 16.03 14.73 -2.81
C PRO C 1 16.70 13.39 -2.38
N LEU C 2 16.96 13.17 -1.08
CA LEU C 2 17.51 11.91 -0.55
C LEU C 2 16.39 10.87 -0.36
N VAL C 3 15.77 10.46 -1.47
CA VAL C 3 14.62 9.54 -1.51
C VAL C 3 14.51 8.79 -2.84
N ASN C 4 14.59 7.45 -2.79
CA ASN C 4 14.43 6.50 -3.91
C ASN C 4 13.99 5.11 -3.40
N ILE C 5 14.07 4.10 -4.28
CA ILE C 5 13.64 2.71 -4.06
C ILE C 5 14.75 1.73 -4.50
N TYR C 6 15.54 1.22 -3.54
CA TYR C 6 16.74 0.38 -3.76
C TYR C 6 16.38 -1.06 -4.16
N ASN C 7 16.04 -1.93 -3.21
CA ASN C 7 15.59 -3.31 -3.43
C ASN C 7 14.06 -3.36 -3.34
N CYS C 8 13.41 -3.66 -4.46
CA CYS C 8 11.96 -3.76 -4.53
C CYS C 8 11.54 -4.80 -5.58
N SER C 9 10.88 -5.87 -5.13
CA SER C 9 10.50 -7.04 -5.98
C SER C 9 8.98 -7.13 -6.21
N GLY C 10 8.58 -7.80 -7.30
CA GLY C 10 7.19 -8.17 -7.64
C GLY C 10 6.13 -7.07 -7.47
N VAL C 11 6.40 -5.89 -8.04
CA VAL C 11 5.71 -4.60 -7.79
C VAL C 11 4.41 -4.49 -8.60
N GLN C 12 3.24 -4.43 -7.94
CA GLN C 12 1.94 -4.49 -8.61
C GLN C 12 0.84 -3.60 -7.99
N VAL C 13 0.22 -2.73 -8.81
CA VAL C 13 -0.62 -1.60 -8.34
C VAL C 13 -2.01 -1.61 -9.01
N GLY C 14 -3.06 -1.59 -8.19
CA GLY C 14 -4.48 -1.54 -8.56
C GLY C 14 -5.09 -2.94 -8.64
N ASP C 15 -4.94 -3.57 -9.81
CA ASP C 15 -5.02 -5.03 -10.00
C ASP C 15 -3.66 -5.71 -9.68
N THR D 1 11.48 6.92 1.25
CA THR D 1 12.61 6.06 0.80
C THR D 1 12.32 4.61 1.11
N ILE D 2 12.62 3.71 0.17
CA ILE D 2 12.38 2.28 0.27
C ILE D 2 13.72 1.55 0.13
N TYR D 3 14.23 1.01 1.24
CA TYR D 3 15.49 0.27 1.16
C TYR D 3 15.25 -1.17 0.70
N ASN D 4 14.37 -1.89 1.39
CA ASN D 4 13.98 -3.27 1.10
C ASN D 4 12.45 -3.39 1.11
N SER D 5 11.88 -3.84 0.00
CA SER D 5 10.45 -4.05 -0.23
C SER D 5 10.22 -5.36 -1.00
N THR D 6 10.23 -6.48 -0.27
CA THR D 6 10.21 -7.84 -0.87
C THR D 6 8.79 -8.25 -1.26
N GLY D 7 8.40 -8.04 -2.53
CA GLY D 7 7.09 -8.46 -3.05
C GLY D 7 5.98 -7.51 -2.61
N ILE D 8 5.92 -6.33 -3.24
CA ILE D 8 4.99 -5.25 -2.90
C ILE D 8 3.79 -5.18 -3.83
N GLN D 9 2.61 -5.06 -3.24
CA GLN D 9 1.37 -5.05 -3.98
C GLN D 9 0.27 -4.29 -3.22
N ILE D 10 -0.58 -3.59 -3.97
CA ILE D 10 -1.59 -2.69 -3.42
C ILE D 10 -2.85 -2.64 -4.28
N GLY D 11 -4.00 -2.86 -3.64
CA GLY D 11 -5.33 -2.98 -4.24
C GLY D 11 -5.87 -4.39 -4.02
N ALA D 12 -6.22 -5.10 -5.11
CA ALA D 12 -6.62 -6.50 -5.02
C ALA D 12 -6.57 -7.25 -6.35
N TYR D 13 -6.30 -8.56 -6.29
CA TYR D 13 -6.20 -9.47 -7.44
C TYR D 13 -7.21 -10.63 -7.30
N ASN D 14 -8.03 -10.87 -8.32
CA ASN D 14 -8.97 -12.00 -8.35
C ASN D 14 -8.28 -13.37 -8.19
N TYR D 15 -8.69 -14.16 -7.19
CA TYR D 15 -8.05 -15.44 -6.87
C TYR D 15 -9.05 -16.53 -6.48
N MET D 16 -9.59 -17.24 -7.48
CA MET D 16 -10.40 -18.44 -7.30
C MET D 16 -9.49 -19.67 -7.09
N GLU D 17 -9.80 -20.50 -6.10
CA GLU D 17 -9.22 -21.85 -5.95
C GLU D 17 -9.65 -22.82 -7.09
N ILE D 18 -9.00 -23.99 -7.17
CA ILE D 18 -9.33 -25.08 -8.13
C ILE D 18 -10.75 -25.62 -7.88
N PRO E 1 -18.74 -10.48 -5.08
CA PRO E 1 -18.17 -11.34 -6.16
C PRO E 1 -16.91 -12.11 -5.71
N LEU E 2 -15.81 -11.37 -5.49
CA LEU E 2 -14.48 -11.83 -5.11
C LEU E 2 -13.77 -10.73 -4.31
N VAL E 3 -12.61 -11.05 -3.74
CA VAL E 3 -11.77 -10.17 -2.91
C VAL E 3 -11.38 -8.84 -3.58
N ASN E 4 -11.90 -7.71 -3.05
CA ASN E 4 -11.67 -6.36 -3.57
C ASN E 4 -11.71 -5.27 -2.51
N ILE E 5 -11.48 -4.03 -2.92
CA ILE E 5 -11.56 -2.83 -2.09
C ILE E 5 -12.56 -1.83 -2.67
N TYR E 6 -13.77 -1.79 -2.10
CA TYR E 6 -14.90 -0.96 -2.53
C TYR E 6 -14.69 0.51 -2.13
N ASN E 7 -15.18 0.95 -0.96
CA ASN E 7 -14.96 2.29 -0.43
C ASN E 7 -13.68 2.31 0.42
N CYS E 8 -12.68 3.08 -0.02
CA CYS E 8 -11.40 3.20 0.65
C CYS E 8 -10.82 4.62 0.45
N SER E 9 -10.80 5.42 1.53
CA SER E 9 -10.36 6.83 1.52
C SER E 9 -9.01 7.03 2.24
N GLY E 10 -8.23 8.01 1.78
CA GLY E 10 -6.98 8.50 2.39
C GLY E 10 -5.90 7.44 2.63
N VAL E 11 -5.62 6.61 1.61
CA VAL E 11 -4.87 5.34 1.71
C VAL E 11 -3.35 5.57 1.75
N GLN E 12 -2.73 5.37 2.91
CA GLN E 12 -1.33 5.81 3.11
C GLN E 12 -0.44 4.74 3.80
N VAL E 13 0.44 4.10 3.02
CA VAL E 13 1.19 2.91 3.41
C VAL E 13 2.68 3.21 3.64
N GLY E 14 3.15 3.08 4.88
CA GLY E 14 4.54 3.26 5.33
C GLY E 14 4.67 4.54 6.16
N ASP E 15 5.25 5.58 5.56
CA ASP E 15 4.89 6.96 5.90
C ASP E 15 3.48 7.32 5.38
N THR F 1 -10.88 -8.80 1.49
CA THR F 1 -12.10 -8.07 1.07
C THR F 1 -12.33 -6.88 2.00
N ILE F 2 -12.61 -5.70 1.44
CA ILE F 2 -12.75 -4.41 2.13
C ILE F 2 -13.93 -3.66 1.55
N TYR F 3 -15.02 -3.58 2.31
CA TYR F 3 -16.21 -2.85 1.91
C TYR F 3 -16.17 -1.37 2.31
N ASN F 4 -15.70 -1.05 3.52
CA ASN F 4 -15.62 0.30 4.07
C ASN F 4 -14.28 0.50 4.80
N SER F 5 -13.50 1.47 4.31
CA SER F 5 -12.15 1.79 4.77
C SER F 5 -11.93 3.32 4.79
N THR F 6 -12.65 3.98 5.69
CA THR F 6 -12.63 5.44 5.87
C THR F 6 -11.35 5.89 6.60
N GLY F 7 -10.31 6.25 5.83
CA GLY F 7 -9.06 6.82 6.35
C GLY F 7 -8.03 5.78 6.80
N ILE F 8 -7.72 4.83 5.91
CA ILE F 8 -6.76 3.75 6.16
C ILE F 8 -5.31 4.19 5.95
N GLN F 9 -4.47 3.79 6.89
CA GLN F 9 -3.04 4.06 6.85
C GLN F 9 -2.34 3.03 7.73
N ILE F 10 -1.05 2.81 7.49
CA ILE F 10 -0.25 1.80 8.18
C ILE F 10 1.22 2.19 8.25
N GLY F 11 1.87 1.90 9.38
CA GLY F 11 3.20 2.39 9.75
C GLY F 11 3.07 3.56 10.73
N ALA F 12 3.50 4.77 10.34
CA ALA F 12 3.38 5.99 11.15
C ALA F 12 3.52 7.27 10.29
N TYR F 13 3.46 8.47 10.89
CA TYR F 13 3.77 9.77 10.24
C TYR F 13 4.37 10.73 11.29
N ASN F 14 5.52 11.35 10.99
CA ASN F 14 6.13 12.40 11.82
C ASN F 14 5.18 13.61 12.03
N TYR F 15 4.77 13.89 13.28
CA TYR F 15 3.78 14.95 13.58
C TYR F 15 4.16 15.78 14.81
N MET F 16 5.00 16.80 14.58
CA MET F 16 5.32 17.82 15.59
C MET F 16 4.18 18.84 15.72
N GLU F 17 3.78 19.19 16.95
CA GLU F 17 2.90 20.32 17.24
C GLU F 17 3.59 21.69 16.98
N ILE F 18 2.82 22.80 17.09
CA ILE F 18 3.32 24.19 16.99
C ILE F 18 4.41 24.54 18.02
N PRO G 1 16.28 12.26 10.75
CA PRO G 1 15.15 12.22 9.78
C PRO G 1 14.65 10.78 9.52
N LEU G 2 14.01 10.15 10.52
CA LEU G 2 13.42 8.80 10.43
C LEU G 2 12.05 8.86 9.74
N VAL G 3 12.03 9.07 8.42
CA VAL G 3 10.80 9.29 7.61
C VAL G 3 10.80 8.37 6.35
N ASN G 4 10.89 7.05 6.56
CA ASN G 4 11.05 6.01 5.51
C ASN G 4 10.79 4.59 6.00
N ILE G 5 10.95 3.63 5.08
CA ILE G 5 10.81 2.20 5.31
C ILE G 5 12.10 1.44 4.91
N TYR G 6 12.83 0.98 5.93
CA TYR G 6 14.09 0.24 5.80
C TYR G 6 13.84 -1.23 5.39
N ASN G 7 13.73 -2.16 6.34
CA ASN G 7 13.42 -3.57 6.09
C ASN G 7 11.90 -3.78 6.10
N CYS G 8 11.36 -4.23 4.98
CA CYS G 8 9.94 -4.49 4.82
C CYS G 8 9.69 -5.65 3.81
N SER G 9 9.22 -6.79 4.32
CA SER G 9 8.99 -8.02 3.54
C SER G 9 7.50 -8.33 3.36
N GLY G 10 7.14 -8.96 2.24
CA GLY G 10 5.81 -9.49 1.89
C GLY G 10 4.67 -8.48 2.05
N VAL G 11 4.72 -7.38 1.29
CA VAL G 11 3.99 -6.12 1.52
C VAL G 11 2.68 -6.07 0.73
N GLN G 12 1.55 -6.34 1.39
CA GLN G 12 0.29 -6.64 0.70
C GLN G 12 -0.92 -5.87 1.25
N VAL G 13 -1.37 -4.89 0.47
CA VAL G 13 -2.34 -3.86 0.88
C VAL G 13 -3.68 -4.07 0.20
N GLY G 14 -4.70 -4.45 0.97
CA GLY G 14 -6.09 -4.63 0.57
C GLY G 14 -6.48 -6.12 0.62
N ASP G 15 -6.46 -6.80 -0.53
CA ASP G 15 -6.48 -8.27 -0.58
C ASP G 15 -5.12 -8.85 -0.12
N THR H 1 10.38 5.89 10.46
CA THR H 1 8.99 5.40 10.44
C THR H 1 8.93 3.88 10.62
N ILE H 2 9.45 3.09 9.67
CA ILE H 2 9.44 1.63 9.71
C ILE H 2 10.85 1.09 9.53
N TYR H 3 11.43 0.58 10.62
CA TYR H 3 12.76 -0.03 10.58
C TYR H 3 12.72 -1.53 10.28
N ASN H 4 11.76 -2.27 10.85
CA ASN H 4 11.58 -3.71 10.71
C ASN H 4 10.10 -4.07 10.53
N SER H 5 9.77 -4.61 9.36
CA SER H 5 8.41 -4.98 8.95
C SER H 5 8.41 -6.33 8.23
N THR H 6 8.61 -7.39 9.02
CA THR H 6 8.69 -8.78 8.56
C THR H 6 7.28 -9.34 8.29
N GLY H 7 6.77 -9.18 7.07
CA GLY H 7 5.49 -9.75 6.61
C GLY H 7 4.27 -8.86 6.88
N ILE H 8 4.28 -7.65 6.33
CA ILE H 8 3.22 -6.66 6.51
C ILE H 8 2.07 -6.81 5.51
N GLN H 9 0.87 -6.85 6.05
CA GLN H 9 -0.35 -6.95 5.26
C GLN H 9 -1.51 -6.29 5.99
N ILE H 10 -2.46 -5.77 5.23
CA ILE H 10 -3.59 -5.00 5.74
C ILE H 10 -4.84 -5.21 4.87
N GLY H 11 -6.01 -5.28 5.50
CA GLY H 11 -7.26 -5.76 4.89
C GLY H 11 -7.48 -7.24 5.21
N ALA H 12 -7.75 -8.07 4.20
CA ALA H 12 -7.98 -9.51 4.37
C ALA H 12 -7.87 -10.32 3.06
N TYR H 13 -7.37 -11.56 3.13
CA TYR H 13 -7.19 -12.50 2.01
C TYR H 13 -8.06 -13.75 2.19
N ASN H 14 -8.79 -14.18 1.15
CA ASN H 14 -9.59 -15.42 1.17
C ASN H 14 -8.71 -16.68 1.35
N TYR H 15 -9.01 -17.51 2.36
CA TYR H 15 -8.20 -18.71 2.68
C TYR H 15 -9.06 -19.91 3.08
N MET H 16 -9.55 -20.64 2.08
CA MET H 16 -10.23 -21.93 2.27
C MET H 16 -9.21 -23.06 2.51
N GLU H 17 -9.43 -23.87 3.54
CA GLU H 17 -8.69 -25.13 3.76
C GLU H 17 -9.02 -26.21 2.68
N ILE H 18 -8.24 -27.29 2.63
CA ILE H 18 -8.38 -28.42 1.68
C ILE H 18 -8.51 -29.79 2.38
#